data_5VRV
#
_entry.id   5VRV
#
_cell.length_a   194.403
_cell.length_b   194.403
_cell.length_c   50.228
_cell.angle_alpha   90.00
_cell.angle_beta   90.00
_cell.angle_gamma   120.00
#
_symmetry.space_group_name_H-M   'P 32'
#
loop_
_entity.id
_entity.type
_entity.pdbx_description
1 polymer 'Protein regulated by acid pH'
2 non-polymer GLYCEROL
3 non-polymer 'SULFATE ION'
4 water water
#
_entity_poly.entity_id   1
_entity_poly.type   'polypeptide(L)'
_entity_poly.pdbx_seq_one_letter_code
;SNAEDVERATDIV(MSE)RQDSADANLVR(MSE)GDKHV(MSE)FSESGNAFI(MSE)YGIQGRSWIAFADPVGDEEDFP
DLVWQFVEAARGAGARAAFYQISPFLLSHCADAGLRAFKLGELALVDLTAFELKGGKLATLRQSLSRGARDGLTFEVVEQ
SQVPDI(MSE)DELQQVSDGWLAHHNTREKRFSLGAFEPDYILSQPVAVLRKDGKITAFANL(MSE)VTETKKEATIDL
(MSE)RFSADAPRGS(MSE)DFLFVSI(MSE)QHLREAGYESFNLG(MSE)AP(MSE)SG(MSE)SKRDAAPVWDRIGST
LFEHGERFYNFKGLRAFKAKFHPKWEPRYLAVQNGADAALAL(MSE)DATVLISGGVRGVIGK
;
_entity_poly.pdbx_strand_id   A,B,C,D,E,F
#
# COMPACT_ATOMS: atom_id res chain seq x y z
N SER A 1 28.30 -4.65 -7.43
CA SER A 1 28.56 -4.87 -5.98
C SER A 1 27.89 -6.13 -5.49
N ASN A 2 28.20 -6.53 -4.25
CA ASN A 2 27.58 -7.72 -3.67
C ASN A 2 26.07 -7.51 -3.42
N ALA A 3 25.69 -6.31 -3.02
CA ALA A 3 24.28 -5.98 -2.79
C ALA A 3 23.51 -6.09 -4.10
N GLU A 4 24.09 -5.61 -5.20
CA GLU A 4 23.43 -5.71 -6.51
C GLU A 4 23.31 -7.18 -6.95
N ASP A 5 24.30 -7.99 -6.60
CA ASP A 5 24.27 -9.42 -6.94
C ASP A 5 23.13 -10.13 -6.21
N VAL A 6 23.00 -9.88 -4.91
CA VAL A 6 21.94 -10.48 -4.11
C VAL A 6 20.55 -10.08 -4.62
N GLU A 7 20.39 -8.80 -4.99
CA GLU A 7 19.11 -8.29 -5.53
C GLU A 7 18.74 -9.04 -6.80
N ARG A 8 19.69 -9.11 -7.72
CA ARG A 8 19.47 -9.80 -8.99
C ARG A 8 19.15 -11.27 -8.76
N ALA A 9 19.95 -11.91 -7.92
CA ALA A 9 19.70 -13.33 -7.57
C ALA A 9 18.29 -13.52 -6.97
N THR A 10 17.87 -12.61 -6.10
CA THR A 10 16.52 -12.68 -5.49
C THR A 10 15.44 -12.60 -6.57
N ASP A 11 15.62 -11.71 -7.56
CA ASP A 11 14.68 -11.60 -8.70
C ASP A 11 14.62 -12.93 -9.46
N ILE A 12 15.76 -13.62 -9.61
CA ILE A 12 15.78 -14.93 -10.25
C ILE A 12 14.99 -15.95 -9.40
N VAL A 13 15.25 -15.94 -8.09
CA VAL A 13 14.56 -16.83 -7.14
C VAL A 13 13.03 -16.73 -7.23
N ARG A 15 11.10 -15.97 -9.69
CA ARG A 15 10.46 -16.48 -10.92
C ARG A 15 10.64 -18.00 -11.08
N GLN A 16 11.24 -18.69 -10.11
CA GLN A 16 11.43 -20.15 -10.24
C GLN A 16 10.68 -20.90 -9.12
N ASP A 17 10.82 -22.24 -9.05
CA ASP A 17 10.03 -23.07 -8.11
C ASP A 17 10.59 -23.41 -6.73
N SER A 18 11.92 -23.44 -6.61
CA SER A 18 12.55 -23.80 -5.35
C SER A 18 12.42 -22.70 -4.29
N ALA A 19 11.68 -22.98 -3.22
CA ALA A 19 11.46 -21.96 -2.18
C ALA A 19 12.69 -21.69 -1.30
N ASP A 20 13.52 -22.71 -1.04
CA ASP A 20 14.71 -22.50 -0.18
C ASP A 20 15.79 -21.65 -0.84
N ALA A 21 15.65 -21.39 -2.15
CA ALA A 21 16.60 -20.53 -2.83
C ALA A 21 16.49 -19.10 -2.24
N ASN A 22 15.40 -18.82 -1.54
CA ASN A 22 15.25 -17.52 -0.85
C ASN A 22 16.37 -17.28 0.21
N LEU A 23 17.13 -18.32 0.56
CA LEU A 23 18.23 -18.16 1.53
C LEU A 23 19.35 -17.22 1.03
N VAL A 24 19.36 -16.94 -0.28
CA VAL A 24 20.35 -16.00 -0.88
C VAL A 24 20.15 -14.59 -0.30
N ARG A 25 18.91 -14.32 0.12
CA ARG A 25 18.53 -13.03 0.70
C ARG A 25 19.32 -12.70 1.96
N GLY A 27 22.35 -12.80 2.31
CA GLY A 27 23.58 -12.09 1.90
C GLY A 27 24.87 -12.65 2.47
N ASP A 28 24.82 -13.85 3.02
CA ASP A 28 26.01 -14.46 3.60
C ASP A 28 26.72 -15.40 2.63
N LYS A 29 26.15 -15.62 1.45
CA LYS A 29 26.71 -16.52 0.46
C LYS A 29 27.19 -15.77 -0.78
N HIS A 30 28.31 -16.23 -1.34
CA HIS A 30 28.84 -15.67 -2.58
C HIS A 30 27.88 -16.11 -3.68
N VAL A 31 27.71 -15.30 -4.72
CA VAL A 31 26.83 -15.62 -5.85
C VAL A 31 27.65 -15.63 -7.17
N PHE A 33 26.99 -16.01 -11.27
CA PHE A 33 25.98 -16.07 -12.33
C PHE A 33 26.48 -16.76 -13.58
N SER A 34 25.55 -17.28 -14.37
CA SER A 34 25.86 -17.88 -15.67
C SER A 34 26.13 -16.74 -16.64
N GLU A 35 26.64 -17.09 -17.82
CA GLU A 35 26.96 -16.09 -18.85
C GLU A 35 25.72 -15.26 -19.22
N SER A 36 24.56 -15.89 -19.27
CA SER A 36 23.30 -15.20 -19.62
C SER A 36 22.81 -14.29 -18.51
N GLY A 37 23.15 -14.59 -17.26
CA GLY A 37 22.69 -13.80 -16.12
C GLY A 37 21.32 -14.26 -15.62
N ASN A 38 20.83 -15.38 -16.17
CA ASN A 38 19.52 -15.94 -15.84
C ASN A 38 19.58 -17.09 -14.84
N ALA A 39 20.78 -17.43 -14.40
CA ALA A 39 20.97 -18.50 -13.43
C ALA A 39 22.12 -18.20 -12.50
N PHE A 40 22.11 -18.81 -11.32
CA PHE A 40 23.22 -18.62 -10.39
C PHE A 40 23.39 -19.75 -9.43
N ILE A 41 24.61 -19.84 -8.91
CA ILE A 41 24.97 -20.75 -7.86
C ILE A 41 25.36 -19.85 -6.68
N TYR A 43 27.22 -19.95 -2.88
CA TYR A 43 28.19 -20.82 -2.24
C TYR A 43 28.98 -20.14 -1.13
N GLY A 44 29.65 -20.98 -0.33
CA GLY A 44 30.52 -20.55 0.74
C GLY A 44 31.92 -21.06 0.48
N ILE A 45 32.91 -20.40 1.07
CA ILE A 45 34.30 -20.78 0.97
C ILE A 45 34.76 -20.97 2.40
N GLN A 46 35.26 -22.16 2.73
CA GLN A 46 35.72 -22.45 4.10
C GLN A 46 36.90 -23.41 4.07
N GLY A 47 38.05 -22.96 4.57
CA GLY A 47 39.24 -23.77 4.56
C GLY A 47 39.59 -24.19 3.14
N ARG A 48 39.71 -25.49 2.91
CA ARG A 48 40.06 -26.02 1.59
C ARG A 48 38.88 -26.49 0.73
N SER A 49 37.68 -26.01 1.04
CA SER A 49 36.49 -26.36 0.28
C SER A 49 35.71 -25.13 -0.17
N TRP A 50 35.12 -25.26 -1.35
CA TRP A 50 34.16 -24.31 -1.92
C TRP A 50 32.89 -25.16 -1.88
N ILE A 51 31.87 -24.68 -1.18
CA ILE A 51 30.65 -25.43 -0.97
C ILE A 51 29.43 -24.69 -1.49
N ALA A 52 28.80 -25.25 -2.51
CA ALA A 52 27.63 -24.62 -3.11
C ALA A 52 26.44 -25.09 -2.31
N PHE A 53 25.50 -24.18 -2.07
CA PHE A 53 24.31 -24.54 -1.35
C PHE A 53 23.22 -24.98 -2.33
N ALA A 54 22.84 -26.25 -2.18
CA ALA A 54 21.82 -26.86 -3.00
C ALA A 54 22.07 -26.69 -4.51
N ASP A 55 21.01 -26.71 -5.30
CA ASP A 55 21.11 -26.62 -6.75
C ASP A 55 21.40 -25.21 -7.32
N PRO A 56 21.90 -25.15 -8.56
CA PRO A 56 21.98 -23.88 -9.24
C PRO A 56 20.51 -23.42 -9.36
N VAL A 57 20.28 -22.11 -9.39
CA VAL A 57 18.93 -21.54 -9.40
C VAL A 57 18.66 -20.71 -10.64
N GLY A 58 17.49 -20.91 -11.25
CA GLY A 58 17.10 -20.13 -12.43
C GLY A 58 16.86 -20.94 -13.68
N ASP A 59 17.35 -20.43 -14.81
CA ASP A 59 17.16 -21.08 -16.10
C ASP A 59 18.00 -22.36 -16.18
N GLU A 60 17.30 -23.48 -16.22
CA GLU A 60 17.92 -24.81 -16.29
C GLU A 60 18.93 -25.00 -17.42
N GLU A 61 18.73 -24.32 -18.54
CA GLU A 61 19.63 -24.45 -19.69
C GLU A 61 21.04 -23.96 -19.37
N ASP A 62 21.18 -23.13 -18.35
CA ASP A 62 22.49 -22.63 -17.92
C ASP A 62 23.19 -23.53 -16.90
N PHE A 63 22.48 -24.49 -16.33
CA PHE A 63 23.03 -25.37 -15.29
C PHE A 63 24.28 -26.17 -15.68
N PRO A 64 24.30 -26.81 -16.87
CA PRO A 64 25.54 -27.56 -17.19
C PRO A 64 26.80 -26.68 -17.19
N ASP A 65 26.76 -25.53 -17.85
CA ASP A 65 27.90 -24.63 -17.87
C ASP A 65 28.22 -24.07 -16.49
N LEU A 66 27.19 -23.70 -15.72
CA LEU A 66 27.42 -23.19 -14.34
C LEU A 66 28.11 -24.16 -13.43
N VAL A 67 27.64 -25.40 -13.42
CA VAL A 67 28.23 -26.43 -12.58
C VAL A 67 29.69 -26.56 -12.94
N TRP A 68 30.00 -26.63 -14.24
N TRP A 68 30.00 -26.66 -14.24
CA TRP A 68 31.39 -26.76 -14.68
CA TRP A 68 31.41 -26.75 -14.69
C TRP A 68 32.21 -25.53 -14.26
C TRP A 68 32.21 -25.53 -14.24
N GLN A 69 31.60 -24.35 -14.36
CA GLN A 69 32.27 -23.10 -13.97
C GLN A 69 32.63 -23.12 -12.48
N PHE A 70 31.71 -23.59 -11.67
CA PHE A 70 31.95 -23.64 -10.24
C PHE A 70 33.09 -24.62 -9.93
N VAL A 71 33.01 -25.83 -10.47
CA VAL A 71 34.05 -26.85 -10.22
C VAL A 71 35.45 -26.35 -10.64
N GLU A 72 35.52 -25.70 -11.81
CA GLU A 72 36.78 -25.14 -12.33
C GLU A 72 37.31 -23.98 -11.48
N ALA A 73 36.41 -23.12 -11.00
CA ALA A 73 36.79 -21.98 -10.14
C ALA A 73 37.35 -22.48 -8.80
N ALA A 74 36.75 -23.53 -8.25
CA ALA A 74 37.24 -24.13 -6.99
C ALA A 74 38.62 -24.76 -7.23
N ARG A 75 38.75 -25.52 -8.33
CA ARG A 75 40.03 -26.16 -8.67
C ARG A 75 41.12 -25.09 -8.86
N GLY A 76 40.78 -24.01 -9.56
CA GLY A 76 41.70 -22.89 -9.79
C GLY A 76 42.20 -22.19 -8.53
N ALA A 77 41.42 -22.25 -7.45
CA ALA A 77 41.81 -21.64 -6.17
C ALA A 77 42.48 -22.66 -5.25
N GLY A 78 42.67 -23.90 -5.74
CA GLY A 78 43.29 -24.96 -4.95
C GLY A 78 42.38 -25.64 -3.95
N ALA A 79 41.06 -25.51 -4.15
CA ALA A 79 40.07 -26.07 -3.23
C ALA A 79 39.24 -27.18 -3.85
N ARG A 80 38.66 -28.02 -2.99
CA ARG A 80 37.78 -29.08 -3.46
C ARG A 80 36.41 -28.44 -3.74
N ALA A 81 35.70 -28.98 -4.72
CA ALA A 81 34.39 -28.51 -5.09
C ALA A 81 33.37 -29.46 -4.50
N ALA A 82 32.30 -28.91 -3.94
CA ALA A 82 31.24 -29.74 -3.39
C ALA A 82 29.89 -29.02 -3.41
N PHE A 83 28.84 -29.79 -3.66
CA PHE A 83 27.48 -29.29 -3.66
C PHE A 83 26.78 -29.95 -2.47
N TYR A 84 26.21 -29.12 -1.60
CA TYR A 84 25.55 -29.56 -0.37
C TYR A 84 24.03 -29.51 -0.52
N GLN A 85 23.38 -30.65 -0.37
CA GLN A 85 21.93 -30.82 -0.50
C GLN A 85 21.38 -30.61 -1.93
N ILE A 86 21.98 -31.27 -2.92
CA ILE A 86 21.45 -31.15 -4.29
C ILE A 86 20.30 -32.15 -4.51
N SER A 87 19.44 -31.83 -5.46
CA SER A 87 18.29 -32.66 -5.79
C SER A 87 18.67 -33.68 -6.85
N PRO A 88 17.84 -34.72 -7.03
CA PRO A 88 18.09 -35.72 -8.06
C PRO A 88 18.32 -35.11 -9.45
N PHE A 89 17.65 -34.00 -9.75
CA PHE A 89 17.77 -33.35 -11.05
C PHE A 89 19.19 -32.93 -11.39
N LEU A 90 19.95 -32.58 -10.36
CA LEU A 90 21.34 -32.14 -10.55
C LEU A 90 22.40 -33.22 -10.58
N LEU A 91 22.05 -34.46 -10.27
CA LEU A 91 23.06 -35.54 -10.26
C LEU A 91 23.80 -35.74 -11.59
N SER A 92 23.10 -35.60 -12.71
CA SER A 92 23.69 -35.75 -14.03
C SER A 92 24.73 -34.66 -14.29
N HIS A 93 24.41 -33.42 -13.95
CA HIS A 93 25.36 -32.29 -14.14
C HIS A 93 26.63 -32.55 -13.34
N CYS A 94 26.45 -32.98 -12.09
CA CYS A 94 27.58 -33.31 -11.18
C CYS A 94 28.41 -34.50 -11.67
N ALA A 95 27.76 -35.56 -12.16
CA ALA A 95 28.50 -36.72 -12.68
C ALA A 95 29.32 -36.33 -13.92
N ASP A 96 28.77 -35.44 -14.74
CA ASP A 96 29.48 -34.96 -15.94
C ASP A 96 30.77 -34.24 -15.55
N ALA A 97 30.75 -33.62 -14.38
CA ALA A 97 31.90 -32.89 -13.88
C ALA A 97 32.82 -33.74 -13.01
N GLY A 98 32.63 -35.07 -13.00
CA GLY A 98 33.47 -35.97 -12.20
C GLY A 98 33.13 -36.16 -10.71
N LEU A 99 31.91 -35.84 -10.30
CA LEU A 99 31.52 -35.98 -8.88
C LEU A 99 30.63 -37.20 -8.57
N ARG A 100 30.76 -37.71 -7.33
CA ARG A 100 29.96 -38.81 -6.80
C ARG A 100 28.96 -38.18 -5.82
N ALA A 101 27.82 -38.83 -5.63
CA ALA A 101 26.78 -38.35 -4.75
C ALA A 101 26.53 -39.29 -3.56
N PHE A 102 26.41 -38.71 -2.38
CA PHE A 102 26.11 -39.43 -1.16
C PHE A 102 24.80 -38.89 -0.58
N LYS A 103 23.84 -39.77 -0.34
CA LYS A 103 22.56 -39.35 0.21
C LYS A 103 22.72 -38.75 1.64
N LEU A 104 22.30 -37.51 1.83
CA LEU A 104 22.39 -36.84 3.13
C LEU A 104 21.18 -37.05 4.01
N GLY A 105 20.02 -37.23 3.40
CA GLY A 105 18.76 -37.37 4.13
C GLY A 105 17.63 -37.14 3.16
N GLU A 106 16.43 -36.84 3.68
CA GLU A 106 15.25 -36.66 2.85
C GLU A 106 14.40 -35.47 3.28
N LEU A 107 13.84 -34.77 2.32
CA LEU A 107 12.95 -33.66 2.58
C LEU A 107 11.56 -34.26 2.72
N ALA A 108 10.76 -33.74 3.66
CA ALA A 108 9.37 -34.19 3.78
C ALA A 108 8.51 -33.19 3.00
N LEU A 109 8.00 -33.61 1.84
CA LEU A 109 7.17 -32.75 0.97
C LEU A 109 5.70 -33.10 1.08
N VAL A 110 4.90 -32.16 1.57
CA VAL A 110 3.47 -32.36 1.70
C VAL A 110 2.72 -31.83 0.47
N ASP A 111 2.00 -32.72 -0.20
CA ASP A 111 1.17 -32.37 -1.35
C ASP A 111 -0.07 -31.68 -0.78
N LEU A 112 -0.08 -30.35 -0.85
CA LEU A 112 -1.18 -29.54 -0.33
C LEU A 112 -2.50 -29.71 -1.08
N THR A 113 -2.46 -30.17 -2.32
CA THR A 113 -3.69 -30.38 -3.09
C THR A 113 -4.46 -31.60 -2.60
N ALA A 114 -3.80 -32.47 -1.85
CA ALA A 114 -4.40 -33.69 -1.30
C ALA A 114 -4.42 -33.69 0.23
N PHE A 115 -4.23 -32.51 0.83
CA PHE A 115 -4.19 -32.32 2.27
C PHE A 115 -5.60 -31.92 2.70
N GLU A 116 -6.40 -32.93 3.06
CA GLU A 116 -7.81 -32.75 3.42
C GLU A 116 -8.02 -32.90 4.93
N LEU A 117 -8.08 -31.75 5.59
CA LEU A 117 -8.21 -31.69 7.04
C LEU A 117 -9.59 -32.15 7.56
N LYS A 118 -10.64 -32.06 6.75
CA LYS A 118 -11.97 -32.49 7.18
C LYS A 118 -12.22 -33.98 6.86
N GLY A 119 -11.22 -34.66 6.29
CA GLY A 119 -11.32 -36.09 5.98
C GLY A 119 -10.86 -36.91 7.17
N GLY A 120 -11.20 -38.20 7.19
CA GLY A 120 -10.86 -39.10 8.30
C GLY A 120 -9.38 -39.33 8.52
N LYS A 121 -8.60 -39.25 7.46
CA LYS A 121 -7.16 -39.49 7.50
C LYS A 121 -6.35 -38.48 8.35
N LEU A 122 -6.85 -37.24 8.48
CA LEU A 122 -6.15 -36.21 9.27
C LEU A 122 -7.00 -35.75 10.45
N ALA A 123 -7.92 -36.61 10.90
CA ALA A 123 -8.80 -36.27 12.02
C ALA A 123 -8.04 -35.81 13.26
N THR A 124 -6.90 -36.44 13.55
CA THR A 124 -6.10 -36.05 14.72
C THR A 124 -5.56 -34.65 14.56
N LEU A 125 -5.01 -34.36 13.37
CA LEU A 125 -4.50 -33.02 13.09
C LEU A 125 -5.63 -31.99 13.17
N ARG A 126 -6.82 -32.37 12.72
CA ARG A 126 -7.99 -31.46 12.79
C ARG A 126 -8.32 -31.19 14.24
N GLN A 127 -8.42 -32.27 15.03
CA GLN A 127 -8.71 -32.18 16.47
C GLN A 127 -7.69 -31.30 17.21
N SER A 128 -6.41 -31.40 16.82
CA SER A 128 -5.38 -30.57 17.46
C SER A 128 -5.58 -29.10 17.14
N LEU A 129 -6.09 -28.82 15.94
CA LEU A 129 -6.33 -27.44 15.51
C LEU A 129 -7.42 -26.80 16.39
N SER A 130 -8.53 -27.52 16.60
CA SER A 130 -9.61 -27.00 17.46
C SER A 130 -9.18 -26.98 18.94
N ARG A 131 -8.38 -27.96 19.36
CA ARG A 131 -7.90 -27.97 20.74
C ARG A 131 -6.96 -26.77 21.00
N GLY A 132 -6.09 -26.47 20.02
CA GLY A 132 -5.19 -25.32 20.17
C GLY A 132 -6.01 -24.04 20.33
N ALA A 133 -7.07 -23.92 19.53
CA ALA A 133 -7.94 -22.75 19.58
C ALA A 133 -8.67 -22.62 20.92
N ARG A 134 -9.04 -23.75 21.55
CA ARG A 134 -9.70 -23.68 22.87
C ARG A 134 -8.72 -23.18 23.94
N ASP A 135 -7.44 -23.51 23.77
CA ASP A 135 -6.38 -23.07 24.68
C ASP A 135 -5.99 -21.59 24.46
N GLY A 136 -6.71 -20.91 23.56
CA GLY A 136 -6.46 -19.50 23.28
C GLY A 136 -5.47 -19.19 22.19
N LEU A 137 -5.10 -20.17 21.36
CA LEU A 137 -4.15 -19.92 20.27
C LEU A 137 -4.84 -19.38 19.00
N THR A 138 -4.21 -18.39 18.36
CA THR A 138 -4.69 -17.80 17.07
C THR A 138 -3.49 -17.74 16.11
N PHE A 139 -3.80 -17.79 14.82
CA PHE A 139 -2.82 -17.79 13.76
C PHE A 139 -3.05 -16.71 12.71
N GLU A 140 -1.95 -16.17 12.22
CA GLU A 140 -2.00 -15.18 11.15
C GLU A 140 -0.70 -15.25 10.36
N VAL A 141 -0.81 -14.98 9.06
CA VAL A 141 0.37 -14.86 8.20
C VAL A 141 0.47 -13.37 7.98
N VAL A 142 1.55 -12.75 8.45
CA VAL A 142 1.72 -11.31 8.29
C VAL A 142 2.48 -11.05 6.99
N GLU A 143 1.83 -10.33 6.07
CA GLU A 143 2.46 -10.02 4.78
C GLU A 143 3.63 -9.05 5.01
N GLN A 144 4.58 -9.12 4.10
CA GLN A 144 5.81 -8.34 4.13
C GLN A 144 5.65 -6.90 4.61
N SER A 145 4.68 -6.18 4.05
CA SER A 145 4.45 -4.77 4.41
C SER A 145 4.02 -4.55 5.86
N GLN A 146 3.42 -5.56 6.52
CA GLN A 146 2.99 -5.42 7.92
C GLN A 146 3.96 -5.99 8.95
N VAL A 147 5.08 -6.57 8.51
CA VAL A 147 6.10 -7.10 9.43
C VAL A 147 6.69 -6.03 10.39
N PRO A 148 6.87 -4.76 9.93
CA PRO A 148 7.41 -3.75 10.85
C PRO A 148 6.60 -3.58 12.15
N ASP A 149 5.27 -3.70 12.05
CA ASP A 149 4.36 -3.58 13.23
C ASP A 149 4.53 -4.67 14.28
N ILE A 150 5.15 -5.80 13.91
CA ILE A 150 5.41 -6.89 14.87
C ILE A 150 6.90 -7.17 15.08
N ASP A 152 9.36 -5.63 16.82
CA ASP A 152 9.81 -5.61 18.24
C ASP A 152 9.37 -6.89 18.98
N GLU A 153 8.15 -7.32 18.73
CA GLU A 153 7.62 -8.51 19.36
C GLU A 153 8.28 -9.78 18.79
N LEU A 154 8.62 -9.79 17.50
CA LEU A 154 9.34 -10.94 16.93
C LEU A 154 10.75 -11.01 17.53
N GLN A 155 11.40 -9.86 17.63
CA GLN A 155 12.76 -9.77 18.20
C GLN A 155 12.82 -10.35 19.63
N GLN A 156 11.84 -10.02 20.46
CA GLN A 156 11.77 -10.53 21.85
C GLN A 156 11.66 -12.05 21.92
N VAL A 157 10.77 -12.59 21.08
CA VAL A 157 10.57 -14.04 21.03
C VAL A 157 11.84 -14.75 20.55
N SER A 158 12.48 -14.20 19.52
CA SER A 158 13.72 -14.77 18.98
C SER A 158 14.82 -14.77 20.05
N ASP A 159 15.02 -13.65 20.72
CA ASP A 159 16.05 -13.54 21.77
C ASP A 159 15.73 -14.49 22.93
N GLY A 160 14.45 -14.56 23.32
CA GLY A 160 14.03 -15.48 24.39
C GLY A 160 14.33 -16.93 24.03
N TRP A 161 14.14 -17.28 22.76
CA TRP A 161 14.38 -18.64 22.26
C TRP A 161 15.86 -18.97 22.24
N LEU A 162 16.68 -18.02 21.81
CA LEU A 162 18.12 -18.22 21.78
C LEU A 162 18.60 -18.44 23.20
N ALA A 163 18.18 -17.56 24.11
CA ALA A 163 18.57 -17.66 25.52
C ALA A 163 18.07 -18.97 26.18
N HIS A 164 16.83 -19.35 25.89
CA HIS A 164 16.24 -20.57 26.45
C HIS A 164 16.99 -21.83 26.01
N HIS A 165 17.32 -21.92 24.73
CA HIS A 165 18.07 -23.08 24.22
C HIS A 165 19.58 -22.92 24.39
N ASN A 166 20.02 -21.77 24.90
CA ASN A 166 21.44 -21.48 25.13
C ASN A 166 22.22 -21.76 23.86
N THR A 167 21.70 -21.24 22.76
CA THR A 167 22.26 -21.48 21.44
C THR A 167 22.53 -20.19 20.67
N ARG A 168 23.24 -20.30 19.56
CA ARG A 168 23.60 -19.15 18.72
C ARG A 168 23.03 -19.32 17.33
N GLU A 169 23.01 -18.22 16.59
CA GLU A 169 22.51 -18.20 15.22
C GLU A 169 23.40 -19.02 14.31
N LYS A 170 22.81 -19.50 13.23
CA LYS A 170 23.50 -20.29 12.22
C LYS A 170 23.64 -19.44 10.95
N ARG A 171 24.21 -20.05 9.91
CA ARG A 171 24.43 -19.42 8.61
C ARG A 171 24.33 -20.46 7.48
N PHE A 172 24.54 -19.99 6.25
CA PHE A 172 24.60 -20.83 5.03
C PHE A 172 23.29 -21.50 4.61
N SER A 173 22.98 -22.65 5.20
CA SER A 173 21.74 -23.38 4.89
C SER A 173 20.58 -22.95 5.80
N LEU A 174 20.87 -22.09 6.77
CA LEU A 174 19.86 -21.62 7.70
C LEU A 174 19.94 -20.11 7.83
N GLY A 175 18.78 -19.47 7.89
CA GLY A 175 18.72 -18.02 8.07
C GLY A 175 18.87 -17.66 9.56
N ALA A 176 19.03 -16.38 9.82
CA ALA A 176 19.22 -15.85 11.16
C ALA A 176 18.27 -14.70 11.39
N PHE A 177 18.05 -14.33 12.66
CA PHE A 177 17.17 -13.22 12.92
C PHE A 177 17.92 -11.91 12.70
N GLU A 178 17.93 -11.45 11.44
N GLU A 178 17.93 -11.47 11.45
CA GLU A 178 18.56 -10.18 11.07
CA GLU A 178 18.52 -10.20 11.03
C GLU A 178 17.36 -9.37 10.56
C GLU A 178 17.32 -9.39 10.57
N PRO A 179 17.05 -8.23 11.20
CA PRO A 179 15.85 -7.44 10.81
C PRO A 179 15.56 -7.26 9.32
N ASP A 180 16.55 -6.88 8.52
CA ASP A 180 16.30 -6.71 7.09
C ASP A 180 15.91 -8.01 6.42
N TYR A 181 16.49 -9.12 6.87
CA TYR A 181 16.12 -10.42 6.31
C TYR A 181 14.70 -10.79 6.71
N ILE A 182 14.36 -10.62 8.00
CA ILE A 182 13.00 -10.90 8.48
C ILE A 182 11.97 -9.98 7.81
N LEU A 183 12.34 -8.73 7.54
CA LEU A 183 11.45 -7.77 6.86
C LEU A 183 11.15 -8.12 5.40
N SER A 184 11.96 -8.98 4.77
CA SER A 184 11.80 -9.27 3.31
C SER A 184 10.82 -10.34 2.89
N GLN A 185 10.24 -11.07 3.85
CA GLN A 185 9.33 -12.17 3.53
C GLN A 185 8.15 -12.24 4.53
N PRO A 186 7.09 -12.97 4.17
CA PRO A 186 5.99 -13.06 5.12
C PRO A 186 6.38 -13.82 6.41
N VAL A 187 5.64 -13.57 7.48
CA VAL A 187 5.90 -14.20 8.75
C VAL A 187 4.62 -14.81 9.30
N ALA A 188 4.66 -16.12 9.58
CA ALA A 188 3.53 -16.82 10.18
C ALA A 188 3.73 -16.65 11.67
N VAL A 189 2.72 -16.14 12.36
CA VAL A 189 2.82 -15.92 13.79
C VAL A 189 1.74 -16.69 14.52
N LEU A 190 2.02 -16.95 15.79
CA LEU A 190 1.12 -17.65 16.65
C LEU A 190 0.94 -16.71 17.84
N ARG A 191 -0.30 -16.46 18.25
CA ARG A 191 -0.59 -15.62 19.43
C ARG A 191 -1.42 -16.37 20.49
N LYS A 192 -1.23 -15.94 21.74
CA LYS A 192 -1.94 -16.43 22.90
C LYS A 192 -2.06 -15.23 23.81
N ASP A 193 -3.28 -14.94 24.28
CA ASP A 193 -3.55 -13.79 25.16
C ASP A 193 -3.09 -12.47 24.51
N GLY A 194 -3.35 -12.34 23.22
CA GLY A 194 -2.99 -11.15 22.43
C GLY A 194 -1.49 -10.92 22.30
N LYS A 195 -0.71 -11.97 22.50
CA LYS A 195 0.75 -11.84 22.45
C LYS A 195 1.41 -12.93 21.59
N ILE A 196 2.35 -12.53 20.74
CA ILE A 196 3.04 -13.47 19.88
C ILE A 196 3.86 -14.44 20.75
N THR A 197 3.59 -15.74 20.56
CA THR A 197 4.26 -16.81 21.30
C THR A 197 5.10 -17.71 20.38
N ALA A 198 4.97 -17.53 19.06
CA ALA A 198 5.74 -18.31 18.10
C ALA A 198 5.70 -17.66 16.73
N PHE A 199 6.73 -17.92 15.92
CA PHE A 199 6.74 -17.41 14.55
C PHE A 199 7.64 -18.25 13.68
N ALA A 200 7.44 -18.08 12.38
CA ALA A 200 8.26 -18.74 11.37
C ALA A 200 8.21 -17.89 10.10
N ASN A 201 9.37 -17.55 9.56
CA ASN A 201 9.38 -16.78 8.31
C ASN A 201 9.05 -17.76 7.17
N LEU A 202 8.18 -17.32 6.26
N LEU A 202 8.19 -17.30 6.25
CA LEU A 202 7.74 -18.14 5.14
CA LEU A 202 7.71 -18.10 5.15
C LEU A 202 8.54 -17.80 3.89
C LEU A 202 8.51 -17.79 3.88
N VAL A 204 8.57 -18.26 -0.04
CA VAL A 204 7.71 -18.57 -1.19
C VAL A 204 8.30 -17.95 -2.47
N THR A 205 7.74 -18.32 -3.62
CA THR A 205 8.09 -17.73 -4.93
C THR A 205 6.77 -17.37 -5.61
N GLU A 206 6.84 -16.65 -6.72
CA GLU A 206 5.64 -16.25 -7.42
C GLU A 206 4.96 -17.41 -8.17
N THR A 207 5.63 -18.55 -8.33
CA THR A 207 5.05 -19.69 -9.07
C THR A 207 4.11 -20.57 -8.24
N LYS A 208 4.12 -20.43 -6.91
CA LYS A 208 3.27 -21.24 -6.02
C LYS A 208 3.47 -22.76 -6.08
N LYS A 209 4.62 -23.21 -6.58
CA LYS A 209 4.88 -24.64 -6.67
C LYS A 209 5.27 -25.21 -5.28
N GLU A 210 5.91 -24.38 -4.46
CA GLU A 210 6.39 -24.79 -3.14
C GLU A 210 6.60 -23.63 -2.20
N ALA A 211 6.38 -23.90 -0.91
CA ALA A 211 6.63 -22.97 0.16
C ALA A 211 7.32 -23.74 1.28
N THR A 212 8.13 -23.04 2.07
CA THR A 212 8.81 -23.67 3.19
C THR A 212 9.00 -22.62 4.28
N ILE A 213 9.52 -23.03 5.42
CA ILE A 213 9.84 -22.09 6.49
C ILE A 213 11.34 -22.19 6.74
N ASP A 214 11.90 -21.14 7.32
CA ASP A 214 13.34 -21.06 7.63
C ASP A 214 13.48 -21.09 9.14
N LEU A 215 13.38 -19.94 9.81
CA LEU A 215 13.42 -19.95 11.26
C LEU A 215 12.05 -20.43 11.76
N ARG A 217 10.48 -20.43 15.75
CA ARG A 217 10.80 -20.20 17.16
C ARG A 217 9.57 -19.97 18.02
N PHE A 218 9.64 -20.50 19.22
CA PHE A 218 8.58 -20.47 20.21
C PHE A 218 9.07 -19.85 21.49
N SER A 219 8.21 -19.12 22.18
CA SER A 219 8.57 -18.60 23.49
C SER A 219 8.49 -19.82 24.39
N ALA A 220 9.28 -19.87 25.45
CA ALA A 220 9.29 -21.03 26.36
C ALA A 220 7.88 -21.35 26.91
N ASP A 221 7.02 -20.34 26.99
CA ASP A 221 5.64 -20.50 27.48
C ASP A 221 4.62 -20.95 26.43
N ALA A 222 5.03 -21.19 25.18
CA ALA A 222 4.06 -21.64 24.17
C ALA A 222 3.45 -22.96 24.66
N PRO A 223 2.12 -23.07 24.64
CA PRO A 223 1.51 -24.30 25.17
C PRO A 223 1.75 -25.55 24.34
N ARG A 224 1.55 -26.71 24.98
CA ARG A 224 1.67 -28.02 24.33
C ARG A 224 0.70 -28.04 23.14
N GLY A 225 1.18 -28.50 21.99
CA GLY A 225 0.35 -28.54 20.78
C GLY A 225 0.60 -27.35 19.86
N SER A 226 1.46 -26.41 20.27
CA SER A 226 1.78 -25.24 19.46
C SER A 226 2.45 -25.57 18.12
N ASP A 228 2.05 -28.48 16.45
CA ASP A 228 0.97 -29.05 15.62
C ASP A 228 0.10 -27.93 15.09
N PHE A 229 -0.30 -27.02 15.98
CA PHE A 229 -1.19 -25.91 15.61
C PHE A 229 -0.58 -25.03 14.50
N LEU A 230 0.67 -24.63 14.68
CA LEU A 230 1.38 -23.79 13.72
C LEU A 230 1.49 -24.46 12.35
N PHE A 231 1.98 -25.69 12.32
CA PHE A 231 2.13 -26.41 11.05
C PHE A 231 0.82 -26.69 10.32
N VAL A 232 -0.18 -27.17 11.04
CA VAL A 232 -1.47 -27.43 10.42
C VAL A 232 -2.01 -26.11 9.86
N SER A 233 -1.85 -25.03 10.62
CA SER A 233 -2.35 -23.71 10.19
C SER A 233 -1.64 -23.19 8.94
N ILE A 234 -0.31 -23.34 8.89
CA ILE A 234 0.48 -22.91 7.75
C ILE A 234 0.08 -23.69 6.49
N GLN A 236 -2.75 -25.23 5.85
CA GLN A 236 -4.10 -24.89 5.41
C GLN A 236 -4.12 -23.53 4.69
N HIS A 237 -3.42 -22.54 5.26
CA HIS A 237 -3.28 -21.22 4.66
C HIS A 237 -2.67 -21.33 3.24
N LEU A 238 -1.59 -22.10 3.13
CA LEU A 238 -0.90 -22.27 1.85
C LEU A 238 -1.79 -23.01 0.85
N ARG A 239 -2.48 -24.05 1.32
CA ARG A 239 -3.41 -24.81 0.46
C ARG A 239 -4.48 -23.88 -0.12
N GLU A 240 -5.08 -23.04 0.73
CA GLU A 240 -6.16 -22.12 0.32
C GLU A 240 -5.67 -20.98 -0.60
N ALA A 241 -4.41 -20.58 -0.45
CA ALA A 241 -3.80 -19.55 -1.32
C ALA A 241 -3.37 -20.17 -2.67
N GLY A 242 -3.41 -21.49 -2.78
CA GLY A 242 -3.08 -22.19 -4.03
C GLY A 242 -1.70 -22.79 -4.21
N TYR A 243 -0.90 -22.90 -3.13
CA TYR A 243 0.41 -23.53 -3.24
C TYR A 243 0.22 -25.05 -3.39
N GLU A 244 1.00 -25.67 -4.25
CA GLU A 244 0.87 -27.10 -4.48
C GLU A 244 1.55 -27.96 -3.43
N SER A 245 2.67 -27.47 -2.89
CA SER A 245 3.45 -28.24 -1.93
C SER A 245 4.04 -27.44 -0.76
N PHE A 246 4.23 -28.10 0.37
CA PHE A 246 4.86 -27.49 1.53
C PHE A 246 5.99 -28.40 1.91
N ASN A 247 7.17 -27.80 1.98
CA ASN A 247 8.41 -28.47 2.29
C ASN A 247 8.68 -28.33 3.78
N LEU A 248 8.54 -29.45 4.50
CA LEU A 248 8.81 -29.51 5.94
C LEU A 248 10.31 -29.54 6.26
N GLY A 249 11.15 -29.60 5.24
CA GLY A 249 12.59 -29.60 5.42
C GLY A 249 13.23 -30.97 5.56
N ALA A 251 15.16 -34.25 6.98
CA ALA A 251 15.03 -35.16 8.08
C ALA A 251 16.14 -36.20 7.89
N PRO A 252 16.73 -36.70 8.99
CA PRO A 252 17.72 -37.75 8.83
C PRO A 252 17.06 -39.00 8.29
N SER A 254 15.83 -42.94 7.96
CA SER A 254 15.25 -43.89 8.92
C SER A 254 15.98 -45.22 8.84
N TRP A 265 31.81 -46.47 2.72
CA TRP A 265 30.40 -46.16 3.00
C TRP A 265 30.02 -46.43 4.47
N ASP A 266 30.95 -46.99 5.26
CA ASP A 266 30.69 -47.27 6.68
C ASP A 266 31.18 -46.08 7.51
N ARG A 267 32.44 -45.67 7.30
CA ARG A 267 32.99 -44.48 8.00
C ARG A 267 32.19 -43.25 7.60
N ILE A 268 32.13 -42.98 6.29
CA ILE A 268 31.36 -41.84 5.79
C ILE A 268 29.89 -41.99 6.21
N GLY A 269 29.46 -43.24 6.45
CA GLY A 269 28.09 -43.52 6.92
C GLY A 269 27.85 -42.98 8.34
N SER A 270 28.83 -43.14 9.22
CA SER A 270 28.75 -42.64 10.60
C SER A 270 28.71 -41.12 10.60
N THR A 271 29.53 -40.55 9.72
CA THR A 271 29.66 -39.12 9.57
C THR A 271 28.34 -38.49 9.12
N LEU A 272 27.72 -39.08 8.10
CA LEU A 272 26.43 -38.61 7.55
C LEU A 272 25.32 -38.73 8.58
N PHE A 273 25.34 -39.83 9.33
CA PHE A 273 24.36 -40.05 10.38
C PHE A 273 24.42 -38.96 11.45
N GLU A 274 25.63 -38.63 11.91
CA GLU A 274 25.76 -37.60 12.96
C GLU A 274 25.52 -36.20 12.41
N HIS A 275 25.78 -36.01 11.12
CA HIS A 275 25.49 -34.72 10.48
C HIS A 275 23.99 -34.49 10.48
N GLY A 276 23.25 -35.55 10.17
CA GLY A 276 21.78 -35.50 10.15
C GLY A 276 21.20 -35.06 11.49
N GLU A 277 21.62 -35.72 12.56
CA GLU A 277 21.15 -35.37 13.90
C GLU A 277 21.55 -33.97 14.32
N ARG A 278 22.73 -33.55 13.86
CA ARG A 278 23.28 -32.23 14.18
C ARG A 278 22.50 -31.04 13.59
N PHE A 279 21.97 -31.20 12.37
CA PHE A 279 21.31 -30.08 11.68
C PHE A 279 19.89 -30.27 11.18
N TYR A 280 19.36 -31.49 11.13
CA TYR A 280 18.03 -31.69 10.55
C TYR A 280 16.88 -31.87 11.55
N ASN A 281 17.10 -31.52 12.81
CA ASN A 281 16.09 -31.69 13.85
C ASN A 281 15.69 -30.39 14.54
N PHE A 282 15.93 -29.25 13.94
CA PHE A 282 15.57 -27.98 14.58
C PHE A 282 14.09 -27.64 14.46
N LYS A 283 13.40 -28.18 13.45
CA LYS A 283 11.97 -27.87 13.25
C LYS A 283 11.07 -29.11 13.18
N GLY A 284 11.21 -29.94 14.19
CA GLY A 284 10.45 -31.17 14.32
C GLY A 284 11.26 -32.41 13.99
N LEU A 285 10.96 -33.50 14.66
CA LEU A 285 11.64 -34.76 14.42
C LEU A 285 11.00 -35.46 13.23
N ARG A 286 11.67 -36.49 12.72
CA ARG A 286 11.14 -37.25 11.56
C ARG A 286 9.73 -37.78 11.82
N ALA A 287 9.50 -38.38 13.00
CA ALA A 287 8.15 -38.91 13.34
C ALA A 287 7.06 -37.81 13.33
N PHE A 288 7.46 -36.60 13.73
CA PHE A 288 6.53 -35.45 13.73
C PHE A 288 6.19 -35.10 12.31
N LYS A 289 7.18 -35.10 11.42
CA LYS A 289 6.93 -34.78 10.01
C LYS A 289 6.11 -35.87 9.32
N ALA A 290 6.31 -37.12 9.75
CA ALA A 290 5.57 -38.25 9.18
C ALA A 290 4.04 -38.14 9.36
N LYS A 291 3.58 -37.44 10.40
CA LYS A 291 2.12 -37.26 10.65
C LYS A 291 1.36 -36.51 9.54
N PHE A 292 2.08 -35.77 8.71
CA PHE A 292 1.47 -35.01 7.64
C PHE A 292 1.46 -35.78 6.32
N HIS A 293 1.88 -37.06 6.37
CA HIS A 293 1.92 -37.95 5.19
C HIS A 293 2.68 -37.35 4.00
N PRO A 294 3.93 -36.95 4.23
CA PRO A 294 4.69 -36.37 3.14
C PRO A 294 5.30 -37.44 2.27
N LYS A 295 5.73 -37.05 1.08
CA LYS A 295 6.49 -37.97 0.24
C LYS A 295 7.92 -37.58 0.62
N TRP A 296 8.79 -38.56 0.74
CA TRP A 296 10.16 -38.31 1.12
C TRP A 296 11.10 -38.24 -0.07
N GLU A 297 11.67 -37.06 -0.35
CA GLU A 297 12.62 -36.87 -1.47
C GLU A 297 14.05 -36.73 -0.98
N PRO A 298 14.96 -37.53 -1.54
CA PRO A 298 16.33 -37.48 -1.09
C PRO A 298 17.12 -36.24 -1.57
N ARG A 299 18.17 -35.88 -0.81
CA ARG A 299 19.08 -34.79 -1.17
C ARG A 299 20.48 -35.34 -0.97
N TYR A 300 21.42 -34.82 -1.73
CA TYR A 300 22.79 -35.35 -1.74
C TYR A 300 23.92 -34.35 -1.54
N LEU A 301 25.06 -34.90 -1.15
CA LEU A 301 26.33 -34.21 -1.04
C LEU A 301 27.08 -34.75 -2.25
N ALA A 302 27.51 -33.85 -3.14
CA ALA A 302 28.26 -34.25 -4.32
C ALA A 302 29.70 -33.80 -4.15
N VAL A 303 30.62 -34.74 -4.24
CA VAL A 303 32.06 -34.48 -4.10
C VAL A 303 32.83 -35.40 -5.02
N GLN A 304 34.09 -35.07 -5.26
CA GLN A 304 34.95 -35.91 -6.10
C GLN A 304 35.07 -37.34 -5.60
N ASN A 305 35.64 -37.51 -4.42
CA ASN A 305 35.90 -38.83 -3.85
C ASN A 305 35.19 -39.01 -2.53
N GLY A 306 35.25 -40.24 -2.01
CA GLY A 306 34.67 -40.57 -0.71
C GLY A 306 35.46 -39.96 0.44
N ALA A 307 36.76 -39.81 0.24
CA ALA A 307 37.66 -39.21 1.24
C ALA A 307 37.30 -37.74 1.42
N ASP A 308 37.14 -37.06 0.29
CA ASP A 308 36.77 -35.66 0.28
C ASP A 308 35.41 -35.43 0.90
N ALA A 309 34.54 -36.44 0.88
CA ALA A 309 33.19 -36.28 1.42
C ALA A 309 33.23 -35.84 2.86
N ALA A 310 33.96 -36.60 3.69
CA ALA A 310 34.06 -36.29 5.12
C ALA A 310 34.72 -34.93 5.36
N LEU A 311 35.79 -34.65 4.60
CA LEU A 311 36.52 -33.38 4.73
C LEU A 311 35.67 -32.18 4.31
N ALA A 312 34.84 -32.36 3.27
CA ALA A 312 33.97 -31.30 2.76
C ALA A 312 32.81 -31.04 3.73
N LEU A 313 32.29 -32.12 4.31
CA LEU A 313 31.18 -32.01 5.25
C LEU A 313 31.65 -31.27 6.52
N ASP A 315 33.94 -28.83 6.54
CA ASP A 315 33.97 -27.42 6.17
C ASP A 315 32.54 -26.87 6.13
N ALA A 316 31.61 -27.68 5.63
CA ALA A 316 30.19 -27.30 5.60
C ALA A 316 29.68 -27.10 7.03
N THR A 317 30.17 -27.92 7.97
CA THR A 317 29.75 -27.83 9.36
C THR A 317 30.14 -26.48 9.96
N VAL A 318 31.31 -25.98 9.59
CA VAL A 318 31.82 -24.68 10.05
C VAL A 318 31.00 -23.56 9.40
N LEU A 319 30.73 -23.68 8.10
CA LEU A 319 29.94 -22.68 7.37
C LEU A 319 28.56 -22.45 7.99
N ILE A 320 27.97 -23.53 8.47
CA ILE A 320 26.65 -23.48 9.07
C ILE A 320 26.70 -23.05 10.52
N SER A 321 27.60 -23.67 11.29
CA SER A 321 27.70 -23.43 12.73
C SER A 321 28.24 -22.06 13.11
N GLY A 322 29.31 -21.65 12.45
CA GLY A 322 29.94 -20.36 12.72
C GLY A 322 29.80 -19.58 11.44
N GLY A 323 30.83 -19.64 10.60
CA GLY A 323 30.77 -19.00 9.31
C GLY A 323 30.96 -17.51 9.26
N VAL A 324 30.44 -16.92 8.19
CA VAL A 324 30.62 -15.50 7.93
C VAL A 324 29.69 -14.60 8.72
N ARG A 325 30.12 -13.37 8.93
N ARG A 325 30.12 -13.37 8.94
CA ARG A 325 29.30 -12.41 9.63
CA ARG A 325 29.31 -12.38 9.64
C ARG A 325 28.07 -12.13 8.77
C ARG A 325 28.08 -12.06 8.78
N GLY A 326 28.31 -11.92 7.47
CA GLY A 326 27.24 -11.65 6.51
C GLY A 326 26.87 -10.19 6.47
N VAL A 327 25.74 -9.89 5.88
CA VAL A 327 25.23 -8.53 5.80
C VAL A 327 24.45 -8.20 7.08
N ILE A 328 24.75 -7.04 7.67
CA ILE A 328 24.08 -6.57 8.91
C ILE A 328 23.67 -5.09 8.76
N GLY A 329 22.49 -4.76 9.27
CA GLY A 329 21.97 -3.40 9.23
C GLY A 329 22.53 -2.58 10.37
N SER B 1 24.88 -23.41 41.91
CA SER B 1 24.54 -22.74 40.62
C SER B 1 25.74 -22.74 39.69
N ASN B 2 25.48 -22.47 38.41
CA ASN B 2 26.54 -22.42 37.41
C ASN B 2 27.47 -21.24 37.69
N ALA B 3 26.89 -20.08 37.98
CA ALA B 3 27.69 -18.88 38.29
C ALA B 3 28.61 -19.17 39.48
N GLU B 4 28.07 -19.84 40.50
CA GLU B 4 28.85 -20.21 41.68
C GLU B 4 29.98 -21.18 41.32
N ASP B 5 29.71 -22.15 40.44
CA ASP B 5 30.73 -23.09 39.97
C ASP B 5 31.84 -22.38 39.19
N VAL B 6 31.46 -21.42 38.34
CA VAL B 6 32.44 -20.65 37.57
C VAL B 6 33.37 -19.92 38.53
N GLU B 7 32.80 -19.28 39.56
CA GLU B 7 33.60 -18.58 40.60
C GLU B 7 34.59 -19.50 41.32
N ARG B 8 34.13 -20.69 41.72
CA ARG B 8 35.00 -21.63 42.41
C ARG B 8 36.11 -22.12 41.49
N ALA B 9 35.77 -22.45 40.24
CA ALA B 9 36.75 -22.89 39.25
C ALA B 9 37.81 -21.80 39.06
N THR B 10 37.38 -20.55 38.94
CA THR B 10 38.31 -19.44 38.78
C THR B 10 39.30 -19.34 39.95
N ASP B 11 38.82 -19.51 41.19
CA ASP B 11 39.71 -19.51 42.37
C ASP B 11 40.76 -20.61 42.27
N ILE B 12 40.36 -21.76 41.76
CA ILE B 12 41.29 -22.87 41.56
C ILE B 12 42.30 -22.50 40.47
N VAL B 13 41.83 -21.86 39.40
CA VAL B 13 42.71 -21.46 38.29
C VAL B 13 43.83 -20.52 38.74
N ARG B 15 45.27 -20.17 41.51
CA ARG B 15 46.27 -20.80 42.39
C ARG B 15 47.10 -21.89 41.69
N GLN B 16 46.86 -22.14 40.39
CA GLN B 16 47.63 -23.18 39.67
C GLN B 16 48.46 -22.54 38.52
N ASP B 17 49.15 -23.36 37.73
CA ASP B 17 50.08 -22.84 36.69
C ASP B 17 49.59 -22.60 35.26
N SER B 18 48.57 -23.35 34.83
CA SER B 18 48.05 -23.21 33.47
C SER B 18 47.24 -21.92 33.30
N ALA B 19 47.79 -21.01 32.50
CA ALA B 19 47.13 -19.75 32.23
C ALA B 19 45.88 -19.91 31.37
N ASP B 20 45.85 -20.90 30.48
CA ASP B 20 44.66 -21.06 29.61
C ASP B 20 43.44 -21.62 30.35
N ALA B 21 43.61 -22.07 31.59
CA ALA B 21 42.48 -22.53 32.37
C ALA B 21 41.52 -21.35 32.67
N ASN B 22 42.00 -20.12 32.46
CA ASN B 22 41.18 -18.92 32.61
C ASN B 22 39.99 -18.85 31.65
N LEU B 23 39.97 -19.70 30.61
CA LEU B 23 38.84 -19.75 29.68
C LEU B 23 37.52 -20.16 30.35
N VAL B 24 37.62 -20.77 31.54
CA VAL B 24 36.43 -21.18 32.30
C VAL B 24 35.57 -19.96 32.63
N ARG B 25 36.22 -18.79 32.71
CA ARG B 25 35.57 -17.52 33.01
C ARG B 25 34.50 -17.11 32.00
N GLY B 27 32.25 -18.86 30.97
CA GLY B 27 30.98 -19.42 31.45
C GLY B 27 30.21 -20.21 30.41
N ASP B 28 30.88 -20.58 29.32
CA ASP B 28 30.24 -21.35 28.27
C ASP B 28 30.51 -22.86 28.41
N LYS B 29 31.35 -23.25 29.37
CA LYS B 29 31.70 -24.64 29.56
C LYS B 29 31.13 -25.20 30.86
N HIS B 30 30.67 -26.43 30.81
CA HIS B 30 30.16 -27.11 31.99
C HIS B 30 31.37 -27.37 32.87
N VAL B 31 31.16 -27.44 34.17
CA VAL B 31 32.25 -27.69 35.09
C VAL B 31 31.90 -28.88 35.97
N PHE B 33 33.43 -30.92 39.21
CA PHE B 33 34.44 -30.89 40.27
C PHE B 33 34.75 -32.28 40.81
N SER B 34 35.93 -32.40 41.43
CA SER B 34 36.34 -33.63 42.07
C SER B 34 35.69 -33.63 43.46
N GLU B 35 35.66 -34.78 44.13
CA GLU B 35 35.08 -34.89 45.50
C GLU B 35 35.56 -33.81 46.47
N SER B 36 36.88 -33.57 46.52
CA SER B 36 37.46 -32.57 47.43
C SER B 36 37.10 -31.14 47.04
N GLY B 37 36.69 -30.93 45.80
CA GLY B 37 36.37 -29.61 45.31
C GLY B 37 37.59 -28.74 45.02
N ASN B 38 38.77 -29.36 44.89
CA ASN B 38 40.03 -28.63 44.59
C ASN B 38 40.53 -28.87 43.17
N ALA B 39 39.72 -29.53 42.35
CA ALA B 39 40.09 -29.79 40.96
C ALA B 39 38.81 -29.84 40.13
N PHE B 40 38.95 -29.57 38.84
CA PHE B 40 37.81 -29.63 37.94
C PHE B 40 38.18 -29.91 36.51
N ILE B 41 37.20 -30.40 35.77
CA ILE B 41 37.28 -30.60 34.36
C ILE B 41 36.22 -29.66 33.80
N TYR B 43 34.11 -28.81 30.35
CA TYR B 43 33.77 -29.52 29.13
C TYR B 43 32.56 -29.01 28.41
N GLY B 44 32.35 -29.55 27.21
CA GLY B 44 31.19 -29.21 26.38
C GLY B 44 30.48 -30.49 25.98
N ILE B 45 29.20 -30.36 25.63
CA ILE B 45 28.35 -31.46 25.19
C ILE B 45 27.80 -31.11 23.83
N GLN B 46 28.12 -31.91 22.83
CA GLN B 46 27.67 -31.65 21.47
C GLN B 46 27.43 -32.97 20.78
N GLY B 47 26.22 -33.14 20.27
CA GLY B 47 25.85 -34.36 19.60
C GLY B 47 26.04 -35.55 20.51
N ARG B 48 26.69 -36.58 19.99
CA ARG B 48 26.95 -37.79 20.73
C ARG B 48 28.34 -37.75 21.36
N SER B 49 28.84 -36.55 21.67
CA SER B 49 30.16 -36.40 22.30
C SER B 49 30.17 -35.43 23.47
N TRP B 50 30.96 -35.80 24.50
CA TRP B 50 31.28 -34.97 25.68
C TRP B 50 32.76 -34.71 25.43
N ILE B 51 33.12 -33.45 25.29
CA ILE B 51 34.49 -33.07 24.98
C ILE B 51 35.07 -32.22 26.09
N ALA B 52 36.07 -32.77 26.80
CA ALA B 52 36.75 -32.04 27.84
C ALA B 52 37.73 -31.08 27.18
N PHE B 53 37.80 -29.85 27.69
CA PHE B 53 38.77 -28.91 27.15
C PHE B 53 40.05 -28.93 27.97
N ALA B 54 41.13 -29.36 27.35
CA ALA B 54 42.44 -29.43 27.97
C ALA B 54 42.47 -30.39 29.16
N ASP B 55 43.45 -30.21 30.03
CA ASP B 55 43.61 -31.08 31.20
C ASP B 55 42.71 -30.69 32.36
N PRO B 56 42.52 -31.62 33.30
CA PRO B 56 41.84 -31.25 34.52
C PRO B 56 42.69 -30.13 35.12
N VAL B 57 42.10 -29.28 35.95
CA VAL B 57 42.78 -28.14 36.52
C VAL B 57 42.69 -28.21 38.02
N GLY B 58 43.81 -27.95 38.70
CA GLY B 58 43.83 -27.94 40.17
C GLY B 58 44.79 -28.91 40.81
N ASP B 59 44.34 -29.57 41.87
CA ASP B 59 45.16 -30.51 42.64
C ASP B 59 45.35 -31.79 41.85
N GLU B 60 46.58 -32.03 41.39
CA GLU B 60 46.90 -33.23 40.59
C GLU B 60 46.53 -34.58 41.20
N GLU B 61 46.42 -34.68 42.53
CA GLU B 61 46.04 -35.94 43.20
C GLU B 61 44.61 -36.35 42.82
N ASP B 62 43.76 -35.37 42.52
CA ASP B 62 42.36 -35.62 42.11
C ASP B 62 42.19 -35.93 40.62
N PHE B 63 43.24 -35.77 39.82
CA PHE B 63 43.13 -36.00 38.35
C PHE B 63 42.67 -37.40 37.92
N PRO B 64 43.29 -38.48 38.47
CA PRO B 64 42.86 -39.84 38.09
C PRO B 64 41.36 -40.14 38.30
N ASP B 65 40.81 -39.78 39.44
CA ASP B 65 39.37 -40.00 39.70
C ASP B 65 38.51 -39.10 38.81
N LEU B 66 38.97 -37.88 38.53
CA LEU B 66 38.21 -36.96 37.64
C LEU B 66 38.14 -37.45 36.22
N VAL B 67 39.26 -37.93 35.69
CA VAL B 67 39.26 -38.46 34.35
C VAL B 67 38.25 -39.62 34.29
N TRP B 68 38.30 -40.52 35.28
N TRP B 68 38.31 -40.54 35.26
CA TRP B 68 37.37 -41.66 35.32
CA TRP B 68 37.35 -41.66 35.31
C TRP B 68 35.92 -41.19 35.48
C TRP B 68 35.92 -41.16 35.44
N GLN B 69 35.69 -40.23 36.37
CA GLN B 69 34.35 -39.68 36.58
C GLN B 69 33.76 -39.15 35.28
N PHE B 70 34.58 -38.38 34.55
CA PHE B 70 34.17 -37.81 33.28
C PHE B 70 33.85 -38.89 32.24
N VAL B 71 34.74 -39.84 32.05
CA VAL B 71 34.48 -40.91 31.07
C VAL B 71 33.19 -41.68 31.43
N GLU B 72 33.00 -41.96 32.72
CA GLU B 72 31.81 -42.69 33.18
C GLU B 72 30.53 -41.91 32.95
N ALA B 73 30.56 -40.63 33.32
CA ALA B 73 29.43 -39.75 33.14
C ALA B 73 29.02 -39.72 31.68
N ALA B 74 29.99 -39.63 30.78
CA ALA B 74 29.70 -39.63 29.34
C ALA B 74 29.13 -41.00 28.90
N ARG B 75 29.68 -42.09 29.46
CA ARG B 75 29.19 -43.44 29.12
C ARG B 75 27.72 -43.56 29.57
N GLY B 76 27.42 -43.06 30.76
CA GLY B 76 26.08 -43.09 31.29
C GLY B 76 25.06 -42.28 30.50
N ALA B 77 25.52 -41.23 29.81
CA ALA B 77 24.64 -40.39 28.99
C ALA B 77 24.51 -40.92 27.56
N GLY B 78 25.24 -41.99 27.23
CA GLY B 78 25.21 -42.60 25.90
C GLY B 78 26.11 -41.84 24.93
N ALA B 79 27.14 -41.18 25.46
CA ALA B 79 28.03 -40.37 24.63
C ALA B 79 29.48 -40.83 24.66
N ARG B 80 30.20 -40.52 23.58
CA ARG B 80 31.61 -40.81 23.54
C ARG B 80 32.29 -39.71 24.38
N ALA B 81 33.34 -40.08 25.08
CA ALA B 81 34.10 -39.15 25.89
C ALA B 81 35.35 -38.84 25.11
N ALA B 82 35.73 -37.57 25.07
CA ALA B 82 36.92 -37.13 24.36
C ALA B 82 37.59 -36.02 25.11
N PHE B 83 38.91 -35.96 25.03
CA PHE B 83 39.72 -34.92 25.66
C PHE B 83 40.42 -34.17 24.54
N TYR B 84 40.19 -32.86 24.50
CA TYR B 84 40.71 -32.00 23.46
C TYR B 84 41.85 -31.11 23.98
N GLN B 85 43.04 -31.29 23.40
CA GLN B 85 44.28 -30.56 23.69
C GLN B 85 44.86 -30.83 25.07
N ILE B 86 45.02 -32.12 25.38
CA ILE B 86 45.62 -32.52 26.65
C ILE B 86 47.13 -32.64 26.53
N SER B 87 47.79 -32.49 27.67
CA SER B 87 49.23 -32.56 27.73
C SER B 87 49.73 -34.00 27.91
N PRO B 88 51.02 -34.25 27.60
CA PRO B 88 51.65 -35.56 27.78
C PRO B 88 51.36 -36.18 29.16
N PHE B 89 51.35 -35.37 30.21
CA PHE B 89 51.10 -35.86 31.58
C PHE B 89 49.77 -36.58 31.77
N LEU B 90 48.73 -36.14 31.06
CA LEU B 90 47.42 -36.78 31.16
C LEU B 90 47.20 -38.02 30.33
N LEU B 91 48.15 -38.40 29.46
CA LEU B 91 47.94 -39.57 28.60
C LEU B 91 47.78 -40.89 29.35
N SER B 92 48.45 -41.07 30.48
CA SER B 92 48.28 -42.32 31.24
C SER B 92 46.89 -42.40 31.88
N HIS B 93 46.39 -41.28 32.40
CA HIS B 93 45.05 -41.27 33.02
C HIS B 93 44.02 -41.67 31.97
N CYS B 94 44.19 -41.16 30.73
CA CYS B 94 43.28 -41.48 29.61
C CYS B 94 43.44 -42.91 29.15
N ALA B 95 44.69 -43.38 29.07
CA ALA B 95 44.98 -44.77 28.67
C ALA B 95 44.31 -45.78 29.64
N ASP B 96 44.33 -45.45 30.94
CA ASP B 96 43.71 -46.30 31.95
C ASP B 96 42.20 -46.44 31.71
N ALA B 97 41.60 -45.43 31.08
CA ALA B 97 40.17 -45.48 30.79
C ALA B 97 39.89 -45.99 29.38
N GLY B 98 40.90 -46.53 28.70
CA GLY B 98 40.75 -47.07 27.35
C GLY B 98 40.83 -46.10 26.19
N LEU B 99 41.38 -44.89 26.40
CA LEU B 99 41.47 -43.91 25.31
C LEU B 99 42.86 -43.82 24.72
N ARG B 100 42.97 -43.78 23.39
CA ARG B 100 44.28 -43.59 22.76
C ARG B 100 44.42 -42.09 22.38
N ALA B 101 45.64 -41.64 22.12
CA ALA B 101 45.91 -40.26 21.80
C ALA B 101 46.45 -40.02 20.37
N PHE B 102 46.11 -38.86 19.83
CA PHE B 102 46.53 -38.42 18.50
C PHE B 102 47.04 -36.99 18.66
N LYS B 103 48.26 -36.73 18.18
CA LYS B 103 48.84 -35.40 18.27
C LYS B 103 48.06 -34.39 17.40
N LEU B 104 47.70 -33.27 18.01
CA LEU B 104 46.94 -32.20 17.35
C LEU B 104 47.81 -31.11 16.81
N GLY B 105 48.88 -30.83 17.53
CA GLY B 105 49.79 -29.78 17.16
C GLY B 105 50.67 -29.56 18.35
N GLU B 106 51.35 -28.41 18.36
CA GLU B 106 52.29 -28.06 19.42
C GLU B 106 52.15 -26.64 19.91
N LEU B 107 52.33 -26.45 21.22
CA LEU B 107 52.31 -25.14 21.85
C LEU B 107 53.71 -24.54 21.77
N ALA B 108 53.80 -23.24 21.49
CA ALA B 108 55.09 -22.56 21.48
C ALA B 108 55.27 -21.89 22.84
N LEU B 109 56.22 -22.37 23.64
CA LEU B 109 56.48 -21.83 24.96
C LEU B 109 57.80 -21.09 24.99
N VAL B 110 57.75 -19.80 25.34
CA VAL B 110 58.95 -18.97 25.41
C VAL B 110 59.39 -18.82 26.87
N ASP B 111 60.66 -19.14 27.11
CA ASP B 111 61.28 -19.02 28.41
C ASP B 111 61.65 -17.55 28.58
N LEU B 112 60.88 -16.85 29.40
CA LEU B 112 61.09 -15.42 29.65
C LEU B 112 62.32 -15.13 30.49
N THR B 113 62.80 -16.09 31.27
CA THR B 113 64.01 -15.86 32.08
C THR B 113 65.26 -15.83 31.19
N ALA B 114 65.17 -16.39 29.98
CA ALA B 114 66.30 -16.39 29.03
C ALA B 114 66.02 -15.56 27.76
N PHE B 115 65.00 -14.71 27.83
CA PHE B 115 64.63 -13.84 26.71
C PHE B 115 65.39 -12.52 26.88
N GLU B 116 66.54 -12.43 26.20
CA GLU B 116 67.46 -11.28 26.25
C GLU B 116 67.34 -10.44 24.98
N LEU B 117 66.44 -9.45 25.00
CA LEU B 117 66.18 -8.59 23.83
C LEU B 117 67.39 -7.80 23.35
N LYS B 118 68.16 -7.21 24.27
CA LYS B 118 69.36 -6.46 23.90
C LYS B 118 70.60 -7.34 23.98
N GLY B 119 70.46 -8.52 23.38
CA GLY B 119 71.49 -9.54 23.27
C GLY B 119 71.53 -9.91 21.79
N GLY B 120 72.68 -10.42 21.34
CA GLY B 120 72.90 -10.78 19.93
C GLY B 120 71.89 -11.69 19.24
N LYS B 121 71.34 -12.66 19.96
CA LYS B 121 70.40 -13.62 19.38
C LYS B 121 69.01 -13.05 18.98
N LEU B 122 68.62 -11.90 19.55
CA LEU B 122 67.32 -11.29 19.24
C LEU B 122 67.46 -9.91 18.61
N ALA B 123 68.51 -9.73 17.81
CA ALA B 123 68.79 -8.45 17.15
C ALA B 123 67.63 -7.95 16.31
N THR B 124 67.07 -8.83 15.49
CA THR B 124 65.97 -8.47 14.59
C THR B 124 64.76 -7.96 15.37
N LEU B 125 64.32 -8.73 16.35
CA LEU B 125 63.17 -8.34 17.18
C LEU B 125 63.39 -7.02 17.95
N ARG B 126 64.61 -6.81 18.43
CA ARG B 126 64.95 -5.56 19.11
C ARG B 126 64.80 -4.37 18.14
N GLN B 127 65.15 -4.58 16.88
CA GLN B 127 65.03 -3.52 15.86
C GLN B 127 63.57 -3.28 15.48
N SER B 128 62.73 -4.32 15.57
CA SER B 128 61.30 -4.16 15.27
C SER B 128 60.61 -3.34 16.35
N LEU B 129 61.11 -3.43 17.58
CA LEU B 129 60.55 -2.66 18.68
C LEU B 129 60.83 -1.17 18.44
N SER B 130 62.10 -0.83 18.15
CA SER B 130 62.49 0.56 17.88
C SER B 130 61.79 1.10 16.62
N ARG B 131 61.65 0.27 15.60
CA ARG B 131 60.97 0.67 14.35
C ARG B 131 59.49 0.94 14.63
N GLY B 132 58.89 0.09 15.47
CA GLY B 132 57.49 0.24 15.84
C GLY B 132 57.29 1.57 16.53
N ALA B 133 58.17 1.84 17.50
CA ALA B 133 58.11 3.09 18.27
C ALA B 133 58.31 4.30 17.35
N ARG B 134 59.19 4.18 16.35
CA ARG B 134 59.38 5.30 15.40
C ARG B 134 58.11 5.49 14.57
N ASP B 135 57.43 4.39 14.22
CA ASP B 135 56.16 4.47 13.48
C ASP B 135 55.01 4.97 14.37
N GLY B 136 55.33 5.47 15.57
CA GLY B 136 54.32 6.01 16.48
C GLY B 136 53.51 5.01 17.31
N LEU B 137 54.04 3.80 17.51
CA LEU B 137 53.34 2.79 18.31
C LEU B 137 53.73 2.88 19.80
N THR B 138 52.72 2.79 20.68
CA THR B 138 52.94 2.77 22.13
C THR B 138 52.22 1.54 22.67
N PHE B 139 52.69 1.04 23.81
CA PHE B 139 52.14 -0.16 24.42
C PHE B 139 51.82 0.07 25.88
N GLU B 140 50.79 -0.62 26.36
CA GLU B 140 50.37 -0.53 27.76
C GLU B 140 49.52 -1.75 28.15
N VAL B 141 49.73 -2.25 29.36
CA VAL B 141 48.93 -3.33 29.94
C VAL B 141 47.93 -2.61 30.83
N VAL B 142 46.65 -2.66 30.47
CA VAL B 142 45.61 -2.00 31.25
C VAL B 142 45.08 -2.98 32.31
N GLU B 143 45.17 -2.60 33.59
CA GLU B 143 44.69 -3.46 34.67
C GLU B 143 43.16 -3.40 34.70
N GLN B 144 42.58 -4.36 35.42
CA GLN B 144 41.12 -4.50 35.54
C GLN B 144 40.34 -3.25 35.91
N SER B 145 40.79 -2.53 36.93
CA SER B 145 40.09 -1.32 37.39
C SER B 145 40.08 -0.19 36.35
N GLN B 146 40.94 -0.29 35.32
CA GLN B 146 41.04 0.73 34.27
C GLN B 146 40.42 0.32 32.94
N VAL B 147 40.09 -0.96 32.78
CA VAL B 147 39.48 -1.45 31.55
C VAL B 147 38.18 -0.71 31.23
N PRO B 148 37.36 -0.38 32.25
CA PRO B 148 36.12 0.37 31.95
C PRO B 148 36.36 1.66 31.14
N ASP B 149 37.45 2.36 31.40
CA ASP B 149 37.77 3.62 30.69
C ASP B 149 38.05 3.46 29.20
N ILE B 150 38.49 2.26 28.77
CA ILE B 150 38.77 1.98 27.35
C ILE B 150 37.81 0.96 26.72
N ASP B 152 34.67 1.17 25.64
CA ASP B 152 33.97 1.65 24.44
C ASP B 152 34.85 1.61 23.20
N GLU B 153 36.11 1.99 23.36
CA GLU B 153 37.07 1.99 22.28
C GLU B 153 37.45 0.55 21.91
N LEU B 154 37.55 -0.34 22.91
CA LEU B 154 37.87 -1.76 22.64
C LEU B 154 36.72 -2.40 21.86
N GLN B 155 35.49 -2.08 22.26
CA GLN B 155 34.29 -2.58 21.60
C GLN B 155 34.32 -2.22 20.10
N GLN B 156 34.65 -0.96 19.77
N GLN B 156 34.67 -0.96 19.80
CA GLN B 156 34.74 -0.52 18.38
CA GLN B 156 34.77 -0.48 18.42
C GLN B 156 35.85 -1.24 17.61
C GLN B 156 35.85 -1.21 17.62
N VAL B 157 37.03 -1.38 18.22
CA VAL B 157 38.14 -2.09 17.57
C VAL B 157 37.75 -3.57 17.32
N SER B 158 37.09 -4.19 18.29
CA SER B 158 36.65 -5.59 18.16
C SER B 158 35.57 -5.73 17.08
N ASP B 159 34.57 -4.84 17.11
CA ASP B 159 33.50 -4.87 16.10
C ASP B 159 34.04 -4.59 14.69
N GLY B 160 35.03 -3.69 14.58
CA GLY B 160 35.68 -3.40 13.28
C GLY B 160 36.45 -4.62 12.73
N TRP B 161 37.04 -5.38 13.63
CA TRP B 161 37.81 -6.59 13.26
C TRP B 161 36.88 -7.69 12.74
N LEU B 162 35.74 -7.87 13.42
CA LEU B 162 34.77 -8.87 13.03
C LEU B 162 34.22 -8.52 11.65
N ALA B 163 33.94 -7.23 11.45
CA ALA B 163 33.43 -6.76 10.17
C ALA B 163 34.51 -6.87 9.08
N HIS B 164 35.75 -6.47 9.40
CA HIS B 164 36.85 -6.52 8.44
C HIS B 164 37.13 -7.93 7.96
N HIS B 165 37.17 -8.89 8.87
CA HIS B 165 37.41 -10.28 8.48
C HIS B 165 36.10 -11.04 8.11
N ASN B 166 34.95 -10.37 8.18
CA ASN B 166 33.64 -10.97 7.87
C ASN B 166 33.48 -12.29 8.65
N THR B 167 33.78 -12.25 9.94
CA THR B 167 33.73 -13.45 10.77
C THR B 167 32.86 -13.26 12.01
N ARG B 168 32.69 -14.36 12.74
CA ARG B 168 31.87 -14.38 13.95
C ARG B 168 32.68 -14.84 15.13
N GLU B 169 32.19 -14.51 16.32
CA GLU B 169 32.85 -14.94 17.55
C GLU B 169 32.84 -16.48 17.66
N LYS B 170 33.83 -17.00 18.39
CA LYS B 170 33.99 -18.44 18.68
C LYS B 170 33.66 -18.72 20.17
N ARG B 171 33.82 -19.97 20.58
CA ARG B 171 33.53 -20.42 21.95
C ARG B 171 34.47 -21.56 22.31
N PHE B 172 34.30 -22.07 23.52
CA PHE B 172 34.99 -23.26 24.05
C PHE B 172 36.52 -23.09 24.25
N SER B 173 37.32 -23.29 23.21
CA SER B 173 38.78 -23.12 23.29
C SER B 173 39.22 -21.67 23.03
N LEU B 174 38.27 -20.82 22.66
CA LEU B 174 38.54 -19.43 22.38
C LEU B 174 37.50 -18.60 23.10
N GLY B 175 37.93 -17.47 23.63
CA GLY B 175 37.00 -16.56 24.30
C GLY B 175 36.44 -15.62 23.27
N ALA B 176 35.45 -14.85 23.69
CA ALA B 176 34.79 -13.88 22.82
C ALA B 176 34.81 -12.51 23.48
N PHE B 177 34.52 -11.46 22.73
CA PHE B 177 34.49 -10.11 23.31
C PHE B 177 33.14 -9.91 23.99
N GLU B 178 33.07 -10.29 25.26
CA GLU B 178 31.83 -10.14 26.03
C GLU B 178 32.30 -9.27 27.19
N PRO B 179 31.68 -8.08 27.38
CA PRO B 179 32.11 -7.14 28.41
C PRO B 179 32.53 -7.72 29.76
N ASP B 180 31.68 -8.48 30.43
CA ASP B 180 32.06 -9.04 31.74
C ASP B 180 33.34 -9.87 31.70
N TYR B 181 33.54 -10.62 30.61
CA TYR B 181 34.74 -11.42 30.45
C TYR B 181 35.99 -10.54 30.26
N ILE B 182 35.90 -9.57 29.34
CA ILE B 182 37.03 -8.66 29.07
C ILE B 182 37.41 -7.84 30.31
N LEU B 183 36.42 -7.52 31.14
CA LEU B 183 36.67 -6.74 32.37
C LEU B 183 37.37 -7.54 33.47
N SER B 184 37.29 -8.86 33.40
CA SER B 184 37.85 -9.73 34.47
C SER B 184 39.37 -9.92 34.44
N GLN B 185 40.02 -9.58 33.34
CA GLN B 185 41.45 -9.79 33.19
C GLN B 185 42.14 -8.59 32.57
N PRO B 186 43.47 -8.51 32.66
CA PRO B 186 44.17 -7.38 32.07
C PRO B 186 44.10 -7.39 30.54
N VAL B 187 44.28 -6.22 29.94
CA VAL B 187 44.27 -6.09 28.48
C VAL B 187 45.55 -5.42 28.00
N ALA B 188 46.25 -6.06 27.06
CA ALA B 188 47.45 -5.45 26.47
C ALA B 188 46.93 -4.60 25.32
N VAL B 189 47.29 -3.31 25.27
CA VAL B 189 46.78 -2.45 24.21
C VAL B 189 47.90 -1.79 23.44
N LEU B 190 47.64 -1.58 22.17
CA LEU B 190 48.59 -0.95 21.29
C LEU B 190 47.89 0.29 20.76
N ARG B 191 48.59 1.43 20.83
CA ARG B 191 48.08 2.71 20.32
C ARG B 191 49.01 3.28 19.26
N LYS B 192 48.41 3.89 18.25
CA LYS B 192 49.12 4.57 17.17
C LYS B 192 48.48 5.94 17.27
N ASP B 193 49.30 6.97 17.52
CA ASP B 193 48.79 8.32 17.71
C ASP B 193 48.04 8.24 19.06
N GLY B 194 46.83 8.79 19.16
CA GLY B 194 46.06 8.70 20.42
C GLY B 194 44.86 7.76 20.26
N LYS B 195 45.10 6.62 19.60
CA LYS B 195 44.02 5.70 19.31
C LYS B 195 44.42 4.22 19.39
N ILE B 196 43.58 3.43 20.04
CA ILE B 196 43.82 1.99 20.18
C ILE B 196 43.70 1.34 18.82
N THR B 197 44.76 0.65 18.42
CA THR B 197 44.81 0.02 17.10
C THR B 197 44.92 -1.50 17.18
N ALA B 198 45.16 -2.03 18.40
CA ALA B 198 45.24 -3.47 18.62
C ALA B 198 45.05 -3.79 20.10
N PHE B 199 44.54 -4.98 20.40
CA PHE B 199 44.40 -5.41 21.78
C PHE B 199 44.39 -6.92 21.91
N ALA B 200 44.71 -7.37 23.11
CA ALA B 200 44.71 -8.78 23.46
C ALA B 200 44.50 -8.92 24.95
N ASN B 201 43.60 -9.82 25.35
CA ASN B 201 43.38 -10.04 26.78
C ASN B 201 44.46 -11.00 27.29
N LEU B 202 45.06 -10.66 28.43
CA LEU B 202 46.12 -11.44 29.07
C LEU B 202 45.58 -12.38 30.08
N VAL B 204 46.60 -14.83 33.11
CA VAL B 204 47.67 -15.08 34.08
C VAL B 204 47.08 -15.74 35.34
N THR B 205 47.97 -16.23 36.21
CA THR B 205 47.60 -16.83 37.50
C THR B 205 48.50 -16.20 38.58
N GLU B 206 48.19 -16.44 39.86
CA GLU B 206 49.01 -15.89 40.95
C GLU B 206 50.40 -16.52 41.04
N THR B 207 50.58 -17.69 40.45
CA THR B 207 51.88 -18.39 40.50
C THR B 207 52.93 -17.75 39.57
N LYS B 208 52.47 -17.04 38.54
CA LYS B 208 53.41 -16.38 37.60
C LYS B 208 54.30 -17.33 36.80
N LYS B 209 53.90 -18.59 36.69
CA LYS B 209 54.65 -19.56 35.90
C LYS B 209 54.37 -19.41 34.42
N GLU B 210 53.19 -18.89 34.08
CA GLU B 210 52.81 -18.77 32.70
C GLU B 210 51.77 -17.68 32.45
N ALA B 211 51.87 -17.09 31.27
CA ALA B 211 50.90 -16.13 30.82
C ALA B 211 50.65 -16.49 29.36
N THR B 212 49.48 -16.12 28.86
CA THR B 212 49.13 -16.38 27.48
C THR B 212 48.09 -15.34 27.07
N ILE B 213 47.71 -15.29 25.80
CA ILE B 213 46.64 -14.40 25.39
C ILE B 213 45.53 -15.26 24.79
N ASP B 214 44.34 -14.68 24.73
CA ASP B 214 43.14 -15.33 24.20
C ASP B 214 42.76 -14.61 22.91
N LEU B 215 42.03 -13.49 23.02
CA LEU B 215 41.70 -12.69 21.84
C LEU B 215 42.94 -11.91 21.41
N ARG B 217 43.29 -8.86 18.52
CA ARG B 217 42.65 -8.15 17.42
C ARG B 217 43.31 -6.83 17.02
N PHE B 218 43.63 -6.72 15.74
CA PHE B 218 44.27 -5.56 15.16
C PHE B 218 43.29 -4.89 14.22
N SER B 219 43.19 -3.56 14.30
CA SER B 219 42.35 -2.84 13.37
C SER B 219 43.01 -2.98 11.98
N ALA B 220 42.21 -2.85 10.93
CA ALA B 220 42.74 -2.94 9.55
C ALA B 220 43.82 -1.88 9.24
N ASP B 221 43.84 -0.77 9.99
CA ASP B 221 44.80 0.32 9.81
C ASP B 221 46.10 0.16 10.62
N ALA B 222 46.26 -0.94 11.36
CA ALA B 222 47.49 -1.12 12.15
C ALA B 222 48.67 -1.23 11.21
N PRO B 223 49.79 -0.56 11.55
CA PRO B 223 50.95 -0.62 10.65
C PRO B 223 51.64 -1.97 10.62
N ARG B 224 52.39 -2.18 9.54
CA ARG B 224 53.16 -3.38 9.34
C ARG B 224 54.19 -3.45 10.45
N GLY B 225 54.24 -4.59 11.15
CA GLY B 225 55.16 -4.80 12.26
C GLY B 225 54.49 -4.66 13.61
N SER B 226 53.18 -4.39 13.61
CA SER B 226 52.41 -4.26 14.86
C SER B 226 52.46 -5.55 15.68
N ASP B 228 54.86 -7.90 15.73
CA ASP B 228 56.19 -7.97 16.34
C ASP B 228 56.25 -7.05 17.55
N PHE B 229 55.77 -5.81 17.38
CA PHE B 229 55.80 -4.83 18.47
C PHE B 229 55.01 -5.28 19.70
N LEU B 230 53.79 -5.75 19.50
CA LEU B 230 52.93 -6.21 20.59
C LEU B 230 53.53 -7.42 21.36
N PHE B 231 53.94 -8.46 20.63
CA PHE B 231 54.51 -9.67 21.27
C PHE B 231 55.82 -9.37 22.00
N VAL B 232 56.71 -8.59 21.40
CA VAL B 232 57.97 -8.23 22.04
C VAL B 232 57.67 -7.39 23.28
N SER B 233 56.74 -6.46 23.17
CA SER B 233 56.36 -5.60 24.29
C SER B 233 55.69 -6.42 25.40
N ILE B 234 54.88 -7.41 25.01
CA ILE B 234 54.22 -8.28 25.99
C ILE B 234 55.27 -9.09 26.75
N GLN B 236 58.53 -8.42 27.12
CA GLN B 236 59.37 -7.57 28.02
C GLN B 236 58.61 -7.22 29.29
N HIS B 237 57.33 -6.89 29.14
CA HIS B 237 56.50 -6.58 30.32
C HIS B 237 56.43 -7.76 31.29
N LEU B 238 56.05 -8.93 30.78
CA LEU B 238 55.93 -10.12 31.61
C LEU B 238 57.24 -10.52 32.24
N ARG B 239 58.34 -10.37 31.48
CA ARG B 239 59.67 -10.69 32.01
C ARG B 239 59.99 -9.78 33.20
N GLU B 240 59.76 -8.47 33.06
CA GLU B 240 60.04 -7.51 34.16
C GLU B 240 59.09 -7.70 35.38
N ALA B 241 57.90 -8.25 35.14
CA ALA B 241 56.93 -8.49 36.21
C ALA B 241 57.20 -9.79 36.98
N GLY B 242 58.17 -10.59 36.51
CA GLY B 242 58.54 -11.84 37.17
C GLY B 242 57.93 -13.13 36.62
N TYR B 243 57.30 -13.08 35.45
CA TYR B 243 56.71 -14.30 34.86
C TYR B 243 57.79 -15.18 34.25
N GLU B 244 57.69 -16.50 34.44
CA GLU B 244 58.69 -17.42 33.89
C GLU B 244 58.53 -17.75 32.42
N SER B 245 57.29 -17.77 31.92
CA SER B 245 57.07 -18.10 30.51
C SER B 245 55.85 -17.44 29.88
N PHE B 246 55.88 -17.40 28.55
CA PHE B 246 54.79 -16.85 27.79
C PHE B 246 54.40 -17.89 26.76
N ASN B 247 53.15 -18.31 26.82
CA ASN B 247 52.61 -19.33 25.94
C ASN B 247 52.03 -18.67 24.70
N LEU B 248 52.65 -18.93 23.55
CA LEU B 248 52.19 -18.36 22.28
C LEU B 248 51.01 -19.12 21.66
N GLY B 249 50.59 -20.20 22.31
CA GLY B 249 49.46 -20.98 21.80
C GLY B 249 49.85 -22.05 20.81
N ALA B 251 50.10 -24.30 17.41
CA ALA B 251 50.47 -24.06 16.04
C ALA B 251 50.27 -25.37 15.31
N PRO B 252 49.99 -25.33 14.01
CA PRO B 252 49.95 -26.60 13.28
C PRO B 252 51.30 -27.29 13.35
N SER B 254 52.45 -29.80 10.71
CA SER B 254 52.91 -29.92 9.32
C SER B 254 52.99 -28.57 8.62
N ASP B 266 45.78 -42.47 7.73
CA ASP B 266 46.07 -41.37 6.81
C ASP B 266 44.83 -40.46 6.66
N ARG B 267 43.63 -41.03 6.79
CA ARG B 267 42.40 -40.20 6.73
C ARG B 267 42.32 -39.35 8.00
N ILE B 268 42.76 -39.92 9.12
CA ILE B 268 42.82 -39.20 10.38
C ILE B 268 43.86 -38.07 10.27
N GLY B 269 44.96 -38.33 9.57
CA GLY B 269 46.01 -37.34 9.36
C GLY B 269 45.51 -36.12 8.60
N SER B 270 44.72 -36.36 7.54
CA SER B 270 44.13 -35.27 6.73
C SER B 270 43.20 -34.42 7.59
N THR B 271 42.39 -35.08 8.43
CA THR B 271 41.46 -34.39 9.30
C THR B 271 42.19 -33.47 10.27
N LEU B 272 43.23 -34.03 10.92
CA LEU B 272 44.03 -33.28 11.89
C LEU B 272 44.75 -32.12 11.24
N PHE B 273 45.20 -32.33 10.00
CA PHE B 273 45.88 -31.29 9.25
C PHE B 273 44.95 -30.11 8.98
N GLU B 274 43.75 -30.38 8.45
CA GLU B 274 42.78 -29.31 8.17
C GLU B 274 42.24 -28.70 9.45
N HIS B 275 42.20 -29.48 10.53
CA HIS B 275 41.77 -28.96 11.83
C HIS B 275 42.75 -27.87 12.29
N GLY B 276 44.05 -28.16 12.19
CA GLY B 276 45.13 -27.22 12.58
C GLY B 276 45.05 -25.88 11.85
N GLU B 277 44.92 -25.91 10.52
CA GLU B 277 44.80 -24.69 9.71
C GLU B 277 43.54 -23.91 10.06
N ARG B 278 42.48 -24.63 10.40
N ARG B 278 42.49 -24.64 10.41
CA ARG B 278 41.22 -24.00 10.73
CA ARG B 278 41.21 -24.07 10.75
C ARG B 278 41.23 -23.24 12.07
C ARG B 278 41.21 -23.28 12.07
N PHE B 279 41.95 -23.74 13.07
CA PHE B 279 41.97 -23.08 14.39
C PHE B 279 43.28 -22.62 15.02
N TYR B 280 44.43 -23.02 14.52
CA TYR B 280 45.67 -22.63 15.20
C TYR B 280 46.46 -21.49 14.55
N ASN B 281 45.84 -20.78 13.61
CA ASN B 281 46.50 -19.67 12.91
C ASN B 281 45.90 -18.30 13.21
N PHE B 282 45.14 -18.16 14.29
CA PHE B 282 44.54 -16.86 14.60
C PHE B 282 45.51 -15.86 15.21
N LYS B 283 46.43 -16.34 16.06
CA LYS B 283 47.40 -15.43 16.71
C LYS B 283 48.85 -15.66 16.27
N GLY B 284 49.04 -15.65 14.96
CA GLY B 284 50.36 -15.81 14.35
C GLY B 284 50.58 -17.16 13.70
N LEU B 285 51.28 -17.16 12.57
CA LEU B 285 51.59 -18.40 11.88
C LEU B 285 52.75 -19.02 12.62
N ARG B 286 52.99 -20.29 12.38
CA ARG B 286 54.07 -21.04 13.05
C ARG B 286 55.42 -20.33 12.93
N ALA B 287 55.70 -19.81 11.73
CA ALA B 287 56.96 -19.11 11.45
C ALA B 287 57.16 -17.88 12.33
N PHE B 288 56.07 -17.18 12.63
CA PHE B 288 56.09 -16.00 13.49
C PHE B 288 56.49 -16.40 14.93
N LYS B 289 55.84 -17.44 15.44
CA LYS B 289 56.12 -17.92 16.81
C LYS B 289 57.55 -18.42 16.93
N ALA B 290 58.03 -19.11 15.90
CA ALA B 290 59.39 -19.66 15.88
C ALA B 290 60.49 -18.60 16.09
N LYS B 291 60.25 -17.35 15.64
CA LYS B 291 61.26 -16.25 15.78
C LYS B 291 61.65 -15.98 17.23
N PHE B 292 60.75 -16.32 18.17
CA PHE B 292 60.99 -16.09 19.59
C PHE B 292 61.72 -17.28 20.26
N HIS B 293 62.19 -18.22 19.45
CA HIS B 293 62.91 -19.43 19.93
C HIS B 293 62.19 -20.15 21.08
N PRO B 294 60.95 -20.58 20.84
CA PRO B 294 60.21 -21.28 21.89
C PRO B 294 60.54 -22.75 21.92
N LYS B 295 60.24 -23.44 23.03
CA LYS B 295 60.38 -24.88 23.05
C LYS B 295 58.98 -25.27 22.56
N TRP B 296 58.89 -26.28 21.71
CA TRP B 296 57.60 -26.75 21.19
C TRP B 296 57.08 -27.94 22.00
N GLU B 297 55.89 -27.80 22.58
CA GLU B 297 55.28 -28.88 23.38
C GLU B 297 54.01 -29.44 22.75
N PRO B 298 53.98 -30.75 22.50
CA PRO B 298 52.80 -31.37 21.88
C PRO B 298 51.51 -31.41 22.75
N ARG B 299 50.37 -31.35 22.09
CA ARG B 299 49.04 -31.45 22.72
C ARG B 299 48.26 -32.48 21.94
N TYR B 300 47.35 -33.17 22.62
CA TYR B 300 46.65 -34.30 22.02
C TYR B 300 45.15 -34.34 22.10
N LEU B 301 44.58 -35.19 21.24
CA LEU B 301 43.17 -35.51 21.22
C LEU B 301 43.11 -36.94 21.73
N ALA B 302 42.38 -37.18 22.83
CA ALA B 302 42.26 -38.54 23.37
C ALA B 302 40.85 -39.02 23.12
N VAL B 303 40.71 -40.20 22.52
CA VAL B 303 39.39 -40.79 22.21
C VAL B 303 39.50 -42.31 22.30
N GLN B 304 38.35 -42.98 22.41
CA GLN B 304 38.32 -44.46 22.52
C GLN B 304 39.07 -45.17 21.36
N ASN B 305 38.90 -44.68 20.14
CA ASN B 305 39.60 -45.28 18.99
C ASN B 305 39.61 -44.40 17.75
N GLY B 306 40.37 -44.85 16.73
CA GLY B 306 40.54 -44.12 15.48
C GLY B 306 39.29 -43.55 14.80
N ALA B 307 38.23 -44.36 14.69
CA ALA B 307 36.99 -43.92 14.05
C ALA B 307 36.36 -42.76 14.79
N ASP B 308 36.34 -42.87 16.12
CA ASP B 308 35.79 -41.82 16.97
C ASP B 308 36.53 -40.52 16.86
N ALA B 309 37.80 -40.55 16.44
CA ALA B 309 38.62 -39.33 16.38
C ALA B 309 38.04 -38.27 15.47
N ALA B 310 37.71 -38.64 14.24
CA ALA B 310 37.12 -37.68 13.30
C ALA B 310 35.74 -37.26 13.79
N LEU B 311 34.96 -38.20 14.34
CA LEU B 311 33.61 -37.87 14.84
C LEU B 311 33.67 -36.88 16.01
N ALA B 312 34.55 -37.15 16.97
CA ALA B 312 34.69 -36.30 18.14
C ALA B 312 35.19 -34.93 17.73
N LEU B 313 36.15 -34.89 16.81
CA LEU B 313 36.73 -33.65 16.36
C LEU B 313 35.69 -32.79 15.62
N ASP B 315 32.47 -32.80 16.42
CA ASP B 315 31.66 -32.22 17.51
C ASP B 315 32.40 -31.05 18.18
N ALA B 316 33.72 -31.19 18.35
CA ALA B 316 34.57 -30.12 18.90
C ALA B 316 34.54 -28.88 18.01
N THR B 317 34.54 -29.12 16.71
CA THR B 317 34.52 -28.04 15.70
C THR B 317 33.23 -27.22 15.78
N VAL B 318 32.11 -27.87 16.09
CA VAL B 318 30.81 -27.20 16.26
C VAL B 318 30.81 -26.39 17.55
N LEU B 319 31.38 -27.01 18.58
CA LEU B 319 31.49 -26.42 19.90
C LEU B 319 32.29 -25.10 19.90
N ILE B 320 33.33 -25.05 19.08
CA ILE B 320 34.18 -23.87 18.94
C ILE B 320 33.61 -22.86 17.93
N SER B 321 33.14 -23.35 16.79
CA SER B 321 32.60 -22.47 15.73
C SER B 321 31.25 -21.83 16.04
N GLY B 322 30.31 -22.64 16.53
CA GLY B 322 28.96 -22.18 16.89
C GLY B 322 28.88 -22.31 18.39
N GLY B 323 28.31 -23.40 18.84
CA GLY B 323 28.26 -23.73 20.25
C GLY B 323 27.23 -23.00 21.07
N VAL B 324 27.51 -22.91 22.36
CA VAL B 324 26.57 -22.33 23.33
C VAL B 324 26.60 -20.81 23.37
N ARG B 325 25.47 -20.23 23.73
N ARG B 325 25.47 -20.21 23.73
CA ARG B 325 25.34 -18.78 23.84
CA ARG B 325 25.37 -18.76 23.82
C ARG B 325 26.24 -18.28 24.95
C ARG B 325 26.24 -18.26 24.96
N GLY B 326 26.22 -19.01 26.06
CA GLY B 326 27.03 -18.69 27.24
C GLY B 326 26.33 -17.74 28.17
N VAL B 327 27.11 -17.20 29.11
CA VAL B 327 26.61 -16.27 30.11
C VAL B 327 26.52 -14.87 29.47
N SER C 1 -30.47 34.75 31.27
CA SER C 1 -29.40 34.30 30.33
C SER C 1 -28.58 35.49 29.88
N ASN C 2 -27.46 35.21 29.21
CA ASN C 2 -26.58 36.26 28.68
C ASN C 2 -27.32 37.13 27.65
N ALA C 3 -28.13 36.50 26.80
CA ALA C 3 -28.93 37.22 25.81
C ALA C 3 -29.88 38.18 26.52
N GLU C 4 -30.54 37.73 27.59
CA GLU C 4 -31.46 38.59 28.38
C GLU C 4 -30.67 39.72 29.08
N ASP C 5 -29.47 39.42 29.55
CA ASP C 5 -28.61 40.47 30.18
C ASP C 5 -28.25 41.57 29.17
N VAL C 6 -27.96 41.18 27.92
CA VAL C 6 -27.63 42.15 26.87
C VAL C 6 -28.86 43.00 26.52
N GLU C 7 -30.04 42.37 26.55
CA GLU C 7 -31.30 43.07 26.30
C GLU C 7 -31.54 44.14 27.38
N ARG C 8 -31.42 43.74 28.65
CA ARG C 8 -31.59 44.69 29.78
C ARG C 8 -30.56 45.83 29.72
N ALA C 9 -29.29 45.47 29.54
CA ALA C 9 -28.22 46.47 29.44
C ALA C 9 -28.51 47.47 28.31
N THR C 10 -29.01 46.95 27.17
CA THR C 10 -29.35 47.78 26.02
C THR C 10 -30.45 48.79 26.37
N ASP C 11 -31.48 48.34 27.10
CA ASP C 11 -32.56 49.25 27.52
C ASP C 11 -32.01 50.36 28.43
N ILE C 12 -31.05 50.01 29.30
CA ILE C 12 -30.40 50.99 30.18
C ILE C 12 -29.65 52.03 29.33
N VAL C 13 -28.90 51.54 28.33
CA VAL C 13 -28.11 52.38 27.45
C VAL C 13 -28.98 53.44 26.77
N ARG C 15 -31.62 54.86 27.63
CA ARG C 15 -32.19 55.90 28.50
C ARG C 15 -31.12 56.82 29.12
N GLN C 16 -29.84 56.63 28.78
CA GLN C 16 -28.77 57.49 29.33
C GLN C 16 -28.02 58.26 28.21
N ASP C 17 -27.00 59.04 28.56
CA ASP C 17 -26.30 59.92 27.58
C ASP C 17 -25.10 59.41 26.76
N SER C 18 -24.37 58.43 27.29
CA SER C 18 -23.19 57.90 26.60
C SER C 18 -23.57 56.99 25.41
N ALA C 19 -23.29 57.45 24.19
CA ALA C 19 -23.61 56.69 22.99
C ALA C 19 -22.73 55.48 22.74
N ASP C 20 -21.48 55.50 23.22
CA ASP C 20 -20.60 54.34 22.99
C ASP C 20 -20.96 53.17 23.87
N ALA C 21 -21.83 53.38 24.85
CA ALA C 21 -22.30 52.29 25.70
C ALA C 21 -23.10 51.27 24.85
N ASN C 22 -23.54 51.70 23.66
CA ASN C 22 -24.24 50.79 22.72
C ASN C 22 -23.36 49.60 22.28
N LEU C 23 -22.03 49.67 22.52
CA LEU C 23 -21.14 48.54 22.19
C LEU C 23 -21.50 47.28 22.95
N VAL C 24 -22.32 47.41 24.00
CA VAL C 24 -22.73 46.23 24.77
C VAL C 24 -23.58 45.32 23.85
N ARG C 25 -24.21 45.91 22.83
CA ARG C 25 -25.03 45.16 21.86
C ARG C 25 -24.26 44.06 21.12
N GLY C 27 -22.56 41.87 22.36
CA GLY C 27 -22.69 40.64 23.14
C GLY C 27 -21.38 39.93 23.43
N ASP C 28 -20.25 40.59 23.17
CA ASP C 28 -18.92 40.01 23.40
C ASP C 28 -18.36 40.30 24.80
N LYS C 29 -18.99 41.20 25.53
CA LYS C 29 -18.51 41.57 26.85
C LYS C 29 -19.44 41.06 27.95
N HIS C 30 -18.85 40.69 29.08
CA HIS C 30 -19.61 40.26 30.25
C HIS C 30 -20.30 41.51 30.81
N VAL C 31 -21.47 41.33 31.43
CA VAL C 31 -22.21 42.42 32.02
C VAL C 31 -22.44 42.13 33.49
N PHE C 33 -24.49 43.79 36.78
CA PHE C 33 -25.52 44.76 37.17
C PHE C 33 -25.43 45.17 38.64
N SER C 34 -25.94 46.36 38.93
CA SER C 34 -26.04 46.84 40.29
C SER C 34 -27.22 46.09 40.92
N GLU C 35 -27.38 46.19 42.24
CA GLU C 35 -28.45 45.47 42.94
C GLU C 35 -29.84 45.85 42.36
N SER C 36 -30.05 47.14 42.06
CA SER C 36 -31.34 47.60 41.51
C SER C 36 -31.64 47.16 40.06
N GLY C 37 -30.58 46.84 39.31
CA GLY C 37 -30.72 46.43 37.91
C GLY C 37 -30.86 47.61 36.96
N ASN C 38 -30.56 48.83 37.46
CA ASN C 38 -30.65 50.07 36.69
C ASN C 38 -29.30 50.60 36.24
N ALA C 39 -28.24 49.83 36.48
CA ALA C 39 -26.91 50.22 36.06
C ALA C 39 -26.05 48.98 35.82
N PHE C 40 -25.00 49.12 35.02
CA PHE C 40 -24.12 47.99 34.74
C PHE C 40 -22.72 48.38 34.34
N ILE C 41 -21.83 47.40 34.50
CA ILE C 41 -20.45 47.48 34.07
C ILE C 41 -20.30 46.37 33.05
N TYR C 43 -17.56 44.28 30.72
CA TYR C 43 -16.14 44.00 30.84
C TYR C 43 -15.69 42.70 30.17
N GLY C 44 -14.38 42.57 30.07
CA GLY C 44 -13.73 41.39 29.52
C GLY C 44 -12.77 40.81 30.55
N ILE C 45 -12.43 39.55 30.35
CA ILE C 45 -11.52 38.83 31.21
C ILE C 45 -10.46 38.30 30.26
N GLN C 46 -9.21 38.62 30.53
CA GLN C 46 -8.11 38.18 29.67
C GLN C 46 -6.85 38.01 30.51
N GLY C 47 -6.28 36.80 30.45
CA GLY C 47 -5.08 36.48 31.22
C GLY C 47 -5.31 36.77 32.68
N ARG C 48 -4.45 37.61 33.26
CA ARG C 48 -4.56 37.99 34.67
C ARG C 48 -5.31 39.29 34.93
N SER C 49 -6.12 39.74 33.97
CA SER C 49 -6.84 40.99 34.14
C SER C 49 -8.34 40.92 33.86
N TRP C 50 -9.10 41.68 34.62
CA TRP C 50 -10.51 41.90 34.40
C TRP C 50 -10.48 43.35 33.92
N ILE C 51 -10.98 43.61 32.73
CA ILE C 51 -10.94 44.93 32.14
C ILE C 51 -12.33 45.48 31.80
N ALA C 52 -12.75 46.49 32.55
CA ALA C 52 -14.03 47.13 32.33
C ALA C 52 -13.93 48.11 31.16
N PHE C 53 -14.94 48.14 30.31
CA PHE C 53 -14.93 49.06 29.22
C PHE C 53 -15.63 50.34 29.59
N ALA C 54 -14.88 51.43 29.58
CA ALA C 54 -15.42 52.77 29.85
C ALA C 54 -16.10 52.87 31.22
N ASP C 55 -17.01 53.83 31.36
CA ASP C 55 -17.68 54.04 32.63
C ASP C 55 -18.79 53.04 32.91
N PRO C 56 -19.19 52.91 34.20
CA PRO C 56 -20.38 52.12 34.48
C PRO C 56 -21.51 52.90 33.78
N VAL C 57 -22.56 52.20 33.35
CA VAL C 57 -23.64 52.80 32.60
C VAL C 57 -24.97 52.73 33.33
N GLY C 58 -25.73 53.83 33.26
CA GLY C 58 -27.06 53.88 33.87
C GLY C 58 -27.21 54.90 34.99
N ASP C 59 -27.88 54.47 36.05
CA ASP C 59 -28.15 55.31 37.22
C ASP C 59 -26.87 55.56 38.00
N GLU C 60 -26.45 56.83 38.04
CA GLU C 60 -25.22 57.27 38.73
C GLU C 60 -25.14 56.93 40.22
N GLU C 61 -26.29 56.87 40.88
CA GLU C 61 -26.35 56.56 42.32
C GLU C 61 -25.78 55.16 42.61
N ASP C 62 -25.88 54.27 41.62
CA ASP C 62 -25.37 52.90 41.76
C ASP C 62 -23.88 52.75 41.43
N PHE C 63 -23.26 53.75 40.82
CA PHE C 63 -21.84 53.69 40.38
C PHE C 63 -20.82 53.38 41.47
N PRO C 64 -20.93 54.03 42.66
CA PRO C 64 -19.93 53.70 43.68
C PRO C 64 -19.93 52.22 44.09
N ASP C 65 -21.12 51.63 44.24
CA ASP C 65 -21.23 50.21 44.60
C ASP C 65 -20.76 49.30 43.49
N LEU C 66 -21.13 49.62 42.24
CA LEU C 66 -20.68 48.84 41.09
C LEU C 66 -19.18 48.79 40.94
N VAL C 67 -18.54 49.94 41.03
CA VAL C 67 -17.08 50.01 40.90
C VAL C 67 -16.45 49.11 41.97
N TRP C 68 -17.00 49.17 43.17
CA TRP C 68 -16.50 48.39 44.29
C TRP C 68 -16.73 46.90 44.03
N GLN C 69 -17.93 46.57 43.55
CA GLN C 69 -18.30 45.17 43.23
C GLN C 69 -17.33 44.58 42.19
N PHE C 70 -16.99 45.38 41.19
CA PHE C 70 -16.10 44.95 40.12
C PHE C 70 -14.68 44.70 40.65
N VAL C 71 -14.11 45.68 41.36
CA VAL C 71 -12.77 45.53 41.90
C VAL C 71 -12.67 44.31 42.85
N GLU C 72 -13.69 44.11 43.70
CA GLU C 72 -13.71 42.97 44.63
C GLU C 72 -13.91 41.65 43.90
N ALA C 73 -14.74 41.66 42.86
CA ALA C 73 -14.99 40.46 42.06
C ALA C 73 -13.69 40.05 41.37
N ALA C 74 -12.96 41.04 40.85
CA ALA C 74 -11.67 40.81 40.18
C ALA C 74 -10.68 40.21 41.16
N ARG C 75 -10.61 40.82 42.35
CA ARG C 75 -9.70 40.37 43.42
C ARG C 75 -10.01 38.91 43.77
N GLY C 76 -11.30 38.61 43.88
CA GLY C 76 -11.77 37.27 44.20
C GLY C 76 -11.26 36.19 43.26
N ALA C 77 -11.10 36.54 41.98
CA ALA C 77 -10.59 35.60 40.97
C ALA C 77 -9.07 35.69 40.79
N GLY C 78 -8.37 36.30 41.75
CA GLY C 78 -6.93 36.44 41.67
C GLY C 78 -6.47 37.20 40.44
N ALA C 79 -7.24 38.23 40.07
CA ALA C 79 -6.95 39.04 38.91
C ALA C 79 -6.88 40.52 39.26
N ARG C 80 -6.10 41.26 38.47
CA ARG C 80 -5.99 42.71 38.66
C ARG C 80 -7.25 43.33 38.07
N ALA C 81 -7.68 44.44 38.64
CA ALA C 81 -8.87 45.15 38.18
C ALA C 81 -8.44 46.39 37.42
N ALA C 82 -8.99 46.58 36.23
CA ALA C 82 -8.68 47.78 35.42
C ALA C 82 -9.92 48.34 34.72
N PHE C 83 -9.93 49.67 34.56
CA PHE C 83 -11.00 50.39 33.86
C PHE C 83 -10.33 51.02 32.66
N TYR C 84 -10.82 50.70 31.47
CA TYR C 84 -10.23 51.18 30.22
C TYR C 84 -11.09 52.28 29.60
N GLN C 85 -10.49 53.46 29.42
CA GLN C 85 -11.15 54.64 28.83
C GLN C 85 -12.30 55.21 29.67
N ILE C 86 -12.02 55.45 30.96
CA ILE C 86 -13.02 56.08 31.84
C ILE C 86 -12.93 57.58 31.74
N SER C 87 -14.04 58.23 32.05
CA SER C 87 -14.14 59.67 31.99
C SER C 87 -13.70 60.28 33.32
N PRO C 88 -13.48 61.60 33.34
CA PRO C 88 -13.11 62.30 34.57
C PRO C 88 -14.08 62.05 35.75
N PHE C 89 -15.36 61.86 35.45
CA PHE C 89 -16.38 61.64 36.48
C PHE C 89 -16.14 60.38 37.31
N LEU C 90 -15.54 59.35 36.73
CA LEU C 90 -15.27 58.11 37.46
C LEU C 90 -13.97 58.08 38.25
N LEU C 91 -13.13 59.09 38.10
CA LEU C 91 -11.84 59.09 38.80
C LEU C 91 -11.95 58.98 40.31
N SER C 92 -12.94 59.66 40.92
CA SER C 92 -13.11 59.60 42.38
C SER C 92 -13.54 58.19 42.82
N HIS C 93 -14.43 57.55 42.06
CA HIS C 93 -14.91 56.19 42.37
C HIS C 93 -13.72 55.21 42.38
N CYS C 94 -12.85 55.37 41.39
CA CYS C 94 -11.66 54.55 41.25
C CYS C 94 -10.63 54.85 42.35
N ALA C 95 -10.43 56.12 42.69
CA ALA C 95 -9.49 56.51 43.76
C ALA C 95 -9.95 55.95 45.12
N ASP C 96 -11.25 55.94 45.38
CA ASP C 96 -11.79 55.38 46.62
C ASP C 96 -11.42 53.90 46.70
N ALA C 97 -11.28 53.26 45.52
CA ALA C 97 -10.92 51.85 45.41
C ALA C 97 -9.42 51.59 45.31
N GLY C 98 -8.58 52.61 45.54
CA GLY C 98 -7.11 52.45 45.50
C GLY C 98 -6.43 52.45 44.13
N LEU C 99 -7.14 52.91 43.10
CA LEU C 99 -6.60 52.93 41.73
C LEU C 99 -6.14 54.32 41.34
N ARG C 100 -5.11 54.40 40.49
CA ARG C 100 -4.67 55.68 39.99
C ARG C 100 -4.98 55.70 38.48
N ALA C 101 -5.08 56.90 37.93
CA ALA C 101 -5.41 57.08 36.51
C ALA C 101 -4.21 57.54 35.68
N PHE C 102 -4.19 57.10 34.42
CA PHE C 102 -3.16 57.45 33.44
C PHE C 102 -3.90 57.88 32.20
N LYS C 103 -3.55 59.04 31.67
CA LYS C 103 -4.22 59.58 30.48
C LYS C 103 -3.92 58.75 29.22
N LEU C 104 -4.98 58.21 28.60
CA LEU C 104 -4.84 57.42 27.37
C LEU C 104 -4.90 58.24 26.10
N GLY C 105 -5.67 59.32 26.15
CA GLY C 105 -5.88 60.18 24.99
C GLY C 105 -7.07 61.07 25.22
N GLU C 106 -7.58 61.63 24.13
CA GLU C 106 -8.70 62.57 24.20
C GLU C 106 -9.76 62.33 23.14
N LEU C 107 -11.03 62.46 23.54
CA LEU C 107 -12.16 62.35 22.63
C LEU C 107 -12.36 63.72 21.99
N ALA C 108 -12.74 63.73 20.73
CA ALA C 108 -13.02 64.98 20.05
C ALA C 108 -14.53 65.11 20.03
N LEU C 109 -15.07 65.96 20.90
CA LEU C 109 -16.53 66.20 21.00
C LEU C 109 -16.90 67.49 20.27
N VAL C 110 -17.80 67.39 19.31
CA VAL C 110 -18.21 68.54 18.50
C VAL C 110 -19.58 69.03 18.93
N ASP C 111 -19.65 70.28 19.37
CA ASP C 111 -20.88 70.92 19.82
C ASP C 111 -21.70 71.26 18.58
N LEU C 112 -22.76 70.49 18.35
CA LEU C 112 -23.61 70.65 17.17
C LEU C 112 -24.43 71.94 17.17
N THR C 113 -24.74 72.47 18.35
CA THR C 113 -25.50 73.72 18.43
C THR C 113 -24.66 74.91 17.92
N ALA C 114 -23.33 74.77 18.00
CA ALA C 114 -22.39 75.79 17.53
C ALA C 114 -21.71 75.43 16.19
N PHE C 115 -22.18 74.37 15.51
CA PHE C 115 -21.63 73.94 14.22
C PHE C 115 -22.46 74.65 13.15
N GLU C 116 -21.97 75.81 12.71
CA GLU C 116 -22.67 76.65 11.75
C GLU C 116 -21.96 76.56 10.38
N LEU C 117 -22.39 75.60 9.58
CA LEU C 117 -21.74 75.35 8.29
C LEU C 117 -21.75 76.52 7.30
N LYS C 118 -22.80 77.33 7.33
CA LYS C 118 -22.90 78.48 6.42
C LYS C 118 -22.02 79.67 6.86
N GLY C 119 -21.44 79.60 8.06
CA GLY C 119 -20.58 80.67 8.56
C GLY C 119 -19.18 80.57 7.99
N GLY C 120 -18.46 81.70 7.99
CA GLY C 120 -17.09 81.80 7.45
C GLY C 120 -16.06 80.93 8.14
N LYS C 121 -16.28 80.64 9.41
CA LYS C 121 -15.36 79.79 10.20
C LYS C 121 -15.24 78.37 9.64
N LEU C 122 -16.27 77.90 8.92
CA LEU C 122 -16.28 76.55 8.36
C LEU C 122 -16.40 76.52 6.83
N ALA C 123 -15.88 77.55 6.17
CA ALA C 123 -15.94 77.67 4.70
C ALA C 123 -15.30 76.50 3.95
N THR C 124 -14.16 76.01 4.42
CA THR C 124 -13.47 74.90 3.78
C THR C 124 -14.31 73.63 3.78
N LEU C 125 -14.95 73.34 4.91
CA LEU C 125 -15.80 72.15 5.03
C LEU C 125 -17.06 72.27 4.17
N ARG C 126 -17.58 73.49 4.05
CA ARG C 126 -18.77 73.73 3.23
C ARG C 126 -18.44 73.40 1.78
N GLN C 127 -17.27 73.82 1.31
CA GLN C 127 -16.81 73.54 -0.06
C GLN C 127 -16.56 72.07 -0.31
N SER C 128 -16.19 71.34 0.74
N SER C 128 -16.19 71.33 0.76
CA SER C 128 -15.94 69.90 0.64
CA SER C 128 -15.94 69.90 0.63
C SER C 128 -17.26 69.18 0.33
C SER C 128 -17.25 69.17 0.35
N LEU C 129 -18.36 69.72 0.85
CA LEU C 129 -19.69 69.15 0.65
C LEU C 129 -20.14 69.34 -0.80
N SER C 130 -19.99 70.55 -1.35
CA SER C 130 -20.39 70.79 -2.73
C SER C 130 -19.44 70.03 -3.67
N ARG C 131 -18.16 69.96 -3.29
CA ARG C 131 -17.17 69.22 -4.11
C ARG C 131 -17.54 67.74 -4.13
N GLY C 132 -17.94 67.23 -2.96
CA GLY C 132 -18.37 65.84 -2.85
C GLY C 132 -19.55 65.58 -3.77
N ALA C 133 -20.53 66.47 -3.77
CA ALA C 133 -21.72 66.32 -4.60
C ALA C 133 -21.33 66.28 -6.07
N ARG C 134 -20.46 67.22 -6.46
CA ARG C 134 -19.96 67.32 -7.83
C ARG C 134 -19.17 66.02 -8.19
N ASP C 135 -18.50 65.43 -7.21
CA ASP C 135 -17.75 64.17 -7.43
C ASP C 135 -18.66 62.91 -7.45
N GLY C 136 -19.98 63.09 -7.38
CA GLY C 136 -20.95 61.98 -7.45
C GLY C 136 -21.46 61.38 -6.15
N LEU C 137 -21.03 61.91 -5.01
CA LEU C 137 -21.45 61.39 -3.73
C LEU C 137 -22.81 61.89 -3.26
N THR C 138 -23.57 60.97 -2.68
CA THR C 138 -24.85 61.26 -2.06
C THR C 138 -24.79 60.60 -0.68
N PHE C 139 -25.56 61.16 0.25
CA PHE C 139 -25.59 60.70 1.64
C PHE C 139 -27.00 60.36 2.12
N GLU C 140 -27.09 59.37 3.00
CA GLU C 140 -28.36 58.97 3.60
C GLU C 140 -28.11 58.25 4.93
N VAL C 141 -29.01 58.48 5.88
CA VAL C 141 -29.00 57.79 7.16
C VAL C 141 -30.16 56.80 7.06
N VAL C 142 -29.83 55.52 6.92
CA VAL C 142 -30.84 54.48 6.80
C VAL C 142 -31.20 54.08 8.23
N GLU C 143 -32.45 54.29 8.60
CA GLU C 143 -32.91 53.95 9.95
C GLU C 143 -32.97 52.43 10.16
N GLN C 144 -32.91 52.03 11.42
CA GLN C 144 -32.86 50.62 11.84
C GLN C 144 -33.83 49.71 11.06
N SER C 145 -35.04 50.17 10.82
CA SER C 145 -36.06 49.42 10.07
C SER C 145 -35.69 49.05 8.62
N GLN C 146 -35.07 49.97 7.88
CA GLN C 146 -34.71 49.73 6.47
C GLN C 146 -33.27 49.19 6.21
N VAL C 147 -32.54 48.82 7.26
CA VAL C 147 -31.17 48.27 7.08
C VAL C 147 -31.15 46.93 6.30
N PRO C 148 -32.12 46.02 6.55
CA PRO C 148 -32.14 44.76 5.79
C PRO C 148 -32.04 44.91 4.27
N ASP C 149 -32.64 45.96 3.71
CA ASP C 149 -32.58 46.22 2.24
C ASP C 149 -31.16 46.57 1.73
N ILE C 150 -30.32 47.17 2.58
CA ILE C 150 -28.93 47.49 2.19
C ILE C 150 -27.90 46.48 2.73
N ASP C 152 -26.99 43.29 2.17
CA ASP C 152 -26.10 42.57 1.25
C ASP C 152 -25.00 43.45 0.66
N GLU C 153 -25.35 44.68 0.33
CA GLU C 153 -24.41 45.61 -0.24
C GLU C 153 -23.43 46.09 0.85
N LEU C 154 -23.90 46.22 2.10
CA LEU C 154 -23.02 46.62 3.18
C LEU C 154 -21.99 45.54 3.43
N GLN C 155 -22.45 44.29 3.39
CA GLN C 155 -21.59 43.13 3.58
C GLN C 155 -20.44 43.15 2.57
N GLN C 156 -20.76 43.42 1.30
CA GLN C 156 -19.73 43.48 0.23
C GLN C 156 -18.69 44.54 0.52
N VAL C 157 -19.16 45.72 0.93
CA VAL C 157 -18.25 46.83 1.25
C VAL C 157 -17.34 46.47 2.43
N SER C 158 -17.93 45.96 3.51
CA SER C 158 -17.17 45.55 4.69
C SER C 158 -16.09 44.50 4.30
N ASP C 159 -16.49 43.48 3.56
CA ASP C 159 -15.56 42.43 3.11
C ASP C 159 -14.46 42.96 2.19
N GLY C 160 -14.83 43.90 1.31
CA GLY C 160 -13.87 44.51 0.38
C GLY C 160 -12.85 45.34 1.14
N TRP C 161 -13.32 45.99 2.20
CA TRP C 161 -12.48 46.82 3.07
C TRP C 161 -11.49 45.95 3.86
N LEU C 162 -11.98 44.87 4.47
CA LEU C 162 -11.11 43.97 5.26
C LEU C 162 -10.00 43.39 4.37
N ALA C 163 -10.37 43.02 3.15
CA ALA C 163 -9.42 42.47 2.18
C ALA C 163 -8.45 43.53 1.68
N HIS C 164 -8.95 44.73 1.38
CA HIS C 164 -8.10 45.82 0.89
C HIS C 164 -7.02 46.20 1.92
N HIS C 165 -7.41 46.30 3.19
CA HIS C 165 -6.44 46.63 4.25
C HIS C 165 -5.73 45.40 4.81
N ASN C 166 -6.06 44.21 4.30
CA ASN C 166 -5.48 42.94 4.75
C ASN C 166 -5.55 42.86 6.28
N THR C 167 -6.73 43.16 6.83
CA THR C 167 -6.91 43.19 8.28
C THR C 167 -8.10 42.34 8.75
N ARG C 168 -8.20 42.19 10.06
CA ARG C 168 -9.22 41.38 10.69
C ARG C 168 -10.08 42.20 11.64
N GLU C 169 -11.28 41.71 11.91
CA GLU C 169 -12.22 42.35 12.83
C GLU C 169 -11.63 42.47 14.24
N LYS C 170 -12.07 43.50 14.95
CA LYS C 170 -11.64 43.76 16.32
C LYS C 170 -12.82 43.41 17.25
N ARG C 171 -12.61 43.59 18.56
CA ARG C 171 -13.62 43.32 19.59
C ARG C 171 -13.48 44.34 20.73
N PHE C 172 -14.31 44.17 21.76
CA PHE C 172 -14.29 44.95 23.01
C PHE C 172 -14.65 46.45 22.90
N SER C 173 -13.70 47.29 22.52
CA SER C 173 -13.96 48.73 22.35
C SER C 173 -14.38 49.07 20.92
N LEU C 174 -14.34 48.07 20.03
CA LEU C 174 -14.71 48.25 18.65
C LEU C 174 -15.67 47.14 18.27
N GLY C 175 -16.70 47.50 17.50
CA GLY C 175 -17.66 46.53 17.01
C GLY C 175 -17.11 45.91 15.73
N ALA C 176 -17.79 44.88 15.28
CA ALA C 176 -17.39 44.16 14.06
C ALA C 176 -18.61 44.00 13.16
N PHE C 177 -18.40 43.68 11.90
CA PHE C 177 -19.53 43.52 10.98
C PHE C 177 -20.14 42.14 11.21
N GLU C 178 -21.10 42.09 12.14
CA GLU C 178 -21.85 40.89 12.48
C GLU C 178 -23.29 41.35 12.17
N PRO C 179 -23.99 40.66 11.24
CA PRO C 179 -25.34 41.07 10.81
C PRO C 179 -26.33 41.53 11.89
N ASP C 180 -26.56 40.71 12.92
CA ASP C 180 -27.51 41.12 13.98
C ASP C 180 -27.11 42.45 14.65
N TYR C 181 -25.81 42.69 14.79
CA TYR C 181 -25.33 43.94 15.39
C TYR C 181 -25.58 45.13 14.45
N ILE C 182 -25.26 44.95 13.17
CA ILE C 182 -25.47 45.99 12.17
C ILE C 182 -26.97 46.33 12.00
N LEU C 183 -27.84 45.32 12.17
CA LEU C 183 -29.30 45.51 12.05
C LEU C 183 -29.92 46.26 13.21
N SER C 184 -29.21 46.34 14.34
CA SER C 184 -29.78 46.97 15.54
C SER C 184 -29.69 48.48 15.62
N GLN C 185 -28.91 49.11 14.75
CA GLN C 185 -28.73 50.55 14.83
C GLN C 185 -28.79 51.20 13.44
N PRO C 186 -29.02 52.52 13.39
CA PRO C 186 -29.04 53.21 12.10
C PRO C 186 -27.66 53.16 11.40
N VAL C 187 -27.67 53.26 10.08
CA VAL C 187 -26.42 53.22 9.30
C VAL C 187 -26.32 54.42 8.36
N ALA C 188 -25.22 55.17 8.46
CA ALA C 188 -24.99 56.31 7.57
C ALA C 188 -24.33 55.73 6.33
N VAL C 189 -24.90 56.03 5.15
CA VAL C 189 -24.33 55.52 3.91
C VAL C 189 -23.97 56.64 2.95
N LEU C 190 -23.00 56.32 2.10
CA LEU C 190 -22.51 57.22 1.10
C LEU C 190 -22.64 56.37 -0.15
N ARG C 191 -23.23 56.93 -1.19
CA ARG C 191 -23.39 56.25 -2.48
C ARG C 191 -22.71 57.05 -3.60
N LYS C 192 -22.17 56.33 -4.58
CA LYS C 192 -21.55 56.89 -5.78
C LYS C 192 -21.92 55.97 -6.94
N ASP C 193 -22.38 56.53 -8.06
CA ASP C 193 -22.75 55.71 -9.23
C ASP C 193 -23.84 54.65 -8.92
N GLY C 194 -24.80 55.00 -8.05
CA GLY C 194 -25.91 54.09 -7.68
C GLY C 194 -25.58 52.95 -6.71
N LYS C 195 -24.46 53.02 -6.02
CA LYS C 195 -24.12 51.97 -5.07
C LYS C 195 -23.37 52.51 -3.87
N ILE C 196 -23.54 51.81 -2.75
CA ILE C 196 -22.91 52.18 -1.50
C ILE C 196 -21.40 52.02 -1.61
N THR C 197 -20.70 53.13 -1.39
CA THR C 197 -19.23 53.19 -1.45
C THR C 197 -18.63 53.41 -0.06
N ALA C 198 -19.47 53.69 0.94
CA ALA C 198 -19.00 53.87 2.30
C ALA C 198 -20.16 53.75 3.31
N PHE C 199 -19.82 53.39 4.54
CA PHE C 199 -20.82 53.30 5.59
C PHE C 199 -20.21 53.40 6.98
N ALA C 200 -21.07 53.72 7.94
CA ALA C 200 -20.70 53.82 9.34
C ALA C 200 -21.94 53.65 10.17
N ASN C 201 -21.94 52.69 11.09
CA ASN C 201 -23.09 52.52 11.98
C ASN C 201 -23.14 53.68 13.02
N LEU C 202 -24.32 54.24 13.23
CA LEU C 202 -24.54 55.35 14.18
C LEU C 202 -25.04 54.88 15.50
N VAL C 204 -26.69 56.01 18.87
CA VAL C 204 -27.41 57.09 19.52
C VAL C 204 -28.16 56.55 20.74
N THR C 205 -28.76 57.45 21.53
CA THR C 205 -29.59 57.08 22.67
C THR C 205 -30.87 57.93 22.52
N GLU C 206 -31.85 57.71 23.39
CA GLU C 206 -33.10 58.49 23.31
C GLU C 206 -32.96 59.93 23.87
N THR C 207 -31.94 60.17 24.69
CA THR C 207 -31.74 61.50 25.29
C THR C 207 -31.20 62.54 24.27
N LYS C 208 -30.63 62.06 23.17
CA LYS C 208 -30.08 62.94 22.13
C LYS C 208 -28.92 63.87 22.56
N LYS C 209 -28.26 63.59 23.69
CA LYS C 209 -27.09 64.41 24.09
C LYS C 209 -25.84 64.13 23.25
N GLU C 210 -25.75 62.93 22.69
CA GLU C 210 -24.57 62.54 21.95
C GLU C 210 -24.84 61.47 20.90
N ALA C 211 -24.04 61.48 19.85
CA ALA C 211 -24.09 60.47 18.81
C ALA C 211 -22.65 60.18 18.43
N THR C 212 -22.35 58.93 18.08
CA THR C 212 -21.02 58.58 17.65
C THR C 212 -21.13 57.49 16.59
N ILE C 213 -20.01 57.15 16.00
CA ILE C 213 -19.98 56.07 15.02
C ILE C 213 -19.00 55.03 15.56
N ASP C 214 -19.18 53.79 15.13
CA ASP C 214 -18.35 52.65 15.53
C ASP C 214 -17.56 52.21 14.29
N LEU C 215 -18.14 51.38 13.43
CA LEU C 215 -17.44 51.01 12.18
C LEU C 215 -17.44 52.19 11.23
N ARG C 217 -16.13 52.44 7.17
CA ARG C 217 -15.44 51.75 6.07
C ARG C 217 -15.77 52.32 4.72
N PHE C 218 -14.73 52.66 3.99
CA PHE C 218 -14.83 53.21 2.65
C PHE C 218 -14.28 52.20 1.68
N SER C 219 -15.00 51.97 0.57
CA SER C 219 -14.49 51.05 -0.44
C SER C 219 -13.22 51.68 -1.08
N ALA C 220 -12.38 50.86 -1.71
CA ALA C 220 -11.15 51.35 -2.35
C ALA C 220 -11.43 52.42 -3.40
N ASP C 221 -12.60 52.31 -4.04
CA ASP C 221 -13.08 53.23 -5.05
C ASP C 221 -13.63 54.57 -4.54
N ALA C 222 -13.80 54.74 -3.24
CA ALA C 222 -14.35 56.01 -2.74
C ALA C 222 -13.43 57.17 -3.13
N PRO C 223 -13.98 58.27 -3.67
CA PRO C 223 -13.09 59.36 -4.08
C PRO C 223 -12.50 60.18 -2.93
N ARG C 224 -11.43 60.91 -3.24
CA ARG C 224 -10.76 61.80 -2.30
C ARG C 224 -11.79 62.81 -1.77
N GLY C 225 -11.77 63.04 -0.46
CA GLY C 225 -12.75 63.94 0.17
C GLY C 225 -14.02 63.22 0.67
N SER C 226 -14.10 61.90 0.46
CA SER C 226 -15.27 61.12 0.94
C SER C 226 -15.45 61.18 2.45
N ASP C 228 -14.39 63.73 4.46
CA ASP C 228 -14.90 65.10 4.75
C ASP C 228 -16.39 65.14 4.51
N PHE C 229 -16.80 64.62 3.35
CA PHE C 229 -18.19 64.63 2.93
C PHE C 229 -19.07 63.90 3.93
N LEU C 230 -18.65 62.70 4.33
CA LEU C 230 -19.41 61.89 5.28
C LEU C 230 -19.57 62.54 6.65
N PHE C 231 -18.47 63.06 7.20
CA PHE C 231 -18.55 63.70 8.51
C PHE C 231 -19.38 64.96 8.52
N VAL C 232 -19.20 65.82 7.52
CA VAL C 232 -19.99 67.04 7.45
C VAL C 232 -21.47 66.67 7.31
N SER C 233 -21.78 65.69 6.46
CA SER C 233 -23.17 65.26 6.24
C SER C 233 -23.79 64.69 7.51
N ILE C 234 -23.02 63.87 8.25
CA ILE C 234 -23.50 63.32 9.52
C ILE C 234 -23.77 64.45 10.52
N GLN C 236 -24.41 67.57 9.95
CA GLN C 236 -25.59 68.34 9.51
C GLN C 236 -26.88 67.60 9.84
N HIS C 237 -26.94 66.31 9.53
CA HIS C 237 -28.13 65.51 9.81
C HIS C 237 -28.43 65.51 11.33
N LEU C 238 -27.41 65.25 12.14
CA LEU C 238 -27.60 65.19 13.59
C LEU C 238 -27.99 66.54 14.18
N ARG C 239 -27.43 67.63 13.65
CA ARG C 239 -27.76 68.97 14.11
C ARG C 239 -29.25 69.22 13.89
N GLU C 240 -29.70 68.99 12.65
CA GLU C 240 -31.10 69.16 12.28
C GLU C 240 -32.06 68.23 13.05
N ALA C 241 -31.59 67.06 13.46
CA ALA C 241 -32.44 66.13 14.23
C ALA C 241 -32.49 66.46 15.72
N GLY C 242 -31.71 67.45 16.16
CA GLY C 242 -31.72 67.88 17.56
C GLY C 242 -30.69 67.30 18.53
N TYR C 243 -29.65 66.64 18.00
CA TYR C 243 -28.60 66.09 18.87
C TYR C 243 -27.69 67.23 19.33
N GLU C 244 -27.25 67.17 20.59
CA GLU C 244 -26.36 68.22 21.12
C GLU C 244 -24.90 68.12 20.70
N SER C 245 -24.39 66.89 20.58
CA SER C 245 -22.99 66.71 20.19
C SER C 245 -22.75 65.48 19.36
N PHE C 246 -21.61 65.48 18.69
CA PHE C 246 -21.14 64.36 17.89
C PHE C 246 -19.74 64.07 18.36
N ASN C 247 -19.53 62.84 18.81
CA ASN C 247 -18.28 62.37 19.36
C ASN C 247 -17.49 61.65 18.25
N LEU C 248 -16.36 62.25 17.86
CA LEU C 248 -15.51 61.70 16.78
C LEU C 248 -14.60 60.57 17.25
N GLY C 249 -14.64 60.23 18.53
CA GLY C 249 -13.81 59.14 19.05
C GLY C 249 -12.46 59.58 19.57
N ALA C 251 -8.47 60.09 20.10
CA ALA C 251 -7.35 60.51 19.30
C ALA C 251 -6.12 60.38 20.20
N PRO C 252 -4.95 60.07 19.62
CA PRO C 252 -3.76 60.04 20.47
C PRO C 252 -3.44 61.45 20.98
N SER C 254 -1.59 64.86 21.26
CA SER C 254 -0.88 65.77 20.31
C SER C 254 0.65 65.72 20.44
N ARG C 267 8.71 54.35 30.80
CA ARG C 267 8.23 53.16 30.11
C ARG C 267 6.70 53.16 29.91
N ILE C 268 5.96 53.65 30.91
CA ILE C 268 4.50 53.70 30.79
C ILE C 268 4.10 54.68 29.69
N GLY C 269 4.80 55.81 29.58
CA GLY C 269 4.54 56.81 28.54
C GLY C 269 4.77 56.25 27.15
N SER C 270 5.80 55.43 27.00
CA SER C 270 6.14 54.78 25.73
C SER C 270 5.04 53.81 25.32
N THR C 271 4.50 53.09 26.30
CA THR C 271 3.45 52.09 26.07
C THR C 271 2.13 52.76 25.66
N LEU C 272 1.76 53.84 26.36
CA LEU C 272 0.54 54.59 26.07
C LEU C 272 0.59 55.20 24.69
N PHE C 273 1.72 55.81 24.34
CA PHE C 273 1.92 56.42 23.02
C PHE C 273 1.71 55.40 21.90
N GLU C 274 2.34 54.23 22.02
CA GLU C 274 2.20 53.19 20.99
C GLU C 274 0.77 52.59 20.98
N HIS C 275 0.13 52.52 22.15
CA HIS C 275 -1.24 52.03 22.25
C HIS C 275 -2.15 52.93 21.44
N GLY C 276 -1.96 54.24 21.60
CA GLY C 276 -2.75 55.27 20.89
C GLY C 276 -2.64 55.15 19.38
N GLU C 277 -1.42 55.03 18.87
CA GLU C 277 -1.20 54.85 17.43
C GLU C 277 -1.88 53.58 16.92
N ARG C 278 -1.84 52.52 17.73
CA ARG C 278 -2.38 51.24 17.35
C ARG C 278 -3.94 51.17 17.28
N PHE C 279 -4.63 51.92 18.13
CA PHE C 279 -6.10 51.84 18.15
C PHE C 279 -6.93 53.10 17.93
N TYR C 280 -6.33 54.29 18.00
CA TYR C 280 -7.10 55.54 17.88
C TYR C 280 -7.05 56.31 16.54
N ASN C 281 -6.54 55.64 15.49
CA ASN C 281 -6.43 56.23 14.15
C ASN C 281 -7.29 55.53 13.09
N PHE C 282 -8.31 54.77 13.48
CA PHE C 282 -9.15 54.10 12.47
C PHE C 282 -10.19 55.03 11.81
N LYS C 283 -10.76 55.96 12.57
CA LYS C 283 -11.78 56.87 11.99
C LYS C 283 -11.30 58.32 11.94
N GLY C 284 -10.15 58.50 11.28
CA GLY C 284 -9.52 59.79 11.10
C GLY C 284 -8.39 60.05 12.08
N LEU C 285 -7.35 60.71 11.58
CA LEU C 285 -6.20 61.11 12.39
C LEU C 285 -6.57 62.35 13.21
N ARG C 286 -5.72 62.71 14.17
CA ARG C 286 -6.00 63.86 15.04
C ARG C 286 -6.23 65.19 14.24
N ALA C 287 -5.42 65.43 13.21
CA ALA C 287 -5.54 66.63 12.38
C ALA C 287 -6.88 66.69 11.63
N PHE C 288 -7.42 65.53 11.24
CA PHE C 288 -8.70 65.47 10.56
C PHE C 288 -9.81 65.95 11.51
N LYS C 289 -9.84 65.36 12.71
CA LYS C 289 -10.84 65.73 13.73
C LYS C 289 -10.73 67.19 14.18
N ALA C 290 -9.50 67.70 14.24
CA ALA C 290 -9.25 69.08 14.68
C ALA C 290 -9.89 70.15 13.80
N LYS C 291 -10.07 69.88 12.51
CA LYS C 291 -10.69 70.89 11.63
C LYS C 291 -12.21 71.07 11.88
N PHE C 292 -12.77 70.31 12.81
CA PHE C 292 -14.19 70.47 13.18
C PHE C 292 -14.32 71.31 14.46
N HIS C 293 -13.18 71.80 14.98
CA HIS C 293 -13.12 72.62 16.21
C HIS C 293 -13.83 71.95 17.42
N PRO C 294 -13.41 70.73 17.76
CA PRO C 294 -14.00 70.04 18.90
C PRO C 294 -13.35 70.41 20.22
N LYS C 295 -14.05 70.20 21.33
CA LYS C 295 -13.40 70.40 22.63
C LYS C 295 -12.82 69.01 22.90
N TRP C 296 -11.58 68.96 23.37
CA TRP C 296 -10.89 67.69 23.65
C TRP C 296 -11.08 67.23 25.10
N GLU C 297 -11.78 66.11 25.31
CA GLU C 297 -11.98 65.55 26.67
C GLU C 297 -11.10 64.34 26.92
N PRO C 298 -10.39 64.33 28.06
CA PRO C 298 -9.49 63.20 28.32
C PRO C 298 -10.20 61.92 28.79
N ARG C 299 -9.60 60.77 28.48
CA ARG C 299 -10.08 59.46 28.93
C ARG C 299 -8.87 58.78 29.54
N TYR C 300 -9.11 57.96 30.58
CA TYR C 300 -8.04 57.34 31.35
C TYR C 300 -8.10 55.84 31.50
N LEU C 301 -6.94 55.30 31.88
CA LEU C 301 -6.77 53.89 32.21
C LEU C 301 -6.59 53.92 33.72
N ALA C 302 -7.47 53.26 34.45
CA ALA C 302 -7.39 53.18 35.92
C ALA C 302 -6.88 51.82 36.34
N VAL C 303 -5.83 51.79 37.14
CA VAL C 303 -5.24 50.53 37.65
C VAL C 303 -4.67 50.79 39.04
N GLN C 304 -4.38 49.72 39.77
CA GLN C 304 -3.82 49.87 41.14
C GLN C 304 -2.52 50.68 41.17
N ASN C 305 -1.55 50.26 40.34
CA ASN C 305 -0.23 50.91 40.27
C ASN C 305 0.36 50.94 38.86
N GLY C 306 1.46 51.68 38.70
CA GLY C 306 2.13 51.83 37.40
C GLY C 306 2.61 50.56 36.71
N ALA C 307 3.12 49.59 37.48
CA ALA C 307 3.61 48.31 36.91
C ALA C 307 2.46 47.52 36.27
N ASP C 308 1.31 47.51 36.95
CA ASP C 308 0.12 46.83 36.43
C ASP C 308 -0.45 47.52 35.20
N ALA C 309 -0.19 48.82 35.03
CA ALA C 309 -0.70 49.54 33.88
C ALA C 309 -0.24 48.87 32.57
N ALA C 310 1.06 48.67 32.42
CA ALA C 310 1.61 48.02 31.21
C ALA C 310 1.02 46.62 31.00
N LEU C 311 0.97 45.83 32.06
CA LEU C 311 0.41 44.46 32.01
C LEU C 311 -1.08 44.47 31.70
N ALA C 312 -1.82 45.36 32.34
CA ALA C 312 -3.26 45.47 32.08
C ALA C 312 -3.47 45.96 30.66
N LEU C 313 -2.63 46.87 30.20
CA LEU C 313 -2.79 47.42 28.84
C LEU C 313 -2.49 46.34 27.79
N ASP C 315 -3.17 43.06 28.28
CA ASP C 315 -4.37 42.22 28.26
C ASP C 315 -5.51 42.89 27.46
N ALA C 316 -5.64 44.21 27.56
CA ALA C 316 -6.64 44.98 26.78
C ALA C 316 -6.35 44.89 25.29
N THR C 317 -5.08 44.94 24.93
CA THR C 317 -4.68 44.85 23.52
C THR C 317 -5.13 43.52 22.92
N VAL C 318 -5.00 42.45 23.68
CA VAL C 318 -5.43 41.13 23.24
C VAL C 318 -6.97 41.08 23.12
N LEU C 319 -7.67 41.65 24.11
CA LEU C 319 -9.15 41.69 24.07
C LEU C 319 -9.68 42.39 22.83
N ILE C 320 -8.97 43.41 22.37
CA ILE C 320 -9.41 44.19 21.20
C ILE C 320 -8.99 43.52 19.91
N SER C 321 -7.73 43.09 19.84
CA SER C 321 -7.16 42.49 18.62
C SER C 321 -7.69 41.10 18.29
N GLY C 322 -7.75 40.24 19.30
CA GLY C 322 -8.24 38.86 19.13
C GLY C 322 -9.48 38.77 19.98
N GLY C 323 -9.30 38.34 21.23
CA GLY C 323 -10.40 38.26 22.17
C GLY C 323 -11.39 37.16 21.91
N VAL C 324 -12.64 37.40 22.33
CA VAL C 324 -13.69 36.39 22.21
C VAL C 324 -14.43 36.35 20.87
N ARG C 325 -15.02 35.20 20.58
CA ARG C 325 -15.79 35.01 19.37
C ARG C 325 -17.04 35.90 19.41
N GLY C 326 -17.66 35.96 20.58
CA GLY C 326 -18.86 36.77 20.79
C GLY C 326 -20.12 36.03 20.40
N VAL C 327 -21.26 36.65 20.68
CA VAL C 327 -22.55 36.07 20.33
C VAL C 327 -22.76 36.21 18.81
N ILE C 328 -22.32 35.19 18.06
CA ILE C 328 -22.47 35.17 16.59
C ILE C 328 -23.14 33.88 16.14
N SER D 1 5.93 37.97 -6.99
CA SER D 1 4.58 37.92 -6.35
C SER D 1 4.64 37.16 -5.04
N ASN D 2 3.78 37.54 -4.10
CA ASN D 2 3.75 36.91 -2.78
C ASN D 2 3.57 35.39 -2.86
N ALA D 3 2.65 34.96 -3.73
CA ALA D 3 2.38 33.53 -3.92
C ALA D 3 3.63 32.78 -4.39
N GLU D 4 4.39 33.36 -5.33
CA GLU D 4 5.64 32.73 -5.82
C GLU D 4 6.69 32.67 -4.70
N ASP D 5 6.75 33.72 -3.88
CA ASP D 5 7.67 33.75 -2.72
C ASP D 5 7.36 32.62 -1.72
N VAL D 6 6.09 32.46 -1.39
CA VAL D 6 5.65 31.40 -0.46
C VAL D 6 5.98 30.00 -1.02
N GLU D 7 5.81 29.81 -2.32
CA GLU D 7 6.12 28.54 -3.00
C GLU D 7 7.63 28.24 -2.89
N ARG D 8 8.44 29.26 -3.17
CA ARG D 8 9.88 29.13 -3.11
C ARG D 8 10.32 28.85 -1.68
N ALA D 9 9.82 29.63 -0.73
CA ALA D 9 10.14 29.47 0.69
C ALA D 9 9.80 28.05 1.16
N THR D 10 8.63 27.55 0.75
CA THR D 10 8.22 26.18 1.12
C THR D 10 9.20 25.11 0.61
N ASP D 11 9.71 25.27 -0.63
CA ASP D 11 10.71 24.33 -1.20
C ASP D 11 11.97 24.29 -0.32
N ILE D 12 12.38 25.47 0.15
CA ILE D 12 13.52 25.59 1.06
C ILE D 12 13.20 24.88 2.39
N VAL D 13 12.00 25.09 2.92
CA VAL D 13 11.60 24.44 4.19
C VAL D 13 11.71 22.91 4.13
N ARG D 15 13.60 21.01 2.47
CA ARG D 15 14.97 20.48 2.38
C ARG D 15 15.81 20.80 3.64
N GLN D 16 15.20 21.39 4.66
CA GLN D 16 15.95 21.70 5.91
C GLN D 16 15.27 20.98 7.09
N ASP D 17 15.86 21.09 8.28
CA ASP D 17 15.36 20.34 9.45
C ASP D 17 14.23 20.92 10.32
N SER D 18 14.02 22.23 10.28
CA SER D 18 12.97 22.85 11.12
C SER D 18 11.53 22.66 10.64
N ALA D 19 10.77 21.87 11.41
CA ALA D 19 9.36 21.60 11.10
C ALA D 19 8.46 22.83 11.18
N ASP D 20 8.65 23.68 12.19
CA ASP D 20 7.80 24.88 12.35
C ASP D 20 7.94 25.92 11.23
N ALA D 21 9.00 25.78 10.42
CA ALA D 21 9.22 26.67 9.28
C ALA D 21 8.04 26.59 8.28
N ASN D 22 7.36 25.44 8.28
CA ASN D 22 6.17 25.22 7.43
C ASN D 22 5.07 26.27 7.68
N LEU D 23 5.15 26.99 8.80
CA LEU D 23 4.20 28.07 9.05
C LEU D 23 4.25 29.14 7.95
N VAL D 24 5.34 29.18 7.17
CA VAL D 24 5.41 30.14 6.06
C VAL D 24 4.25 29.90 5.06
N ARG D 25 3.78 28.65 5.00
CA ARG D 25 2.67 28.24 4.10
C ARG D 25 1.38 29.03 4.32
N GLY D 27 0.98 32.01 4.43
CA GLY D 27 1.02 33.18 3.55
C GLY D 27 0.69 34.48 4.24
N ASP D 28 0.78 34.49 5.58
CA ASP D 28 0.49 35.72 6.37
C ASP D 28 1.73 36.54 6.77
N LYS D 29 2.92 35.96 6.57
CA LYS D 29 4.16 36.61 6.90
C LYS D 29 4.89 37.04 5.64
N HIS D 30 5.64 38.14 5.73
CA HIS D 30 6.43 38.61 4.61
C HIS D 30 7.66 37.71 4.54
N VAL D 31 8.18 37.51 3.33
CA VAL D 31 9.36 36.68 3.13
C VAL D 31 10.50 37.56 2.57
N PHE D 33 14.36 36.98 1.16
CA PHE D 33 15.35 35.98 0.74
C PHE D 33 16.78 36.49 0.81
N SER D 34 17.72 35.55 0.92
CA SER D 34 19.14 35.86 0.90
C SER D 34 19.47 36.11 -0.56
N GLU D 35 20.65 36.64 -0.83
CA GLU D 35 21.07 36.92 -2.21
C GLU D 35 20.93 35.67 -3.10
N SER D 36 21.43 34.54 -2.58
CA SER D 36 21.41 33.27 -3.32
C SER D 36 20.01 32.72 -3.56
N GLY D 37 19.07 33.10 -2.71
CA GLY D 37 17.71 32.61 -2.78
C GLY D 37 17.62 31.23 -2.16
N ASN D 38 18.64 30.85 -1.37
CA ASN D 38 18.68 29.53 -0.68
C ASN D 38 18.29 29.62 0.79
N ALA D 39 17.90 30.81 1.24
CA ALA D 39 17.51 31.00 2.64
C ALA D 39 16.57 32.20 2.77
N PHE D 40 15.77 32.22 3.84
CA PHE D 40 14.85 33.32 4.03
C PHE D 40 14.48 33.59 5.47
N ILE D 41 14.01 34.81 5.69
CA ILE D 41 13.48 35.25 6.97
C ILE D 41 12.01 35.55 6.71
N TYR D 43 8.71 37.26 8.38
CA TYR D 43 8.46 38.28 9.40
C TYR D 43 7.13 39.00 9.25
N GLY D 44 6.79 39.76 10.28
CA GLY D 44 5.60 40.57 10.32
C GLY D 44 5.99 41.99 10.66
N ILE D 45 5.10 42.92 10.34
CA ILE D 45 5.30 44.35 10.62
C ILE D 45 4.07 44.79 11.38
N GLN D 46 4.25 45.31 12.59
CA GLN D 46 3.14 45.75 13.41
C GLN D 46 3.55 46.98 14.19
N GLY D 47 2.84 48.08 13.97
CA GLY D 47 3.14 49.33 14.62
C GLY D 47 4.55 49.76 14.28
N ARG D 48 5.37 50.00 15.30
CA ARG D 48 6.75 50.44 15.13
C ARG D 48 7.78 49.30 15.29
N SER D 49 7.37 48.06 14.99
CA SER D 49 8.27 46.92 15.08
C SER D 49 8.20 46.04 13.85
N TRP D 50 9.35 45.46 13.49
CA TRP D 50 9.48 44.45 12.44
C TRP D 50 9.89 43.22 13.23
N ILE D 51 9.05 42.19 13.24
CA ILE D 51 9.29 41.00 14.04
C ILE D 51 9.50 39.77 13.19
N ALA D 52 10.70 39.20 13.27
CA ALA D 52 11.04 37.99 12.54
C ALA D 52 10.50 36.83 13.34
N PHE D 53 9.93 35.84 12.67
CA PHE D 53 9.45 34.65 13.34
C PHE D 53 10.53 33.60 13.33
N ALA D 54 11.04 33.29 14.52
CA ALA D 54 12.07 32.29 14.72
C ALA D 54 13.34 32.56 13.89
N ASP D 55 14.12 31.52 13.64
CA ASP D 55 15.37 31.66 12.90
C ASP D 55 15.19 31.84 11.39
N PRO D 56 16.24 32.32 10.72
CA PRO D 56 16.18 32.31 9.27
C PRO D 56 16.17 30.82 8.87
N VAL D 57 15.63 30.51 7.70
CA VAL D 57 15.51 29.14 7.25
C VAL D 57 16.27 28.87 5.97
N GLY D 58 16.85 27.67 5.89
CA GLY D 58 17.58 27.23 4.71
C GLY D 58 19.08 27.09 4.90
N ASP D 59 19.81 27.60 3.92
CA ASP D 59 21.26 27.53 3.88
C ASP D 59 21.91 28.43 4.94
N GLU D 60 22.43 27.78 5.98
CA GLU D 60 23.11 28.45 7.11
C GLU D 60 24.23 29.44 6.74
N GLU D 61 24.87 29.25 5.60
CA GLU D 61 25.95 30.15 5.16
C GLU D 61 25.43 31.58 4.91
N ASP D 62 24.15 31.71 4.56
CA ASP D 62 23.51 33.02 4.30
C ASP D 62 22.94 33.72 5.54
N PHE D 63 22.88 33.01 6.68
CA PHE D 63 22.25 33.56 7.90
C PHE D 63 22.84 34.90 8.38
N PRO D 64 24.18 35.01 8.54
CA PRO D 64 24.75 36.28 9.01
C PRO D 64 24.34 37.47 8.13
N ASP D 65 24.42 37.32 6.81
CA ASP D 65 24.02 38.40 5.90
C ASP D 65 22.50 38.63 5.99
N LEU D 66 21.71 37.55 6.08
CA LEU D 66 20.23 37.71 6.20
C LEU D 66 19.82 38.46 7.45
N VAL D 67 20.39 38.08 8.59
CA VAL D 67 20.09 38.75 9.85
C VAL D 67 20.44 40.23 9.76
N TRP D 68 21.56 40.55 9.14
CA TRP D 68 21.97 41.94 9.01
C TRP D 68 21.02 42.72 8.08
N GLN D 69 20.62 42.09 6.96
CA GLN D 69 19.68 42.72 5.99
C GLN D 69 18.36 43.09 6.67
N PHE D 70 17.84 42.17 7.46
CA PHE D 70 16.59 42.39 8.19
C PHE D 70 16.68 43.56 9.17
N VAL D 71 17.73 43.55 9.99
CA VAL D 71 17.92 44.62 10.96
C VAL D 71 18.07 45.96 10.22
N GLU D 72 18.84 45.96 9.14
CA GLU D 72 19.04 47.20 8.35
C GLU D 72 17.74 47.67 7.71
N ALA D 73 16.90 46.72 7.29
CA ALA D 73 15.62 47.05 6.69
C ALA D 73 14.74 47.75 7.74
N ALA D 74 14.59 47.12 8.91
CA ALA D 74 13.79 47.68 10.01
C ALA D 74 14.23 49.11 10.32
N ARG D 75 15.53 49.32 10.44
CA ARG D 75 16.08 50.67 10.72
C ARG D 75 15.67 51.62 9.59
N GLY D 76 15.76 51.15 8.35
CA GLY D 76 15.39 51.92 7.18
C GLY D 76 13.96 52.43 7.27
N ALA D 77 13.05 51.54 7.67
CA ALA D 77 11.63 51.88 7.81
C ALA D 77 11.33 52.61 9.13
N GLY D 78 12.36 52.85 9.94
CA GLY D 78 12.19 53.55 11.22
C GLY D 78 11.48 52.71 12.26
N ALA D 79 11.71 51.41 12.22
CA ALA D 79 11.08 50.47 13.14
C ALA D 79 12.14 49.69 13.90
N ARG D 80 11.78 49.21 15.09
CA ARG D 80 12.69 48.42 15.89
C ARG D 80 12.69 47.02 15.27
N ALA D 81 13.85 46.37 15.30
CA ALA D 81 14.02 45.05 14.74
C ALA D 81 13.98 44.08 15.90
N ALA D 82 13.21 42.99 15.76
CA ALA D 82 13.10 41.99 16.80
C ALA D 82 12.96 40.60 16.20
N PHE D 83 13.56 39.62 16.86
CA PHE D 83 13.46 38.22 16.47
C PHE D 83 12.68 37.48 17.55
N TYR D 84 11.60 36.80 17.17
CA TYR D 84 10.72 36.09 18.10
C TYR D 84 10.88 34.57 18.04
N GLN D 85 11.25 33.98 19.19
CA GLN D 85 11.49 32.54 19.38
C GLN D 85 12.69 32.01 18.60
N ILE D 86 13.82 32.69 18.70
CA ILE D 86 15.03 32.26 18.01
C ILE D 86 15.76 31.21 18.84
N SER D 87 16.48 30.34 18.13
CA SER D 87 17.21 29.26 18.79
C SER D 87 18.58 29.75 19.25
N PRO D 88 19.24 28.99 20.16
CA PRO D 88 20.58 29.35 20.64
C PRO D 88 21.60 29.57 19.54
N PHE D 89 21.47 28.85 18.42
CA PHE D 89 22.38 28.99 17.28
C PHE D 89 22.37 30.42 16.70
N LEU D 90 21.22 31.12 16.75
CA LEU D 90 21.11 32.48 16.22
C LEU D 90 21.51 33.65 17.13
N LEU D 91 21.89 33.37 18.37
CA LEU D 91 22.27 34.44 19.31
C LEU D 91 23.54 35.22 18.90
N SER D 92 24.52 34.53 18.31
CA SER D 92 25.75 35.21 17.87
C SER D 92 25.44 36.13 16.67
N HIS D 93 24.61 35.67 15.73
CA HIS D 93 24.24 36.50 14.56
C HIS D 93 23.52 37.75 15.05
N CYS D 94 22.70 37.59 16.09
CA CYS D 94 21.96 38.71 16.69
C CYS D 94 22.86 39.64 17.51
N ALA D 95 23.78 39.06 18.28
CA ALA D 95 24.74 39.84 19.08
C ALA D 95 25.58 40.76 18.18
N ASP D 96 26.07 40.22 17.07
CA ASP D 96 26.86 40.99 16.10
C ASP D 96 26.07 42.23 15.67
N ALA D 97 24.75 42.13 15.62
CA ALA D 97 23.90 43.27 15.23
C ALA D 97 23.42 44.10 16.43
N GLY D 98 24.09 43.97 17.58
CA GLY D 98 23.76 44.71 18.79
C GLY D 98 22.51 44.32 19.56
N LEU D 99 21.95 43.14 19.28
CA LEU D 99 20.73 42.68 19.96
C LEU D 99 20.99 41.79 21.19
N ARG D 100 20.29 42.10 22.29
CA ARG D 100 20.34 41.35 23.54
C ARG D 100 19.27 40.26 23.42
N ALA D 101 19.44 39.15 24.15
CA ALA D 101 18.48 38.04 24.12
C ALA D 101 17.82 37.78 25.49
N PHE D 102 16.52 37.46 25.46
CA PHE D 102 15.73 37.13 26.66
C PHE D 102 15.01 35.83 26.43
N LYS D 103 15.14 34.91 27.38
CA LYS D 103 14.51 33.60 27.29
C LYS D 103 12.97 33.72 27.38
N LEU D 104 12.28 33.17 26.38
CA LEU D 104 10.81 33.20 26.31
C LEU D 104 10.18 32.00 26.96
N GLY D 105 10.86 30.87 26.87
CA GLY D 105 10.38 29.60 27.40
C GLY D 105 11.24 28.50 26.83
N GLU D 106 10.72 27.29 26.80
CA GLU D 106 11.46 26.13 26.31
C GLU D 106 10.63 25.24 25.40
N LEU D 107 11.25 24.66 24.38
CA LEU D 107 10.60 23.68 23.50
C LEU D 107 10.83 22.29 24.12
N ALA D 108 9.82 21.43 24.03
CA ALA D 108 9.93 20.06 24.54
C ALA D 108 10.26 19.16 23.37
N LEU D 109 11.51 18.70 23.27
CA LEU D 109 11.91 17.82 22.16
C LEU D 109 11.97 16.35 22.62
N VAL D 110 11.12 15.51 22.03
CA VAL D 110 11.10 14.09 22.38
C VAL D 110 11.91 13.29 21.36
N ASP D 111 12.89 12.55 21.84
CA ASP D 111 13.74 11.72 20.98
C ASP D 111 12.93 10.46 20.66
N LEU D 112 12.61 10.27 19.39
CA LEU D 112 11.82 9.11 18.94
C LEU D 112 12.59 7.79 18.84
N THR D 113 13.92 7.85 18.74
CA THR D 113 14.74 6.65 18.69
C THR D 113 14.85 6.05 20.10
N ALA D 114 14.75 6.91 21.13
CA ALA D 114 14.81 6.48 22.53
C ALA D 114 13.41 6.23 23.12
N PHE D 115 12.35 6.70 22.45
CA PHE D 115 10.97 6.53 22.90
C PHE D 115 10.50 5.08 22.73
N GLU D 116 10.46 4.33 23.82
CA GLU D 116 10.03 2.92 23.75
C GLU D 116 8.83 2.71 24.68
N LEU D 117 7.66 2.61 24.07
CA LEU D 117 6.40 2.47 24.79
C LEU D 117 6.28 1.13 25.53
N LYS D 118 6.85 0.08 24.96
CA LYS D 118 6.80 -1.25 25.60
C LYS D 118 7.75 -1.39 26.82
N GLY D 119 8.56 -0.37 27.08
CA GLY D 119 9.48 -0.38 28.22
C GLY D 119 8.82 0.05 29.52
N GLY D 120 9.40 -0.38 30.64
CA GLY D 120 8.89 -0.06 31.98
C GLY D 120 8.93 1.41 32.36
N LYS D 121 9.71 2.20 31.62
CA LYS D 121 9.85 3.63 31.87
C LYS D 121 8.58 4.43 31.49
N LEU D 122 7.82 3.93 30.51
CA LEU D 122 6.60 4.60 30.06
C LEU D 122 5.35 3.74 30.26
N ALA D 123 5.29 3.03 31.40
CA ALA D 123 4.14 2.15 31.71
C ALA D 123 2.79 2.89 31.74
N THR D 124 2.77 4.08 32.35
CA THR D 124 1.55 4.89 32.42
C THR D 124 1.07 5.25 31.00
N LEU D 125 2.00 5.64 30.13
CA LEU D 125 1.66 6.01 28.75
C LEU D 125 1.12 4.81 27.94
N ARG D 126 1.77 3.66 28.06
CA ARG D 126 1.32 2.46 27.34
C ARG D 126 -0.10 2.11 27.78
N GLN D 127 -0.37 2.24 29.09
CA GLN D 127 -1.70 1.96 29.63
C GLN D 127 -2.75 2.94 29.11
N SER D 128 -2.35 4.19 28.86
CA SER D 128 -3.27 5.20 28.32
C SER D 128 -3.70 4.84 26.90
N LEU D 129 -2.76 4.31 26.12
CA LEU D 129 -3.02 3.92 24.73
C LEU D 129 -4.13 2.87 24.66
N SER D 130 -3.98 1.79 25.41
CA SER D 130 -4.97 0.71 25.44
C SER D 130 -6.27 1.15 26.12
N ARG D 131 -6.19 2.11 27.04
CA ARG D 131 -7.37 2.63 27.75
C ARG D 131 -8.28 3.38 26.76
N GLY D 132 -7.67 4.22 25.93
CA GLY D 132 -8.41 4.98 24.92
C GLY D 132 -8.95 4.10 23.80
N ALA D 133 -8.21 3.05 23.46
CA ALA D 133 -8.64 2.11 22.41
C ALA D 133 -9.91 1.36 22.84
N ARG D 134 -9.96 0.97 24.13
CA ARG D 134 -11.16 0.31 24.68
C ARG D 134 -12.31 1.30 24.86
N ASP D 135 -12.00 2.60 24.81
CA ASP D 135 -13.02 3.66 24.88
C ASP D 135 -13.52 4.09 23.48
N GLY D 136 -13.23 3.30 22.45
CA GLY D 136 -13.68 3.59 21.08
C GLY D 136 -12.76 4.45 20.20
N LEU D 137 -11.69 5.00 20.78
CA LEU D 137 -10.77 5.84 20.01
C LEU D 137 -9.91 5.06 19.01
N THR D 138 -9.82 5.60 17.80
CA THR D 138 -8.99 5.04 16.73
C THR D 138 -8.17 6.22 16.16
N PHE D 139 -6.93 5.94 15.75
CA PHE D 139 -6.00 6.95 15.21
C PHE D 139 -5.68 6.71 13.73
N GLU D 140 -5.33 7.78 13.03
CA GLU D 140 -4.96 7.69 11.63
C GLU D 140 -4.28 8.99 11.17
N VAL D 141 -3.23 8.85 10.37
CA VAL D 141 -2.55 9.99 9.78
C VAL D 141 -3.04 10.02 8.35
N VAL D 142 -3.90 10.99 8.02
CA VAL D 142 -4.43 11.12 6.68
C VAL D 142 -3.45 11.94 5.84
N GLU D 143 -2.93 11.34 4.78
CA GLU D 143 -1.98 12.03 3.89
C GLU D 143 -2.68 13.12 3.08
N GLN D 144 -1.89 13.99 2.45
CA GLN D 144 -2.42 15.13 1.68
C GLN D 144 -3.55 14.77 0.71
N SER D 145 -3.35 13.68 -0.04
CA SER D 145 -4.34 13.22 -1.03
C SER D 145 -5.72 12.84 -0.48
N GLN D 146 -5.78 12.41 0.79
CA GLN D 146 -7.06 12.02 1.41
C GLN D 146 -7.73 13.09 2.28
N VAL D 147 -7.03 14.19 2.54
CA VAL D 147 -7.57 15.30 3.37
C VAL D 147 -8.88 15.86 2.80
N PRO D 148 -9.00 16.01 1.46
CA PRO D 148 -10.28 16.52 0.92
C PRO D 148 -11.52 15.69 1.28
N ASP D 149 -11.34 14.38 1.51
CA ASP D 149 -12.46 13.49 1.89
C ASP D 149 -12.94 13.73 3.33
N ILE D 150 -12.07 14.26 4.19
CA ILE D 150 -12.40 14.57 5.59
C ILE D 150 -12.40 16.09 5.89
N ASP D 152 -14.76 18.44 5.16
CA ASP D 152 -16.05 18.89 5.68
C ASP D 152 -16.19 18.57 7.17
N GLU D 153 -15.78 17.36 7.55
CA GLU D 153 -15.87 16.94 8.94
C GLU D 153 -14.86 17.71 9.79
N LEU D 154 -13.63 17.88 9.27
CA LEU D 154 -12.61 18.68 9.98
C LEU D 154 -13.09 20.12 10.17
N GLN D 155 -13.77 20.69 9.16
CA GLN D 155 -14.30 22.06 9.25
C GLN D 155 -15.30 22.15 10.40
N GLN D 156 -16.19 21.16 10.51
CA GLN D 156 -17.18 21.15 11.58
C GLN D 156 -16.52 21.04 12.97
N VAL D 157 -15.55 20.13 13.12
CA VAL D 157 -14.83 19.98 14.40
C VAL D 157 -14.14 21.29 14.79
N SER D 158 -13.50 21.94 13.82
CA SER D 158 -12.80 23.20 14.04
C SER D 158 -13.78 24.29 14.47
N ASP D 159 -14.91 24.41 13.75
CA ASP D 159 -15.95 25.40 14.07
C ASP D 159 -16.55 25.17 15.46
N GLY D 160 -16.75 23.90 15.82
CA GLY D 160 -17.28 23.56 17.15
C GLY D 160 -16.29 23.91 18.26
N TRP D 161 -15.00 23.71 17.98
CA TRP D 161 -13.95 24.03 18.94
C TRP D 161 -13.87 25.55 19.20
N LEU D 162 -13.94 26.35 18.13
CA LEU D 162 -13.87 27.82 18.25
C LEU D 162 -15.09 28.36 19.00
N ALA D 163 -16.25 27.74 18.79
CA ALA D 163 -17.49 28.13 19.48
C ALA D 163 -17.48 27.68 20.94
N HIS D 164 -17.01 26.47 21.20
CA HIS D 164 -16.96 25.93 22.57
C HIS D 164 -16.04 26.74 23.49
N HIS D 165 -14.87 27.11 22.99
CA HIS D 165 -13.91 27.90 23.77
C HIS D 165 -14.14 29.41 23.63
N ASN D 166 -15.12 29.79 22.81
CA ASN D 166 -15.47 31.19 22.58
C ASN D 166 -14.23 31.98 22.18
N THR D 167 -13.47 31.43 21.23
CA THR D 167 -12.23 32.04 20.79
C THR D 167 -12.20 32.27 19.27
N ARG D 168 -11.14 32.93 18.83
CA ARG D 168 -10.95 33.25 17.42
C ARG D 168 -9.62 32.73 16.93
N GLU D 169 -9.49 32.63 15.61
CA GLU D 169 -8.25 32.18 14.99
C GLU D 169 -7.11 33.13 15.32
N LYS D 170 -5.89 32.61 15.24
CA LYS D 170 -4.68 33.35 15.52
C LYS D 170 -3.88 33.45 14.21
N ARG D 171 -2.69 34.05 14.28
CA ARG D 171 -1.83 34.22 13.12
C ARG D 171 -0.36 34.17 13.55
N PHE D 172 0.52 34.43 12.59
CA PHE D 172 1.97 34.54 12.78
C PHE D 172 2.68 33.27 13.27
N SER D 173 2.72 33.04 14.58
CA SER D 173 3.36 31.85 15.15
C SER D 173 2.38 30.67 15.25
N LEU D 174 1.10 30.92 14.92
CA LEU D 174 0.08 29.90 14.95
C LEU D 174 -0.67 29.90 13.64
N GLY D 175 -0.94 28.72 13.12
CA GLY D 175 -1.70 28.62 11.87
C GLY D 175 -3.17 28.74 12.19
N ALA D 176 -3.99 28.86 11.15
CA ALA D 176 -5.44 28.94 11.34
C ALA D 176 -6.12 27.93 10.42
N PHE D 177 -7.40 27.64 10.68
CA PHE D 177 -8.12 26.67 9.84
C PHE D 177 -8.58 27.37 8.56
N GLU D 178 -7.67 27.39 7.58
CA GLU D 178 -7.91 27.97 6.26
C GLU D 178 -7.77 26.76 5.32
N PRO D 179 -8.83 26.41 4.55
CA PRO D 179 -8.80 25.25 3.65
C PRO D 179 -7.50 24.97 2.91
N ASP D 180 -7.02 25.91 2.09
CA ASP D 180 -5.79 25.69 1.31
C ASP D 180 -4.58 25.33 2.19
N TYR D 181 -4.54 25.86 3.41
CA TYR D 181 -3.46 25.55 4.33
C TYR D 181 -3.56 24.13 4.88
N ILE D 182 -4.77 23.74 5.29
CA ILE D 182 -5.01 22.41 5.83
C ILE D 182 -4.75 21.31 4.77
N LEU D 183 -4.98 21.64 3.50
CA LEU D 183 -4.75 20.69 2.40
C LEU D 183 -3.29 20.46 2.07
N SER D 184 -2.40 21.35 2.51
CA SER D 184 -0.96 21.24 2.18
C SER D 184 -0.13 20.29 3.02
N GLN D 185 -0.65 19.82 4.16
CA GLN D 185 0.11 18.94 5.04
C GLN D 185 -0.73 17.79 5.57
N PRO D 186 -0.08 16.71 6.04
CA PRO D 186 -0.85 15.59 6.56
C PRO D 186 -1.60 15.98 7.83
N VAL D 187 -2.70 15.27 8.11
CA VAL D 187 -3.50 15.56 9.29
C VAL D 187 -3.68 14.30 10.10
N ALA D 188 -3.39 14.42 11.39
CA ALA D 188 -3.58 13.34 12.34
C ALA D 188 -5.01 13.49 12.81
N VAL D 189 -5.83 12.45 12.64
CA VAL D 189 -7.23 12.48 13.07
C VAL D 189 -7.46 11.44 14.14
N LEU D 190 -8.48 11.69 14.95
CA LEU D 190 -8.85 10.81 16.03
C LEU D 190 -10.33 10.57 15.83
N ARG D 191 -10.75 9.30 15.79
CA ARG D 191 -12.17 8.95 15.61
C ARG D 191 -12.76 8.16 16.77
N LYS D 192 -14.08 8.27 16.89
CA LYS D 192 -14.84 7.58 17.92
C LYS D 192 -16.23 7.42 17.33
N ASP D 193 -16.75 6.20 17.34
CA ASP D 193 -18.07 5.90 16.78
C ASP D 193 -18.08 6.23 15.27
N GLY D 194 -16.92 6.04 14.62
CA GLY D 194 -16.76 6.34 13.19
C GLY D 194 -16.87 7.82 12.85
N LYS D 195 -16.52 8.67 13.80
CA LYS D 195 -16.63 10.12 13.62
C LYS D 195 -15.38 10.82 14.16
N ILE D 196 -14.89 11.80 13.42
CA ILE D 196 -13.69 12.55 13.82
C ILE D 196 -14.03 13.35 15.06
N THR D 197 -13.27 13.13 16.13
CA THR D 197 -13.47 13.81 17.40
C THR D 197 -12.27 14.71 17.75
N ALA D 198 -11.17 14.58 17.02
CA ALA D 198 -10.00 15.44 17.23
C ALA D 198 -9.07 15.38 16.03
N PHE D 199 -8.27 16.42 15.85
CA PHE D 199 -7.33 16.45 14.75
C PHE D 199 -6.16 17.38 15.06
N ALA D 200 -5.09 17.22 14.30
CA ALA D 200 -3.91 18.06 14.43
C ALA D 200 -3.11 18.01 13.15
N ASN D 201 -2.88 19.16 12.49
CA ASN D 201 -2.10 19.13 11.26
C ASN D 201 -0.62 18.85 11.58
N LEU D 202 -0.01 17.94 10.83
CA LEU D 202 1.40 17.55 11.02
C LEU D 202 2.34 18.33 10.14
N VAL D 204 6.12 18.58 8.80
CA VAL D 204 7.33 17.76 8.62
C VAL D 204 8.20 18.27 7.47
N THR D 205 9.36 17.62 7.27
CA THR D 205 10.26 17.94 6.17
C THR D 205 10.75 16.62 5.58
N GLU D 206 11.44 16.70 4.45
CA GLU D 206 11.98 15.52 3.78
C GLU D 206 13.19 14.93 4.49
N THR D 207 13.81 15.71 5.38
CA THR D 207 14.99 15.26 6.13
C THR D 207 14.59 14.30 7.26
N LYS D 208 13.33 14.39 7.70
CA LYS D 208 12.79 13.55 8.80
C LYS D 208 13.51 13.71 10.14
N LYS D 209 14.20 14.84 10.33
CA LYS D 209 14.92 15.09 11.58
C LYS D 209 13.97 15.55 12.68
N GLU D 210 12.80 16.07 12.30
CA GLU D 210 11.84 16.57 13.28
C GLU D 210 10.43 16.74 12.71
N ALA D 211 9.45 16.54 13.58
CA ALA D 211 8.05 16.73 13.23
C ALA D 211 7.43 17.53 14.36
N THR D 212 6.33 18.21 14.04
CA THR D 212 5.61 18.98 15.07
C THR D 212 4.16 19.21 14.61
N ILE D 213 3.33 19.69 15.51
CA ILE D 213 1.95 19.99 15.14
C ILE D 213 1.73 21.49 15.31
N ASP D 214 0.69 21.97 14.64
CA ASP D 214 0.31 23.38 14.66
C ASP D 214 -1.06 23.45 15.34
N LEU D 215 -2.16 23.29 14.59
CA LEU D 215 -3.49 23.27 15.21
C LEU D 215 -3.66 21.94 15.94
N ARG D 217 -7.07 20.41 17.82
CA ARG D 217 -8.44 20.67 18.27
C ARG D 217 -9.22 19.39 18.60
N PHE D 218 -9.89 19.44 19.75
CA PHE D 218 -10.71 18.35 20.27
C PHE D 218 -12.13 18.83 20.43
N SER D 219 -13.08 18.04 19.93
CA SER D 219 -14.49 18.39 20.10
C SER D 219 -14.84 18.13 21.57
N ALA D 220 -15.85 18.82 22.08
CA ALA D 220 -16.28 18.69 23.47
C ALA D 220 -16.54 17.23 23.88
N ASP D 221 -17.05 16.44 22.94
CA ASP D 221 -17.37 15.01 23.16
C ASP D 221 -16.16 14.08 23.21
N ALA D 222 -14.96 14.60 22.99
CA ALA D 222 -13.78 13.75 23.07
C ALA D 222 -13.69 13.24 24.51
N PRO D 223 -13.47 11.94 24.70
CA PRO D 223 -13.39 11.44 26.07
C PRO D 223 -12.08 11.80 26.77
N ARG D 224 -12.06 11.56 28.07
CA ARG D 224 -10.91 11.82 28.91
C ARG D 224 -9.76 10.91 28.42
N GLY D 225 -8.56 11.47 28.32
CA GLY D 225 -7.40 10.74 27.83
C GLY D 225 -7.19 10.79 26.32
N SER D 226 -8.00 11.58 25.60
CA SER D 226 -7.86 11.70 24.13
C SER D 226 -6.56 12.38 23.74
N ASP D 228 -3.75 12.22 25.60
CA ASP D 228 -2.74 11.16 25.82
C ASP D 228 -2.68 10.26 24.58
N PHE D 229 -3.83 9.70 24.21
CA PHE D 229 -3.96 8.80 23.04
C PHE D 229 -3.46 9.45 21.75
N LEU D 230 -3.81 10.72 21.52
CA LEU D 230 -3.38 11.42 20.30
C LEU D 230 -1.86 11.58 20.24
N PHE D 231 -1.27 12.13 21.31
CA PHE D 231 0.20 12.31 21.34
C PHE D 231 0.98 11.00 21.32
N VAL D 232 0.50 9.98 22.05
CA VAL D 232 1.21 8.70 22.05
C VAL D 232 1.13 8.05 20.65
N SER D 233 -0.01 8.20 19.98
CA SER D 233 -0.19 7.63 18.64
C SER D 233 0.67 8.33 17.57
N ILE D 234 0.82 9.65 17.69
CA ILE D 234 1.64 10.42 16.75
C ILE D 234 3.12 10.02 16.85
N GLN D 236 4.38 7.29 18.12
CA GLN D 236 4.56 5.88 17.77
C GLN D 236 4.57 5.78 16.22
N HIS D 237 3.69 6.56 15.58
CA HIS D 237 3.59 6.61 14.12
C HIS D 237 4.87 7.20 13.52
N LEU D 238 5.26 8.36 14.06
CA LEU D 238 6.47 9.04 13.60
C LEU D 238 7.71 8.18 13.81
N ARG D 239 7.77 7.48 14.95
CA ARG D 239 8.91 6.61 15.26
C ARG D 239 9.18 5.56 14.19
N GLU D 240 8.15 4.79 13.83
CA GLU D 240 8.29 3.74 12.80
C GLU D 240 8.38 4.29 11.36
N ALA D 241 7.96 5.55 11.16
CA ALA D 241 8.03 6.20 9.84
C ALA D 241 9.40 6.80 9.55
N GLY D 242 10.34 6.67 10.49
CA GLY D 242 11.70 7.17 10.31
C GLY D 242 12.06 8.54 10.88
N TYR D 243 11.14 9.17 11.63
CA TYR D 243 11.45 10.49 12.21
C TYR D 243 12.30 10.34 13.46
N GLU D 244 13.24 11.26 13.63
CA GLU D 244 14.16 11.25 14.77
C GLU D 244 13.64 11.96 16.00
N SER D 245 12.86 13.02 15.79
CA SER D 245 12.35 13.80 16.92
C SER D 245 10.93 14.34 16.71
N PHE D 246 10.27 14.63 17.82
CA PHE D 246 8.92 15.21 17.81
C PHE D 246 8.86 16.39 18.79
N ASN D 247 8.71 17.58 18.20
CA ASN D 247 8.66 18.83 18.92
C ASN D 247 7.25 19.09 19.42
N LEU D 248 7.09 19.01 20.74
CA LEU D 248 5.79 19.24 21.39
C LEU D 248 5.48 20.74 21.53
N GLY D 249 6.38 21.60 21.09
CA GLY D 249 6.15 23.04 21.14
C GLY D 249 6.58 23.71 22.43
N ALA D 251 6.59 25.84 25.94
CA ALA D 251 5.96 25.76 27.24
C ALA D 251 6.54 26.91 28.06
N PRO D 252 5.74 27.49 28.99
CA PRO D 252 6.29 28.55 29.83
C PRO D 252 7.41 28.01 30.73
N SER D 254 9.41 27.05 34.24
CA SER D 254 9.00 26.37 35.48
C SER D 254 8.71 27.35 36.62
N ARG D 267 9.55 43.42 36.04
CA ARG D 267 9.34 44.31 34.89
C ARG D 267 9.21 43.52 33.59
N ILE D 268 10.35 43.20 32.97
CA ILE D 268 10.37 42.43 31.72
C ILE D 268 10.01 40.99 32.07
N GLY D 269 10.51 40.50 33.22
CA GLY D 269 10.19 39.15 33.68
C GLY D 269 8.68 38.90 33.78
N SER D 270 7.95 39.88 34.34
CA SER D 270 6.49 39.80 34.46
C SER D 270 5.83 39.68 33.11
N THR D 271 6.29 40.51 32.17
CA THR D 271 5.77 40.54 30.82
C THR D 271 6.00 39.19 30.11
N LEU D 272 7.22 38.66 30.23
CA LEU D 272 7.59 37.35 29.65
C LEU D 272 6.78 36.23 30.26
N PHE D 273 6.56 36.32 31.57
CA PHE D 273 5.77 35.32 32.28
C PHE D 273 4.33 35.27 31.76
N GLU D 274 3.65 36.42 31.75
CA GLU D 274 2.26 36.49 31.27
C GLU D 274 2.16 36.18 29.79
N HIS D 275 3.22 36.47 29.05
CA HIS D 275 3.25 36.16 27.62
C HIS D 275 3.19 34.64 27.42
N GLY D 276 3.95 33.91 28.25
CA GLY D 276 3.98 32.45 28.18
C GLY D 276 2.63 31.80 28.42
N GLU D 277 1.94 32.25 29.47
CA GLU D 277 0.62 31.71 29.78
C GLU D 277 -0.37 32.02 28.69
N ARG D 278 -0.21 33.18 28.06
CA ARG D 278 -1.13 33.60 27.01
C ARG D 278 -1.00 32.80 25.71
N PHE D 279 0.20 32.36 25.33
CA PHE D 279 0.35 31.64 24.06
C PHE D 279 0.95 30.23 24.07
N TYR D 280 1.57 29.79 25.15
CA TYR D 280 2.23 28.46 25.15
C TYR D 280 1.47 27.31 25.83
N ASN D 281 0.17 27.49 26.05
CA ASN D 281 -0.66 26.49 26.71
C ASN D 281 -1.80 25.98 25.81
N PHE D 282 -1.67 26.10 24.49
CA PHE D 282 -2.72 25.63 23.57
C PHE D 282 -2.63 24.16 23.18
N LYS D 283 -1.48 23.52 23.38
CA LYS D 283 -1.34 22.09 23.04
C LYS D 283 -0.68 21.31 24.16
N GLY D 284 -1.27 21.46 25.36
CA GLY D 284 -0.81 20.79 26.56
C GLY D 284 -0.05 21.70 27.49
N LEU D 285 -0.24 21.50 28.79
CA LEU D 285 0.47 22.27 29.82
C LEU D 285 1.88 21.68 29.94
N ARG D 286 2.76 22.39 30.64
CA ARG D 286 4.15 21.93 30.81
C ARG D 286 4.22 20.52 31.43
N ALA D 287 3.41 20.29 32.46
CA ALA D 287 3.37 18.98 33.16
C ALA D 287 3.02 17.82 32.21
N PHE D 288 2.08 18.07 31.29
CA PHE D 288 1.65 17.04 30.31
C PHE D 288 2.81 16.65 29.39
N LYS D 289 3.54 17.66 28.92
CA LYS D 289 4.67 17.46 28.03
C LYS D 289 5.80 16.73 28.75
N ALA D 290 5.97 17.05 30.03
CA ALA D 290 7.01 16.45 30.87
C ALA D 290 6.91 14.93 30.99
N LYS D 291 5.70 14.38 30.84
CA LYS D 291 5.45 12.91 30.90
C LYS D 291 6.15 12.13 29.79
N PHE D 292 6.50 12.81 28.69
CA PHE D 292 7.16 12.18 27.56
C PHE D 292 8.69 12.25 27.66
N HIS D 293 9.18 12.69 28.82
CA HIS D 293 10.62 12.80 29.09
C HIS D 293 11.39 13.45 27.94
N PRO D 294 11.05 14.71 27.64
CA PRO D 294 11.73 15.41 26.57
C PRO D 294 12.95 16.15 27.06
N LYS D 295 13.74 16.64 26.11
CA LYS D 295 14.87 17.50 26.38
C LYS D 295 14.24 18.88 26.25
N TRP D 296 14.52 19.77 27.19
CA TRP D 296 13.98 21.14 27.11
C TRP D 296 15.00 22.11 26.46
N GLU D 297 14.69 22.62 25.26
CA GLU D 297 15.57 23.59 24.56
C GLU D 297 15.01 25.02 24.64
N PRO D 298 15.83 25.98 25.10
CA PRO D 298 15.34 27.34 25.19
C PRO D 298 15.18 28.07 23.85
N ARG D 299 14.25 29.03 23.85
CA ARG D 299 13.97 29.91 22.71
C ARG D 299 13.95 31.32 23.27
N TYR D 300 14.36 32.28 22.44
CA TYR D 300 14.55 33.66 22.88
C TYR D 300 13.91 34.76 22.05
N LEU D 301 13.80 35.92 22.68
CA LEU D 301 13.36 37.16 22.07
C LEU D 301 14.63 38.00 21.96
N ALA D 302 15.01 38.41 20.75
CA ALA D 302 16.19 39.27 20.58
C ALA D 302 15.72 40.65 20.17
N VAL D 303 16.16 41.67 20.91
CA VAL D 303 15.83 43.08 20.64
C VAL D 303 17.04 43.94 21.00
N GLN D 304 17.04 45.21 20.56
CA GLN D 304 18.17 46.12 20.85
C GLN D 304 18.49 46.21 22.34
N ASN D 305 17.45 46.43 23.15
CA ASN D 305 17.62 46.53 24.60
C ASN D 305 16.31 46.25 25.37
N GLY D 306 16.42 46.20 26.70
CA GLY D 306 15.31 45.92 27.61
C GLY D 306 14.04 46.73 27.40
N ALA D 307 14.18 48.03 27.12
CA ALA D 307 13.03 48.91 26.90
C ALA D 307 12.22 48.46 25.68
N ASP D 308 12.94 48.06 24.63
CA ASP D 308 12.28 47.57 23.41
C ASP D 308 11.66 46.20 23.55
N ALA D 309 12.11 45.41 24.53
CA ALA D 309 11.58 44.05 24.76
C ALA D 309 10.08 44.05 25.00
N ALA D 310 9.64 44.81 26.00
CA ALA D 310 8.20 44.92 26.32
C ALA D 310 7.41 45.47 25.13
N LEU D 311 7.96 46.52 24.51
CA LEU D 311 7.33 47.15 23.35
C LEU D 311 7.27 46.24 22.10
N ALA D 312 8.31 45.47 21.83
CA ALA D 312 8.33 44.57 20.69
C ALA D 312 7.41 43.38 20.95
N LEU D 313 7.38 42.93 22.18
CA LEU D 313 6.55 41.80 22.57
C LEU D 313 5.06 42.19 22.48
N ASP D 315 3.82 44.33 20.25
CA ASP D 315 3.54 44.27 18.81
C ASP D 315 3.42 42.82 18.35
N ALA D 316 4.23 41.92 18.92
CA ALA D 316 4.15 40.50 18.56
C ALA D 316 2.81 39.91 19.02
N THR D 317 2.34 40.37 20.19
CA THR D 317 1.07 39.95 20.74
C THR D 317 -0.10 40.29 19.80
N VAL D 318 0.00 41.45 19.15
CA VAL D 318 -0.99 41.89 18.20
C VAL D 318 -0.91 41.07 16.91
N LEU D 319 0.32 40.80 16.45
CA LEU D 319 0.53 40.00 15.23
C LEU D 319 -0.10 38.63 15.32
N ILE D 320 -0.05 38.03 16.52
CA ILE D 320 -0.58 36.69 16.77
C ILE D 320 -2.08 36.69 17.10
N SER D 321 -2.52 37.60 17.96
CA SER D 321 -3.93 37.67 18.40
C SER D 321 -4.88 38.21 17.34
N GLY D 322 -4.46 39.27 16.64
CA GLY D 322 -5.24 39.90 15.57
C GLY D 322 -4.45 39.75 14.28
N GLY D 323 -3.67 40.77 13.96
CA GLY D 323 -2.81 40.74 12.78
C GLY D 323 -3.45 40.76 11.39
N VAL D 324 -2.76 40.16 10.44
CA VAL D 324 -3.21 40.18 9.04
C VAL D 324 -4.24 39.12 8.66
N ARG D 325 -5.04 39.47 7.66
CA ARG D 325 -6.07 38.59 7.17
C ARG D 325 -5.42 37.36 6.51
N GLY D 326 -4.40 37.61 5.69
CA GLY D 326 -3.67 36.53 5.01
C GLY D 326 -4.12 36.23 3.59
N VAL D 327 -3.87 35.01 3.15
CA VAL D 327 -4.23 34.55 1.80
C VAL D 327 -5.66 34.01 1.77
N SER E 1 -31.76 -41.02 -20.45
CA SER E 1 -31.36 -39.57 -20.51
C SER E 1 -31.31 -39.09 -21.97
N ASN E 2 -30.71 -37.93 -22.20
CA ASN E 2 -30.63 -37.33 -23.54
C ASN E 2 -30.08 -38.23 -24.64
N ALA E 3 -29.04 -39.02 -24.33
CA ALA E 3 -28.43 -39.92 -25.30
C ALA E 3 -29.45 -40.95 -25.82
N GLU E 4 -30.19 -41.59 -24.91
CA GLU E 4 -31.21 -42.59 -25.30
C GLU E 4 -32.37 -41.97 -26.12
N ASP E 5 -32.73 -40.72 -25.82
CA ASP E 5 -33.76 -40.01 -26.59
C ASP E 5 -33.30 -39.74 -28.03
N VAL E 6 -32.04 -39.34 -28.18
CA VAL E 6 -31.46 -39.07 -29.51
C VAL E 6 -31.38 -40.38 -30.33
N GLU E 7 -30.95 -41.46 -29.70
CA GLU E 7 -30.87 -42.78 -30.36
C GLU E 7 -32.26 -43.20 -30.83
N ARG E 8 -33.26 -43.00 -29.96
CA ARG E 8 -34.66 -43.34 -30.27
C ARG E 8 -35.20 -42.49 -31.41
N ALA E 9 -34.97 -41.18 -31.33
CA ALA E 9 -35.42 -40.26 -32.37
C ALA E 9 -34.78 -40.63 -33.70
N THR E 10 -33.52 -41.02 -33.66
CA THR E 10 -32.80 -41.44 -34.86
C THR E 10 -33.46 -42.66 -35.51
N ASP E 11 -33.85 -43.67 -34.71
CA ASP E 11 -34.53 -44.86 -35.26
C ASP E 11 -35.84 -44.44 -35.92
N ILE E 12 -36.55 -43.50 -35.29
CA ILE E 12 -37.78 -42.96 -35.88
C ILE E 12 -37.48 -42.25 -37.21
N VAL E 13 -36.45 -41.41 -37.24
CA VAL E 13 -36.07 -40.66 -38.46
C VAL E 13 -35.84 -41.58 -39.65
N ARG E 15 -37.05 -44.42 -40.42
CA ARG E 15 -38.23 -45.13 -40.94
C ARG E 15 -39.19 -44.21 -41.67
N GLN E 16 -38.96 -42.89 -41.63
CA GLN E 16 -39.88 -41.92 -42.28
C GLN E 16 -39.21 -41.18 -43.45
N ASP E 17 -39.97 -40.34 -44.16
CA ASP E 17 -39.48 -39.65 -45.39
C ASP E 17 -38.59 -38.39 -45.29
N SER E 18 -38.72 -37.58 -44.23
CA SER E 18 -37.92 -36.35 -44.10
C SER E 18 -36.41 -36.59 -43.86
N ALA E 19 -35.60 -36.20 -44.84
CA ALA E 19 -34.15 -36.37 -44.74
C ALA E 19 -33.52 -35.41 -43.73
N ASP E 20 -34.02 -34.17 -43.66
CA ASP E 20 -33.44 -33.20 -42.71
C ASP E 20 -33.75 -33.50 -41.24
N ALA E 21 -34.61 -34.47 -40.98
CA ALA E 21 -34.92 -34.86 -39.61
C ALA E 21 -33.68 -35.52 -38.94
N ASN E 22 -32.70 -35.89 -39.77
CA ASN E 22 -31.43 -36.43 -39.29
C ASN E 22 -30.64 -35.39 -38.48
N LEU E 23 -31.06 -34.11 -38.52
CA LEU E 23 -30.39 -33.07 -37.72
C LEU E 23 -30.54 -33.31 -36.21
N VAL E 24 -31.45 -34.18 -35.80
CA VAL E 24 -31.61 -34.51 -34.37
C VAL E 24 -30.33 -35.22 -33.88
N ARG E 25 -29.59 -35.84 -34.82
CA ARG E 25 -28.32 -36.54 -34.53
C ARG E 25 -27.27 -35.63 -33.87
N GLY E 27 -27.58 -33.72 -31.51
CA GLY E 27 -27.78 -33.75 -30.07
C GLY E 27 -27.84 -32.38 -29.42
N ASP E 28 -28.10 -31.34 -30.23
CA ASP E 28 -28.19 -29.96 -29.72
C ASP E 28 -29.63 -29.48 -29.46
N LYS E 29 -30.63 -30.29 -29.81
CA LYS E 29 -32.04 -29.91 -29.62
C LYS E 29 -32.72 -30.87 -28.67
N HIS E 30 -33.61 -30.34 -27.84
CA HIS E 30 -34.37 -31.16 -26.90
C HIS E 30 -35.35 -31.96 -27.74
N VAL E 31 -35.75 -33.12 -27.26
CA VAL E 31 -36.66 -33.98 -27.98
C VAL E 31 -37.86 -34.32 -27.12
N PHE E 33 -41.28 -36.56 -27.10
CA PHE E 33 -41.95 -37.68 -27.74
C PHE E 33 -43.44 -37.66 -27.52
N SER E 34 -44.16 -38.32 -28.42
CA SER E 34 -45.61 -38.48 -28.29
C SER E 34 -45.82 -39.57 -27.21
N GLU E 35 -47.07 -39.81 -26.84
CA GLU E 35 -47.39 -40.81 -25.80
C GLU E 35 -47.00 -42.23 -26.25
N SER E 36 -47.20 -42.53 -27.54
CA SER E 36 -46.87 -43.85 -28.10
C SER E 36 -45.36 -44.06 -28.34
N GLY E 37 -44.59 -42.97 -28.33
CA GLY E 37 -43.15 -43.06 -28.56
C GLY E 37 -42.79 -43.28 -30.03
N ASN E 38 -43.75 -43.04 -30.93
CA ASN E 38 -43.57 -43.23 -32.38
C ASN E 38 -43.40 -41.92 -33.15
N ALA E 39 -43.37 -40.80 -32.45
CA ALA E 39 -43.20 -39.50 -33.10
C ALA E 39 -42.56 -38.51 -32.13
N PHE E 40 -41.88 -37.50 -32.65
CA PHE E 40 -41.24 -36.52 -31.77
C PHE E 40 -41.11 -35.13 -32.38
N ILE E 41 -40.96 -34.15 -31.49
CA ILE E 41 -40.70 -32.76 -31.86
C ILE E 41 -39.32 -32.43 -31.28
N TYR E 43 -36.65 -29.38 -30.55
CA TYR E 43 -36.72 -27.95 -30.38
C TYR E 43 -35.60 -27.37 -29.54
N GLY E 44 -35.55 -26.04 -29.53
CA GLY E 44 -34.61 -25.28 -28.75
C GLY E 44 -35.36 -24.31 -27.87
N ILE E 45 -34.70 -23.90 -26.78
CA ILE E 45 -35.22 -22.93 -25.84
C ILE E 45 -34.25 -21.78 -25.84
N GLN E 46 -34.76 -20.57 -26.07
CA GLN E 46 -33.92 -19.38 -26.14
C GLN E 46 -34.71 -18.15 -25.78
N GLY E 47 -34.22 -17.40 -24.80
CA GLY E 47 -34.88 -16.20 -24.31
C GLY E 47 -36.30 -16.52 -23.89
N ARG E 48 -37.26 -15.79 -24.43
CA ARG E 48 -38.66 -16.02 -24.13
C ARG E 48 -39.38 -16.86 -25.18
N SER E 49 -38.63 -17.64 -25.98
CA SER E 49 -39.25 -18.47 -27.03
C SER E 49 -38.83 -19.94 -26.98
N TRP E 50 -39.78 -20.82 -27.26
CA TRP E 50 -39.53 -22.25 -27.45
C TRP E 50 -39.75 -22.39 -28.94
N ILE E 51 -38.73 -22.83 -29.65
CA ILE E 51 -38.78 -22.92 -31.10
C ILE E 51 -38.59 -24.34 -31.61
N ALA E 52 -39.64 -24.90 -32.21
CA ALA E 52 -39.61 -26.23 -32.76
C ALA E 52 -38.88 -26.19 -34.08
N PHE E 53 -38.04 -27.18 -34.34
CA PHE E 53 -37.37 -27.21 -35.64
C PHE E 53 -38.17 -28.08 -36.61
N ALA E 54 -38.69 -27.46 -37.66
CA ALA E 54 -39.44 -28.14 -38.70
C ALA E 54 -40.70 -28.85 -38.17
N ASP E 55 -41.14 -29.87 -38.89
CA ASP E 55 -42.34 -30.59 -38.52
C ASP E 55 -42.05 -31.62 -37.46
N PRO E 56 -43.11 -32.13 -36.81
CA PRO E 56 -42.95 -33.26 -35.92
C PRO E 56 -42.52 -34.43 -36.83
N VAL E 57 -41.80 -35.40 -36.29
CA VAL E 57 -41.29 -36.50 -37.11
C VAL E 57 -41.81 -37.83 -36.61
N GLY E 58 -42.05 -38.77 -37.53
CA GLY E 58 -42.55 -40.11 -37.18
C GLY E 58 -43.99 -40.37 -37.58
N ASP E 59 -44.75 -40.96 -36.66
CA ASP E 59 -46.17 -41.32 -36.90
C ASP E 59 -47.10 -40.10 -36.94
N GLU E 60 -47.60 -39.79 -38.13
CA GLU E 60 -48.53 -38.67 -38.39
C GLU E 60 -49.76 -38.62 -37.49
N GLU E 61 -50.25 -39.78 -37.06
CA GLU E 61 -51.43 -39.84 -36.17
C GLU E 61 -51.20 -39.06 -34.86
N ASP E 62 -49.95 -39.09 -34.36
CA ASP E 62 -49.56 -38.40 -33.13
C ASP E 62 -49.29 -36.88 -33.25
N PHE E 63 -49.24 -36.34 -34.47
CA PHE E 63 -48.92 -34.91 -34.70
C PHE E 63 -49.86 -33.90 -34.02
N PRO E 64 -51.20 -34.03 -34.18
CA PRO E 64 -52.10 -33.07 -33.52
C PRO E 64 -51.87 -32.96 -32.00
N ASP E 65 -51.68 -34.10 -31.34
CA ASP E 65 -51.40 -34.12 -29.89
C ASP E 65 -50.00 -33.56 -29.59
N LEU E 66 -49.00 -33.90 -30.42
CA LEU E 66 -47.63 -33.37 -30.21
C LEU E 66 -47.56 -31.86 -30.29
N VAL E 67 -48.16 -31.31 -31.35
CA VAL E 67 -48.19 -29.88 -31.56
C VAL E 67 -48.86 -29.19 -30.36
N TRP E 68 -49.95 -29.77 -29.88
CA TRP E 68 -50.67 -29.21 -28.74
C TRP E 68 -49.83 -29.30 -27.46
N GLN E 69 -49.11 -30.41 -27.29
CA GLN E 69 -48.26 -30.64 -26.11
C GLN E 69 -47.16 -29.58 -26.04
N PHE E 70 -46.46 -29.38 -27.15
CA PHE E 70 -45.39 -28.39 -27.26
C PHE E 70 -45.90 -26.97 -26.96
N VAL E 71 -47.02 -26.61 -27.57
CA VAL E 71 -47.61 -25.29 -27.34
C VAL E 71 -47.96 -25.14 -25.86
N GLU E 72 -48.50 -26.18 -25.23
CA GLU E 72 -48.87 -26.09 -23.80
C GLU E 72 -47.66 -26.01 -22.89
N ALA E 73 -46.63 -26.81 -23.18
CA ALA E 73 -45.41 -26.79 -22.38
C ALA E 73 -44.76 -25.41 -22.42
N ALA E 74 -44.73 -24.80 -23.60
CA ALA E 74 -44.15 -23.46 -23.75
C ALA E 74 -44.97 -22.42 -22.99
N ARG E 75 -46.31 -22.54 -23.05
CA ARG E 75 -47.21 -21.61 -22.33
C ARG E 75 -46.91 -21.70 -20.83
N GLY E 76 -46.81 -22.93 -20.33
CA GLY E 76 -46.52 -23.21 -18.92
C GLY E 76 -45.17 -22.70 -18.41
N ALA E 77 -44.24 -22.45 -19.33
CA ALA E 77 -42.94 -21.92 -18.98
C ALA E 77 -42.95 -20.39 -19.14
N GLY E 78 -44.10 -19.84 -19.57
CA GLY E 78 -44.23 -18.41 -19.79
C GLY E 78 -43.48 -18.00 -21.03
N ALA E 79 -43.40 -18.91 -21.99
CA ALA E 79 -42.68 -18.66 -23.24
C ALA E 79 -43.63 -18.69 -24.44
N ARG E 80 -43.21 -18.03 -25.51
CA ARG E 80 -43.97 -18.04 -26.75
C ARG E 80 -43.55 -19.32 -27.47
N ALA E 81 -44.51 -19.94 -28.15
CA ALA E 81 -44.26 -21.15 -28.90
C ALA E 81 -44.16 -20.77 -30.36
N ALA E 82 -43.16 -21.29 -31.04
CA ALA E 82 -42.95 -21.02 -32.45
C ALA E 82 -42.46 -22.27 -33.16
N PHE E 83 -42.90 -22.42 -34.41
CA PHE E 83 -42.50 -23.52 -35.29
C PHE E 83 -41.73 -22.91 -36.47
N TYR E 84 -40.47 -23.33 -36.60
CA TYR E 84 -39.55 -22.80 -37.61
C TYR E 84 -39.36 -23.77 -38.78
N GLN E 85 -39.69 -23.30 -39.98
CA GLN E 85 -39.56 -24.08 -41.23
C GLN E 85 -40.49 -25.26 -41.34
N ILE E 86 -41.78 -25.05 -41.05
CA ILE E 86 -42.75 -26.13 -41.17
C ILE E 86 -43.33 -26.18 -42.57
N SER E 87 -43.82 -27.36 -42.94
CA SER E 87 -44.40 -27.58 -44.24
C SER E 87 -45.90 -27.29 -44.22
N PRO E 88 -46.50 -27.15 -45.40
CA PRO E 88 -47.95 -26.90 -45.54
C PRO E 88 -48.84 -27.87 -44.75
N PHE E 89 -48.46 -29.14 -44.69
CA PHE E 89 -49.23 -30.18 -43.95
C PHE E 89 -49.43 -29.86 -42.45
N LEU E 90 -48.48 -29.15 -41.84
CA LEU E 90 -48.58 -28.79 -40.41
C LEU E 90 -49.31 -27.48 -40.06
N LEU E 91 -49.74 -26.72 -41.07
CA LEU E 91 -50.41 -25.44 -40.77
C LEU E 91 -51.75 -25.63 -40.05
N SER E 92 -52.51 -26.68 -40.39
CA SER E 92 -53.77 -26.91 -39.70
C SER E 92 -53.52 -27.21 -38.21
N HIS E 93 -52.51 -28.03 -37.90
CA HIS E 93 -52.18 -28.37 -36.51
C HIS E 93 -51.87 -27.10 -35.73
N CYS E 94 -51.05 -26.24 -36.33
CA CYS E 94 -50.66 -24.96 -35.74
C CYS E 94 -51.83 -24.00 -35.68
N ALA E 95 -52.67 -23.97 -36.72
CA ALA E 95 -53.86 -23.11 -36.75
C ALA E 95 -54.81 -23.44 -35.62
N ASP E 96 -54.99 -24.73 -35.35
CA ASP E 96 -55.83 -25.20 -34.25
C ASP E 96 -55.36 -24.64 -32.93
N ALA E 97 -54.06 -24.37 -32.82
CA ALA E 97 -53.48 -23.81 -31.60
C ALA E 97 -53.39 -22.27 -31.56
N GLY E 98 -54.09 -21.58 -32.46
CA GLY E 98 -54.07 -20.11 -32.49
C GLY E 98 -52.89 -19.47 -33.20
N LEU E 99 -52.00 -20.26 -33.79
CA LEU E 99 -50.84 -19.72 -34.50
C LEU E 99 -51.12 -19.42 -35.97
N ARG E 100 -50.55 -18.33 -36.51
N ARG E 100 -50.51 -18.35 -36.49
CA ARG E 100 -50.70 -18.03 -37.93
CA ARG E 100 -50.64 -17.95 -37.89
C ARG E 100 -49.32 -18.25 -38.54
C ARG E 100 -49.29 -18.16 -38.55
N ALA E 101 -49.28 -18.43 -39.85
CA ALA E 101 -48.03 -18.70 -40.57
C ALA E 101 -47.57 -17.58 -41.51
N PHE E 102 -46.25 -17.42 -41.59
CA PHE E 102 -45.59 -16.46 -42.45
C PHE E 102 -44.62 -17.25 -43.31
N LYS E 103 -44.55 -16.94 -44.59
CA LYS E 103 -43.65 -17.65 -45.49
C LYS E 103 -42.20 -17.19 -45.22
N LEU E 104 -41.29 -18.15 -45.10
CA LEU E 104 -39.86 -17.87 -44.86
C LEU E 104 -39.04 -17.94 -46.13
N GLY E 105 -39.41 -18.88 -46.98
CA GLY E 105 -38.73 -19.14 -48.24
C GLY E 105 -39.25 -20.43 -48.83
N GLU E 106 -38.46 -21.03 -49.73
CA GLU E 106 -38.83 -22.26 -50.42
C GLU E 106 -37.71 -23.28 -50.55
N LEU E 107 -38.07 -24.56 -50.51
CA LEU E 107 -37.12 -25.65 -50.67
C LEU E 107 -37.10 -26.02 -52.15
N ALA E 108 -35.92 -26.36 -52.66
CA ALA E 108 -35.79 -26.77 -54.04
C ALA E 108 -35.68 -28.30 -54.07
N LEU E 109 -36.77 -28.95 -54.48
CA LEU E 109 -36.80 -30.41 -54.59
C LEU E 109 -36.68 -30.79 -56.06
N VAL E 110 -35.71 -31.65 -56.36
CA VAL E 110 -35.48 -32.15 -57.72
C VAL E 110 -35.95 -33.60 -57.81
N ASP E 111 -36.82 -33.90 -58.77
CA ASP E 111 -37.31 -35.25 -58.98
C ASP E 111 -36.22 -35.99 -59.76
N LEU E 112 -35.58 -36.96 -59.09
CA LEU E 112 -34.48 -37.72 -59.70
C LEU E 112 -34.91 -38.64 -60.86
N THR E 113 -36.16 -39.10 -60.86
CA THR E 113 -36.64 -39.94 -61.98
C THR E 113 -36.74 -39.10 -63.27
N ALA E 114 -37.14 -37.84 -63.14
CA ALA E 114 -37.26 -36.92 -64.30
C ALA E 114 -35.93 -36.21 -64.63
N PHE E 115 -34.90 -36.43 -63.81
CA PHE E 115 -33.58 -35.83 -64.00
C PHE E 115 -32.80 -36.65 -65.04
N GLU E 116 -32.98 -36.30 -66.30
CA GLU E 116 -32.32 -36.99 -67.41
C GLU E 116 -31.15 -36.12 -67.88
N LEU E 117 -29.96 -36.39 -67.34
CA LEU E 117 -28.74 -35.63 -67.65
C LEU E 117 -28.35 -35.65 -69.13
N LYS E 118 -28.77 -36.69 -69.86
CA LYS E 118 -28.47 -36.82 -71.29
C LYS E 118 -29.77 -36.84 -72.10
N GLY E 119 -30.68 -35.92 -71.80
CA GLY E 119 -31.98 -35.86 -72.48
C GLY E 119 -32.38 -34.50 -73.02
N GLY E 120 -31.44 -33.80 -73.65
CA GLY E 120 -31.70 -32.48 -74.26
C GLY E 120 -31.93 -31.30 -73.31
N LYS E 121 -32.84 -31.47 -72.35
CA LYS E 121 -33.16 -30.41 -71.38
C LYS E 121 -32.02 -29.99 -70.44
N LEU E 122 -31.06 -30.87 -70.19
CA LEU E 122 -29.95 -30.59 -69.27
C LEU E 122 -28.57 -30.60 -69.93
N ALA E 123 -28.50 -30.05 -71.15
CA ALA E 123 -27.27 -29.99 -71.93
C ALA E 123 -26.14 -29.24 -71.21
N THR E 124 -26.46 -28.09 -70.61
CA THR E 124 -25.44 -27.27 -69.91
C THR E 124 -24.81 -28.03 -68.74
N LEU E 125 -25.63 -28.70 -67.92
CA LEU E 125 -25.11 -29.47 -66.78
C LEU E 125 -24.30 -30.70 -67.20
N ARG E 126 -24.61 -31.27 -68.38
CA ARG E 126 -23.86 -32.43 -68.86
C ARG E 126 -22.43 -31.95 -69.17
N GLN E 127 -22.32 -30.78 -69.82
CA GLN E 127 -21.02 -30.18 -70.18
C GLN E 127 -20.15 -29.90 -68.96
N SER E 128 -20.77 -29.38 -67.89
CA SER E 128 -20.05 -29.09 -66.64
C SER E 128 -19.57 -30.36 -65.93
N LEU E 129 -20.28 -31.48 -66.14
CA LEU E 129 -19.86 -32.74 -65.53
C LEU E 129 -18.54 -33.17 -66.19
N SER E 130 -18.50 -33.13 -67.52
CA SER E 130 -17.31 -33.51 -68.28
C SER E 130 -16.18 -32.51 -68.05
N ARG E 131 -16.51 -31.21 -68.09
CA ARG E 131 -15.50 -30.16 -67.86
C ARG E 131 -14.91 -30.28 -66.46
N GLY E 132 -15.71 -30.76 -65.50
CA GLY E 132 -15.20 -30.97 -64.16
C GLY E 132 -14.16 -32.08 -64.21
N ALA E 133 -14.51 -33.17 -64.89
CA ALA E 133 -13.63 -34.34 -65.04
C ALA E 133 -12.30 -33.95 -65.72
N ARG E 134 -12.37 -33.19 -66.81
CA ARG E 134 -11.16 -32.72 -67.51
C ARG E 134 -10.28 -31.83 -66.61
N ASP E 135 -10.90 -31.16 -65.62
CA ASP E 135 -10.14 -30.32 -64.67
C ASP E 135 -9.46 -31.15 -63.56
N GLY E 136 -9.66 -32.47 -63.58
CA GLY E 136 -9.04 -33.37 -62.61
C GLY E 136 -9.90 -33.76 -61.41
N LEU E 137 -11.19 -33.43 -61.43
CA LEU E 137 -12.08 -33.77 -60.32
C LEU E 137 -12.61 -35.21 -60.42
N THR E 138 -12.68 -35.87 -59.28
CA THR E 138 -13.26 -37.22 -59.14
C THR E 138 -14.27 -37.11 -58.00
N PHE E 139 -15.29 -37.97 -58.04
CA PHE E 139 -16.36 -37.95 -57.05
C PHE E 139 -16.55 -39.30 -56.41
N GLU E 140 -16.96 -39.28 -55.15
CA GLU E 140 -17.21 -40.52 -54.43
C GLU E 140 -18.07 -40.25 -53.21
N VAL E 141 -19.02 -41.16 -52.96
CA VAL E 141 -19.86 -41.13 -51.79
C VAL E 141 -19.23 -42.18 -50.88
N VAL E 142 -18.68 -41.73 -49.75
CA VAL E 142 -18.02 -42.61 -48.80
C VAL E 142 -19.08 -43.07 -47.78
N GLU E 143 -19.38 -44.37 -47.80
CA GLU E 143 -20.37 -44.96 -46.88
C GLU E 143 -20.03 -44.71 -45.41
N GLN E 144 -21.05 -44.78 -44.56
CA GLN E 144 -20.91 -44.53 -43.10
C GLN E 144 -19.73 -45.27 -42.47
N SER E 145 -19.68 -46.59 -42.69
CA SER E 145 -18.63 -47.46 -42.15
C SER E 145 -17.17 -47.07 -42.51
N GLN E 146 -16.97 -46.44 -43.68
CA GLN E 146 -15.63 -46.03 -44.15
C GLN E 146 -15.23 -44.60 -43.76
N VAL E 147 -16.16 -43.82 -43.22
CA VAL E 147 -15.83 -42.43 -42.88
C VAL E 147 -14.55 -42.22 -42.03
N PRO E 148 -14.27 -43.12 -41.05
CA PRO E 148 -13.03 -42.93 -40.27
C PRO E 148 -11.76 -42.79 -41.11
N ASP E 149 -11.70 -43.48 -42.24
CA ASP E 149 -10.54 -43.43 -43.15
C ASP E 149 -10.23 -42.03 -43.71
N ILE E 150 -11.27 -41.24 -43.94
CA ILE E 150 -11.11 -39.87 -44.47
C ILE E 150 -11.27 -38.76 -43.40
N ASP E 152 -9.47 -37.48 -40.82
CA ASP E 152 -8.38 -36.51 -40.62
C ASP E 152 -8.31 -35.50 -41.76
N GLU E 153 -8.55 -35.98 -42.98
CA GLU E 153 -8.51 -35.14 -44.16
C GLU E 153 -9.77 -34.25 -44.20
N LEU E 154 -10.93 -34.78 -43.81
CA LEU E 154 -12.16 -33.99 -43.77
C LEU E 154 -11.99 -32.82 -42.79
N GLN E 155 -11.47 -33.13 -41.59
CA GLN E 155 -11.19 -32.14 -40.53
C GLN E 155 -10.29 -30.98 -41.02
N GLN E 156 -9.28 -31.30 -41.84
CA GLN E 156 -8.36 -30.28 -42.39
C GLN E 156 -9.08 -29.36 -43.37
N VAL E 157 -9.89 -29.94 -44.26
CA VAL E 157 -10.67 -29.16 -45.23
C VAL E 157 -11.71 -28.31 -44.47
N SER E 158 -12.33 -28.89 -43.44
CA SER E 158 -13.31 -28.17 -42.62
C SER E 158 -12.67 -26.96 -41.90
N ASP E 159 -11.52 -27.18 -41.25
CA ASP E 159 -10.80 -26.11 -40.55
C ASP E 159 -10.27 -25.08 -41.53
N GLY E 160 -9.94 -25.52 -42.74
CA GLY E 160 -9.47 -24.62 -43.78
C GLY E 160 -10.58 -23.67 -44.20
N TRP E 161 -11.78 -24.23 -44.39
CA TRP E 161 -12.97 -23.47 -44.80
C TRP E 161 -13.33 -22.41 -43.76
N LEU E 162 -13.40 -22.83 -42.50
CA LEU E 162 -13.73 -21.92 -41.41
C LEU E 162 -12.73 -20.75 -41.34
N ALA E 163 -11.44 -21.06 -41.45
CA ALA E 163 -10.38 -20.04 -41.40
C ALA E 163 -10.47 -19.09 -42.61
N HIS E 164 -10.64 -19.66 -43.80
CA HIS E 164 -10.75 -18.88 -45.05
C HIS E 164 -11.97 -17.95 -45.06
N HIS E 165 -13.11 -18.45 -44.57
CA HIS E 165 -14.32 -17.62 -44.51
C HIS E 165 -14.40 -16.79 -43.23
N ASN E 166 -13.45 -16.99 -42.32
CA ASN E 166 -13.38 -16.29 -41.04
C ASN E 166 -14.73 -16.40 -40.31
N THR E 167 -15.28 -17.60 -40.28
CA THR E 167 -16.58 -17.84 -39.67
C THR E 167 -16.53 -18.93 -38.59
N ARG E 168 -17.68 -19.17 -37.95
CA ARG E 168 -17.80 -20.17 -36.90
C ARG E 168 -18.91 -21.16 -37.23
N GLU E 169 -18.94 -22.26 -36.50
CA GLU E 169 -19.96 -23.27 -36.68
C GLU E 169 -21.32 -22.74 -36.20
N LYS E 170 -22.36 -23.40 -36.69
CA LYS E 170 -23.73 -23.09 -36.34
C LYS E 170 -24.38 -24.29 -35.64
N ARG E 171 -25.64 -24.12 -35.30
CA ARG E 171 -26.41 -25.13 -34.60
C ARG E 171 -27.86 -25.09 -35.09
N PHE E 172 -28.70 -25.92 -34.46
CA PHE E 172 -30.15 -25.99 -34.64
C PHE E 172 -30.63 -26.47 -36.02
N SER E 173 -30.66 -25.57 -37.00
CA SER E 173 -31.11 -25.92 -38.36
C SER E 173 -29.93 -26.35 -39.23
N LEU E 174 -28.72 -26.14 -38.71
CA LEU E 174 -27.50 -26.49 -39.43
C LEU E 174 -26.62 -27.32 -38.52
N GLY E 175 -25.99 -28.34 -39.12
CA GLY E 175 -25.07 -29.20 -38.42
C GLY E 175 -23.69 -28.56 -38.45
N ALA E 176 -22.80 -29.10 -37.62
CA ALA E 176 -21.44 -28.61 -37.52
C ALA E 176 -20.50 -29.80 -37.57
N PHE E 177 -19.22 -29.55 -37.86
CA PHE E 177 -18.22 -30.61 -37.95
C PHE E 177 -17.80 -31.12 -36.55
N GLU E 178 -18.59 -32.02 -35.98
CA GLU E 178 -18.27 -32.64 -34.69
C GLU E 178 -18.01 -34.09 -35.13
N PRO E 179 -16.81 -34.65 -34.85
CA PRO E 179 -16.48 -36.01 -35.29
C PRO E 179 -17.58 -37.08 -35.13
N ASP E 180 -18.11 -37.29 -33.92
CA ASP E 180 -19.17 -38.29 -33.75
C ASP E 180 -20.33 -38.10 -34.72
N TYR E 181 -20.71 -36.83 -35.00
CA TYR E 181 -21.80 -36.54 -35.94
C TYR E 181 -21.42 -36.84 -37.41
N ILE E 182 -20.19 -36.49 -37.80
CA ILE E 182 -19.74 -36.75 -39.18
C ILE E 182 -19.66 -38.26 -39.45
N LEU E 183 -19.30 -39.03 -38.42
CA LEU E 183 -19.19 -40.50 -38.52
C LEU E 183 -20.53 -41.25 -38.67
N SER E 184 -21.65 -40.59 -38.32
CA SER E 184 -22.99 -41.24 -38.36
C SER E 184 -23.67 -41.30 -39.74
N GLN E 185 -23.16 -40.57 -40.72
CA GLN E 185 -23.80 -40.54 -42.04
C GLN E 185 -22.77 -40.60 -43.18
N PRO E 186 -23.22 -40.91 -44.41
CA PRO E 186 -22.27 -40.97 -45.53
C PRO E 186 -21.73 -39.58 -45.86
N VAL E 187 -20.59 -39.56 -46.54
CA VAL E 187 -19.97 -38.31 -46.92
C VAL E 187 -19.63 -38.33 -48.40
N ALA E 188 -20.18 -37.37 -49.13
CA ALA E 188 -19.93 -37.21 -50.53
C ALA E 188 -18.68 -36.34 -50.58
N VAL E 189 -17.63 -36.84 -51.23
CA VAL E 189 -16.36 -36.11 -51.35
C VAL E 189 -15.93 -35.87 -52.80
N LEU E 190 -15.09 -34.85 -52.95
CA LEU E 190 -14.57 -34.47 -54.25
C LEU E 190 -13.05 -34.54 -54.06
N ARG E 191 -12.32 -35.03 -55.06
CA ARG E 191 -10.86 -35.12 -54.97
C ARG E 191 -10.13 -34.51 -56.16
N LYS E 192 -8.96 -33.93 -55.90
CA LYS E 192 -8.11 -33.35 -56.95
C LYS E 192 -6.66 -33.61 -56.54
N ASP E 193 -5.87 -34.17 -57.45
CA ASP E 193 -4.46 -34.49 -57.19
C ASP E 193 -4.32 -35.45 -56.00
N GLY E 194 -5.18 -36.47 -55.97
CA GLY E 194 -5.19 -37.46 -54.89
C GLY E 194 -5.50 -36.87 -53.52
N LYS E 195 -6.28 -35.79 -53.49
CA LYS E 195 -6.59 -35.11 -52.23
C LYS E 195 -8.02 -34.54 -52.18
N ILE E 196 -8.66 -34.69 -51.02
CA ILE E 196 -10.01 -34.19 -50.80
C ILE E 196 -9.97 -32.67 -50.81
N THR E 197 -10.70 -32.09 -51.76
CA THR E 197 -10.78 -30.65 -51.93
C THR E 197 -12.20 -30.12 -51.64
N ALA E 198 -13.14 -31.03 -51.30
CA ALA E 198 -14.52 -30.64 -50.98
C ALA E 198 -15.30 -31.83 -50.39
N PHE E 199 -16.32 -31.53 -49.60
CA PHE E 199 -17.18 -32.56 -49.01
C PHE E 199 -18.55 -32.02 -48.57
N ALA E 200 -19.50 -32.95 -48.46
CA ALA E 200 -20.84 -32.66 -48.00
C ALA E 200 -21.44 -33.92 -47.38
N ASN E 201 -21.90 -33.85 -46.13
CA ASN E 201 -22.50 -35.03 -45.51
C ASN E 201 -23.92 -35.21 -46.08
N LEU E 202 -24.24 -36.44 -46.48
CA LEU E 202 -25.53 -36.77 -47.06
C LEU E 202 -26.48 -37.27 -45.99
N VAL E 204 -29.90 -39.20 -45.33
CA VAL E 204 -30.80 -40.16 -46.00
C VAL E 204 -31.65 -40.95 -44.98
N THR E 205 -32.67 -41.66 -45.50
CA THR E 205 -33.52 -42.52 -44.67
C THR E 205 -33.64 -43.84 -45.42
N GLU E 206 -34.16 -44.86 -44.75
CA GLU E 206 -34.33 -46.18 -45.37
C GLU E 206 -35.39 -46.21 -46.46
N THR E 207 -36.31 -45.25 -46.46
CA THR E 207 -37.39 -45.22 -47.44
C THR E 207 -36.98 -44.70 -48.84
N LYS E 208 -35.79 -44.11 -48.95
CA LYS E 208 -35.27 -43.56 -50.23
C LYS E 208 -36.20 -42.56 -50.92
N LYS E 209 -37.04 -41.87 -50.15
CA LYS E 209 -37.94 -40.90 -50.74
C LYS E 209 -37.23 -39.58 -50.98
N GLU E 210 -36.30 -39.25 -50.09
CA GLU E 210 -35.58 -38.01 -50.20
C GLU E 210 -34.18 -38.10 -49.60
N ALA E 211 -33.29 -37.29 -50.17
CA ALA E 211 -31.94 -37.13 -49.69
C ALA E 211 -31.66 -35.61 -49.68
N THR E 212 -30.70 -35.22 -48.87
CA THR E 212 -30.32 -33.81 -48.78
C THR E 212 -28.93 -33.71 -48.19
N ILE E 213 -28.37 -32.51 -48.19
CA ILE E 213 -27.07 -32.29 -47.57
C ILE E 213 -27.21 -31.27 -46.44
N ASP E 214 -26.23 -31.29 -45.56
CA ASP E 214 -26.18 -30.43 -44.38
C ASP E 214 -24.94 -29.54 -44.58
N LEU E 215 -23.76 -30.00 -44.16
CA LEU E 215 -22.53 -29.23 -44.40
C LEU E 215 -22.15 -29.35 -45.89
N ARG E 217 -18.68 -27.90 -47.84
CA ARG E 217 -17.45 -27.10 -47.74
C ARG E 217 -16.42 -27.40 -48.83
N PHE E 218 -15.98 -26.34 -49.48
CA PHE E 218 -15.00 -26.40 -50.53
C PHE E 218 -13.74 -25.66 -50.08
N SER E 219 -12.58 -26.29 -50.25
CA SER E 219 -11.32 -25.64 -49.94
C SER E 219 -11.14 -24.52 -50.97
N ALA E 220 -10.31 -23.53 -50.65
CA ALA E 220 -10.03 -22.40 -51.57
C ALA E 220 -9.39 -22.86 -52.90
N ASP E 221 -8.82 -24.07 -52.88
CA ASP E 221 -8.18 -24.67 -54.05
C ASP E 221 -9.18 -25.06 -55.13
N ALA E 222 -10.32 -25.58 -54.68
CA ALA E 222 -11.40 -26.06 -55.57
C ALA E 222 -11.57 -25.21 -56.84
N PRO E 223 -11.47 -25.86 -58.02
CA PRO E 223 -11.62 -25.10 -59.26
C PRO E 223 -13.07 -24.68 -59.58
N ARG E 224 -13.20 -23.72 -60.50
CA ARG E 224 -14.49 -23.22 -60.94
C ARG E 224 -15.29 -24.37 -61.56
N GLY E 225 -16.52 -24.56 -61.06
CA GLY E 225 -17.38 -25.64 -61.52
C GLY E 225 -17.43 -26.80 -60.54
N SER E 226 -16.73 -26.69 -59.41
CA SER E 226 -16.72 -27.75 -58.41
C SER E 226 -18.08 -27.96 -57.78
N ASP E 228 -21.08 -27.22 -59.42
CA ASP E 228 -21.85 -27.89 -60.49
C ASP E 228 -21.50 -29.37 -60.47
N PHE E 229 -20.20 -29.67 -60.47
CA PHE E 229 -19.69 -31.06 -60.51
C PHE E 229 -20.17 -31.90 -59.32
N LEU E 230 -20.07 -31.34 -58.11
CA LEU E 230 -20.51 -32.05 -56.89
C LEU E 230 -22.00 -32.37 -56.92
N PHE E 231 -22.83 -31.36 -57.20
CA PHE E 231 -24.29 -31.54 -57.25
C PHE E 231 -24.78 -32.46 -58.36
N VAL E 232 -24.18 -32.38 -59.55
CA VAL E 232 -24.60 -33.25 -60.65
C VAL E 232 -24.21 -34.68 -60.29
N SER E 233 -23.03 -34.82 -59.69
CA SER E 233 -22.54 -36.13 -59.29
C SER E 233 -23.39 -36.76 -58.18
N ILE E 234 -23.81 -35.95 -57.21
CA ILE E 234 -24.68 -36.43 -56.12
C ILE E 234 -26.03 -36.88 -56.66
N GLN E 236 -26.77 -37.83 -59.78
CA GLN E 236 -26.61 -39.03 -60.61
C GLN E 236 -26.42 -40.27 -59.73
N HIS E 237 -25.68 -40.11 -58.63
CA HIS E 237 -25.44 -41.20 -57.69
C HIS E 237 -26.76 -41.67 -57.04
N LEU E 238 -27.52 -40.72 -56.53
CA LEU E 238 -28.79 -41.01 -55.85
C LEU E 238 -29.83 -41.59 -56.80
N ARG E 239 -29.85 -41.07 -58.03
CA ARG E 239 -30.78 -41.55 -59.05
C ARG E 239 -30.60 -43.05 -59.26
N GLU E 240 -29.36 -43.47 -59.54
CA GLU E 240 -29.03 -44.89 -59.75
C GLU E 240 -29.20 -45.74 -58.49
N ALA E 241 -29.09 -45.11 -57.32
CA ALA E 241 -29.24 -45.83 -56.03
C ALA E 241 -30.71 -46.04 -55.65
N GLY E 242 -31.65 -45.46 -56.41
CA GLY E 242 -33.08 -45.63 -56.14
C GLY E 242 -33.84 -44.48 -55.46
N TYR E 243 -33.15 -43.41 -55.05
CA TYR E 243 -33.80 -42.27 -54.40
C TYR E 243 -34.69 -41.53 -55.38
N GLU E 244 -35.86 -41.09 -54.93
CA GLU E 244 -36.83 -40.38 -55.77
C GLU E 244 -36.59 -38.87 -55.90
N SER E 245 -36.02 -38.25 -54.87
CA SER E 245 -35.77 -36.82 -54.90
C SER E 245 -34.56 -36.37 -54.09
N PHE E 246 -34.02 -35.22 -54.45
CA PHE E 246 -32.90 -34.60 -53.75
C PHE E 246 -33.31 -33.19 -53.36
N ASN E 247 -33.24 -32.92 -52.07
CA ASN E 247 -33.61 -31.64 -51.50
C ASN E 247 -32.39 -30.73 -51.49
N LEU E 248 -32.43 -29.69 -52.33
CA LEU E 248 -31.35 -28.71 -52.43
C LEU E 248 -31.34 -27.67 -51.29
N GLY E 249 -32.34 -27.74 -50.41
CA GLY E 249 -32.44 -26.82 -49.28
C GLY E 249 -33.20 -25.53 -49.54
N ALA E 251 -34.19 -21.57 -49.97
CA ALA E 251 -33.69 -20.46 -50.75
C ALA E 251 -34.55 -19.26 -50.40
N PRO E 252 -33.95 -18.04 -50.43
CA PRO E 252 -34.75 -16.85 -50.16
C PRO E 252 -35.83 -16.70 -51.24
N ARG E 267 -42.39 -3.86 -41.33
CA ARG E 267 -41.30 -4.33 -40.49
C ARG E 267 -41.08 -5.82 -40.67
N ILE E 268 -42.19 -6.57 -40.66
CA ILE E 268 -42.15 -8.03 -40.81
C ILE E 268 -41.57 -8.51 -42.15
N GLY E 269 -41.91 -7.82 -43.25
CA GLY E 269 -41.42 -8.17 -44.58
C GLY E 269 -39.91 -8.05 -44.72
N SER E 270 -39.36 -6.96 -44.16
CA SER E 270 -37.91 -6.72 -44.19
C SER E 270 -37.14 -7.70 -43.30
N THR E 271 -37.74 -8.07 -42.16
CA THR E 271 -37.11 -9.03 -41.23
C THR E 271 -36.98 -10.40 -41.91
N LEU E 272 -38.04 -10.86 -42.57
CA LEU E 272 -38.02 -12.15 -43.29
C LEU E 272 -37.02 -12.16 -44.42
N PHE E 273 -36.94 -11.05 -45.15
CA PHE E 273 -36.01 -10.93 -46.25
C PHE E 273 -34.55 -11.08 -45.76
N GLU E 274 -34.15 -10.26 -44.80
CA GLU E 274 -32.76 -10.32 -44.25
C GLU E 274 -32.45 -11.65 -43.54
N HIS E 275 -33.48 -12.34 -43.06
CA HIS E 275 -33.29 -13.66 -42.43
C HIS E 275 -32.88 -14.66 -43.52
N GLY E 276 -33.57 -14.59 -44.67
CA GLY E 276 -33.27 -15.46 -45.81
C GLY E 276 -31.84 -15.29 -46.30
N GLU E 277 -31.43 -14.06 -46.55
CA GLU E 277 -30.06 -13.77 -46.99
C GLU E 277 -29.01 -14.27 -45.97
N ARG E 278 -29.37 -14.19 -44.68
CA ARG E 278 -28.48 -14.60 -43.61
C ARG E 278 -28.23 -16.12 -43.49
N PHE E 279 -29.25 -16.93 -43.74
CA PHE E 279 -29.11 -18.39 -43.58
C PHE E 279 -29.40 -19.32 -44.76
N TYR E 280 -30.02 -18.84 -45.83
CA TYR E 280 -30.39 -19.76 -46.94
C TYR E 280 -29.46 -19.78 -48.16
N ASN E 281 -28.28 -19.15 -48.06
CA ASN E 281 -27.30 -19.10 -49.18
C ASN E 281 -25.99 -19.85 -48.90
N PHE E 282 -25.97 -20.77 -47.94
CA PHE E 282 -24.73 -21.51 -47.64
C PHE E 282 -24.41 -22.64 -48.64
N LYS E 283 -25.43 -23.20 -49.28
CA LYS E 283 -25.21 -24.28 -50.26
C LYS E 283 -25.76 -23.92 -51.65
N GLY E 284 -25.34 -22.75 -52.13
CA GLY E 284 -25.72 -22.22 -53.44
C GLY E 284 -26.81 -21.16 -53.39
N LEU E 285 -26.74 -20.19 -54.30
CA LEU E 285 -27.75 -19.14 -54.38
C LEU E 285 -28.97 -19.68 -55.14
N ARG E 286 -30.08 -18.95 -55.05
CA ARG E 286 -31.34 -19.36 -55.69
C ARG E 286 -31.20 -19.67 -57.19
N ALA E 287 -30.42 -18.84 -57.91
CA ALA E 287 -30.20 -19.02 -59.35
C ALA E 287 -29.47 -20.33 -59.67
N PHE E 288 -28.60 -20.76 -58.76
CA PHE E 288 -27.85 -22.02 -58.92
C PHE E 288 -28.81 -23.22 -58.79
N LYS E 289 -29.66 -23.20 -57.77
CA LYS E 289 -30.60 -24.30 -57.57
C LYS E 289 -31.63 -24.41 -58.71
N ALA E 290 -32.02 -23.27 -59.27
CA ALA E 290 -33.04 -23.20 -60.33
C ALA E 290 -32.67 -23.90 -61.64
N LYS E 291 -31.38 -23.95 -61.97
CA LYS E 291 -30.95 -24.64 -63.21
C LYS E 291 -31.06 -26.17 -63.14
N PHE E 292 -31.45 -26.70 -61.98
CA PHE E 292 -31.68 -28.14 -61.83
C PHE E 292 -33.18 -28.42 -62.02
N HIS E 293 -33.92 -27.37 -62.44
CA HIS E 293 -35.37 -27.43 -62.69
C HIS E 293 -36.16 -28.12 -61.55
N PRO E 294 -36.03 -27.60 -60.32
CA PRO E 294 -36.73 -28.19 -59.18
C PRO E 294 -38.13 -27.62 -58.97
N LYS E 295 -38.93 -28.35 -58.21
CA LYS E 295 -40.26 -27.88 -57.83
C LYS E 295 -39.96 -27.13 -56.53
N TRP E 296 -40.60 -25.98 -56.34
CA TRP E 296 -40.38 -25.17 -55.15
C TRP E 296 -41.51 -25.30 -54.13
N GLU E 297 -41.23 -25.91 -52.98
CA GLU E 297 -42.22 -26.03 -51.91
C GLU E 297 -41.97 -24.97 -50.85
N PRO E 298 -43.03 -24.25 -50.43
CA PRO E 298 -42.85 -23.25 -49.39
C PRO E 298 -42.71 -23.85 -47.96
N ARG E 299 -41.97 -23.14 -47.11
CA ARG E 299 -41.79 -23.53 -45.69
C ARG E 299 -42.15 -22.30 -44.87
N TYR E 300 -42.65 -22.51 -43.66
CA TYR E 300 -43.15 -21.40 -42.87
C TYR E 300 -42.66 -21.24 -41.42
N LEU E 301 -42.97 -20.06 -40.89
CA LEU E 301 -42.73 -19.70 -39.49
C LEU E 301 -44.14 -19.56 -38.91
N ALA E 302 -44.44 -20.33 -37.86
CA ALA E 302 -45.74 -20.27 -37.22
C ALA E 302 -45.61 -19.66 -35.82
N VAL E 303 -46.34 -18.58 -35.57
CA VAL E 303 -46.32 -17.90 -34.26
C VAL E 303 -47.72 -17.40 -33.89
N GLN E 304 -47.94 -17.18 -32.59
CA GLN E 304 -49.25 -16.71 -32.09
C GLN E 304 -49.76 -15.41 -32.73
N ASN E 305 -48.88 -14.44 -32.94
CA ASN E 305 -49.25 -13.12 -33.50
C ASN E 305 -48.17 -12.56 -34.42
N GLY E 306 -48.50 -11.48 -35.12
CA GLY E 306 -47.55 -10.80 -36.01
C GLY E 306 -46.38 -10.15 -35.26
N ALA E 307 -46.64 -9.69 -34.03
CA ALA E 307 -45.57 -9.06 -33.20
C ALA E 307 -44.56 -10.12 -32.73
N ASP E 308 -45.07 -11.32 -32.42
CA ASP E 308 -44.24 -12.44 -31.99
C ASP E 308 -43.34 -12.94 -33.13
N ALA E 309 -43.70 -12.67 -34.38
CA ALA E 309 -42.91 -13.13 -35.53
C ALA E 309 -41.47 -12.64 -35.48
N ALA E 310 -41.28 -11.32 -35.35
CA ALA E 310 -39.94 -10.73 -35.30
C ALA E 310 -39.18 -11.13 -34.05
N LEU E 311 -39.89 -11.19 -32.91
CA LEU E 311 -39.26 -11.57 -31.64
C LEU E 311 -38.84 -13.04 -31.64
N ALA E 312 -39.67 -13.91 -32.20
CA ALA E 312 -39.38 -15.34 -32.27
C ALA E 312 -38.21 -15.60 -33.18
N LEU E 313 -38.20 -14.89 -34.31
CA LEU E 313 -37.16 -15.03 -35.31
C LEU E 313 -35.79 -14.58 -34.76
N ASP E 315 -34.94 -14.91 -31.57
CA ASP E 315 -34.55 -16.04 -30.74
C ASP E 315 -34.04 -17.22 -31.58
N ALA E 316 -34.65 -17.43 -32.74
CA ALA E 316 -34.23 -18.51 -33.62
C ALA E 316 -32.85 -18.20 -34.24
N THR E 317 -32.62 -16.91 -34.52
CA THR E 317 -31.35 -16.47 -35.09
C THR E 317 -30.19 -16.73 -34.12
N VAL E 318 -30.45 -16.60 -32.81
CA VAL E 318 -29.46 -16.88 -31.76
C VAL E 318 -29.20 -18.40 -31.63
N LEU E 319 -30.27 -19.21 -31.71
CA LEU E 319 -30.15 -20.67 -31.64
C LEU E 319 -29.30 -21.26 -32.77
N ILE E 320 -29.37 -20.65 -33.95
CA ILE E 320 -28.60 -21.10 -35.11
C ILE E 320 -27.19 -20.50 -35.11
N SER E 321 -27.07 -19.21 -34.80
CA SER E 321 -25.74 -18.52 -34.81
C SER E 321 -24.84 -18.85 -33.63
N GLY E 322 -25.40 -18.84 -32.43
CA GLY E 322 -24.67 -19.15 -31.20
C GLY E 322 -25.28 -20.44 -30.69
N GLY E 323 -26.25 -20.31 -29.79
CA GLY E 323 -26.97 -21.44 -29.27
C GLY E 323 -26.19 -22.34 -28.33
N VAL E 324 -26.64 -23.59 -28.27
CA VAL E 324 -26.05 -24.58 -27.36
C VAL E 324 -24.76 -25.24 -27.84
N ARG E 325 -23.89 -25.57 -26.89
CA ARG E 325 -22.64 -26.28 -27.16
C ARG E 325 -22.95 -27.64 -27.78
N GLY E 326 -23.94 -28.32 -27.21
CA GLY E 326 -24.39 -29.63 -27.67
C GLY E 326 -23.54 -30.75 -27.13
N VAL E 327 -23.76 -31.95 -27.68
CA VAL E 327 -23.02 -33.15 -27.30
C VAL E 327 -21.62 -33.11 -27.92
N ILE E 328 -20.60 -33.23 -27.09
CA ILE E 328 -19.19 -33.24 -27.52
C ILE E 328 -18.62 -34.65 -27.29
N GLY E 329 -18.14 -35.28 -28.37
CA GLY E 329 -17.58 -36.62 -28.30
C GLY E 329 -16.30 -36.69 -27.52
N SER F 1 -1.33 -4.32 -41.91
CA SER F 1 -2.05 -5.58 -41.57
C SER F 1 -3.00 -5.41 -40.39
N ASN F 2 -3.91 -6.37 -40.25
CA ASN F 2 -4.85 -6.38 -39.14
C ASN F 2 -4.11 -6.46 -37.82
N ALA F 3 -3.08 -7.31 -37.78
CA ALA F 3 -2.27 -7.47 -36.59
C ALA F 3 -1.69 -6.12 -36.17
N GLU F 4 -1.03 -5.42 -37.11
CA GLU F 4 -0.48 -4.08 -36.86
C GLU F 4 -1.55 -3.11 -36.34
N ASP F 5 -2.69 -3.08 -37.02
CA ASP F 5 -3.79 -2.20 -36.59
C ASP F 5 -4.25 -2.52 -35.16
N VAL F 6 -4.36 -3.80 -34.80
CA VAL F 6 -4.77 -4.16 -33.44
C VAL F 6 -3.74 -3.69 -32.40
N GLU F 7 -2.44 -3.89 -32.71
CA GLU F 7 -1.35 -3.44 -31.84
C GLU F 7 -1.47 -1.92 -31.66
N ARG F 8 -1.55 -1.20 -32.76
CA ARG F 8 -1.67 0.25 -32.70
C ARG F 8 -2.92 0.70 -31.93
N ALA F 9 -4.07 0.09 -32.23
CA ALA F 9 -5.29 0.46 -31.51
C ALA F 9 -5.11 0.24 -29.99
N THR F 10 -4.46 -0.86 -29.62
CA THR F 10 -4.20 -1.21 -28.20
C THR F 10 -3.36 -0.14 -27.47
N ASP F 11 -2.34 0.42 -28.13
CA ASP F 11 -1.56 1.50 -27.54
C ASP F 11 -2.43 2.72 -27.27
N ILE F 12 -3.35 3.00 -28.19
CA ILE F 12 -4.28 4.11 -28.00
C ILE F 12 -5.17 3.83 -26.79
N VAL F 13 -5.69 2.61 -26.70
CA VAL F 13 -6.55 2.24 -25.56
C VAL F 13 -5.90 2.51 -24.19
N ARG F 15 -3.73 4.61 -23.23
CA ARG F 15 -3.48 6.03 -22.92
C ARG F 15 -4.77 6.84 -22.72
N GLN F 16 -5.93 6.17 -22.83
CA GLN F 16 -7.22 6.82 -22.64
C GLN F 16 -7.98 6.16 -21.46
N ASP F 17 -9.16 6.69 -21.13
CA ASP F 17 -9.92 6.25 -19.94
C ASP F 17 -10.91 5.08 -20.04
N SER F 18 -11.45 4.82 -21.22
CA SER F 18 -12.43 3.75 -21.39
C SER F 18 -11.81 2.33 -21.31
N ALA F 19 -12.13 1.62 -20.23
CA ALA F 19 -11.57 0.29 -20.02
C ALA F 19 -12.08 -0.79 -20.99
N ASP F 20 -13.35 -0.72 -21.40
CA ASP F 20 -13.89 -1.76 -22.30
C ASP F 20 -13.34 -1.66 -23.73
N ALA F 21 -12.61 -0.59 -24.02
CA ALA F 21 -11.97 -0.43 -25.32
C ALA F 21 -10.91 -1.54 -25.51
N ASN F 22 -10.48 -2.15 -24.41
CA ASN F 22 -9.53 -3.27 -24.48
C ASN F 22 -10.09 -4.45 -25.27
N LEU F 23 -11.40 -4.49 -25.53
CA LEU F 23 -11.99 -5.57 -26.32
C LEU F 23 -11.44 -5.57 -27.75
N VAL F 24 -10.74 -4.49 -28.16
CA VAL F 24 -10.11 -4.45 -29.49
C VAL F 24 -9.04 -5.57 -29.58
N ARG F 25 -8.45 -5.93 -28.43
CA ARG F 25 -7.42 -7.00 -28.35
C ARG F 25 -7.89 -8.35 -28.84
N GLY F 27 -9.17 -9.02 -31.44
CA GLY F 27 -8.82 -9.11 -32.86
C GLY F 27 -9.95 -9.53 -33.78
N ASP F 28 -11.17 -9.56 -33.26
CA ASP F 28 -12.32 -9.97 -34.07
C ASP F 28 -13.04 -8.77 -34.73
N LYS F 29 -12.64 -7.56 -34.38
CA LYS F 29 -13.28 -6.36 -34.92
C LYS F 29 -12.37 -5.59 -35.90
N HIS F 30 -12.97 -5.06 -36.95
CA HIS F 30 -12.25 -4.24 -37.91
C HIS F 30 -11.91 -2.95 -37.18
N VAL F 31 -10.80 -2.32 -37.56
CA VAL F 31 -10.39 -1.06 -36.94
C VAL F 31 -10.22 0.02 -38.01
N PHE F 33 -9.04 3.95 -38.46
CA PHE F 33 -8.33 5.03 -37.80
C PHE F 33 -8.68 6.40 -38.35
N SER F 34 -8.50 7.41 -37.51
CA SER F 34 -8.70 8.80 -37.92
C SER F 34 -7.50 9.14 -38.78
N GLU F 35 -7.57 10.29 -39.43
CA GLU F 35 -6.48 10.77 -40.29
C GLU F 35 -5.17 10.93 -39.49
N SER F 36 -5.27 11.43 -38.27
CA SER F 36 -4.10 11.61 -37.40
C SER F 36 -3.49 10.29 -36.94
N GLY F 37 -4.32 9.27 -36.78
CA GLY F 37 -3.90 7.98 -36.26
C GLY F 37 -3.98 7.94 -34.73
N ASN F 38 -4.58 8.96 -34.13
CA ASN F 38 -4.71 9.09 -32.67
C ASN F 38 -6.10 8.71 -32.14
N ALA F 39 -6.97 8.21 -33.01
CA ALA F 39 -8.29 7.76 -32.60
C ALA F 39 -8.74 6.64 -33.53
N PHE F 40 -9.59 5.76 -33.01
CA PHE F 40 -10.12 4.69 -33.85
C PHE F 40 -11.53 4.29 -33.47
N ILE F 41 -12.23 3.71 -34.45
CA ILE F 41 -13.54 3.11 -34.28
C ILE F 41 -13.33 1.63 -34.59
N TYR F 43 -15.39 -1.97 -35.26
CA TYR F 43 -16.71 -2.34 -35.74
C TYR F 43 -16.76 -3.72 -36.39
N GLY F 44 -17.99 -4.17 -36.61
CA GLY F 44 -18.26 -5.44 -37.28
C GLY F 44 -19.13 -5.17 -38.49
N ILE F 45 -19.08 -6.08 -39.45
CA ILE F 45 -19.88 -6.00 -40.65
C ILE F 45 -20.70 -7.27 -40.61
N GLN F 46 -22.02 -7.12 -40.66
CA GLN F 46 -22.92 -8.26 -40.60
C GLN F 46 -24.15 -7.97 -41.41
N GLY F 47 -24.34 -8.78 -42.45
CA GLY F 47 -25.46 -8.65 -43.36
C GLY F 47 -25.46 -7.31 -44.05
N ARG F 48 -26.54 -6.55 -43.85
CA ARG F 48 -26.68 -5.22 -44.44
C ARG F 48 -26.38 -4.12 -43.43
N SER F 49 -25.64 -4.43 -42.35
CA SER F 49 -25.29 -3.43 -41.32
C SER F 49 -23.81 -3.41 -40.99
N TRP F 50 -23.32 -2.19 -40.74
CA TRP F 50 -21.97 -1.94 -40.27
C TRP F 50 -22.25 -1.43 -38.88
N ILE F 51 -21.73 -2.14 -37.88
CA ILE F 51 -22.01 -1.81 -36.49
C ILE F 51 -20.78 -1.50 -35.68
N ALA F 52 -20.65 -0.25 -35.27
CA ALA F 52 -19.53 0.14 -34.43
C ALA F 52 -19.80 -0.30 -33.01
N PHE F 53 -18.74 -0.74 -32.32
CA PHE F 53 -18.86 -1.12 -30.94
C PHE F 53 -18.50 0.07 -30.06
N ALA F 54 -19.46 0.52 -29.28
CA ALA F 54 -19.28 1.63 -28.34
C ALA F 54 -18.77 2.93 -29.00
N ASP F 55 -18.07 3.76 -28.24
CA ASP F 55 -17.59 5.03 -28.75
C ASP F 55 -16.26 4.94 -29.50
N PRO F 56 -15.97 5.95 -30.35
CA PRO F 56 -14.64 6.01 -30.95
C PRO F 56 -13.65 6.14 -29.79
N VAL F 57 -12.45 5.62 -29.94
CA VAL F 57 -11.47 5.63 -28.85
C VAL F 57 -10.26 6.44 -29.23
N GLY F 58 -9.78 7.27 -28.29
CA GLY F 58 -8.59 8.09 -28.48
C GLY F 58 -8.81 9.57 -28.29
N ASP F 59 -8.14 10.38 -29.10
CA ASP F 59 -8.24 11.84 -29.01
C ASP F 59 -9.64 12.29 -29.46
N GLU F 60 -10.39 12.89 -28.53
CA GLU F 60 -11.75 13.36 -28.82
C GLU F 60 -11.88 14.43 -29.92
N GLU F 61 -10.80 15.12 -30.28
CA GLU F 61 -10.86 16.12 -31.37
C GLU F 61 -11.12 15.43 -32.74
N ASP F 62 -10.75 14.16 -32.87
CA ASP F 62 -10.95 13.39 -34.12
C ASP F 62 -12.31 12.71 -34.21
N PHE F 63 -13.08 12.72 -33.12
CA PHE F 63 -14.37 12.02 -33.08
C PHE F 63 -15.38 12.47 -34.14
N PRO F 64 -15.58 13.80 -34.33
CA PRO F 64 -16.52 14.21 -35.39
C PRO F 64 -16.17 13.65 -36.78
N ASP F 65 -14.92 13.83 -37.22
CA ASP F 65 -14.51 13.30 -38.53
C ASP F 65 -14.66 11.77 -38.61
N LEU F 66 -14.26 11.06 -37.55
CA LEU F 66 -14.35 9.57 -37.53
C LEU F 66 -15.77 9.04 -37.68
N VAL F 67 -16.69 9.59 -36.88
CA VAL F 67 -18.10 9.21 -36.92
C VAL F 67 -18.63 9.39 -38.35
N TRP F 68 -18.30 10.53 -38.95
CA TRP F 68 -18.71 10.85 -40.32
C TRP F 68 -18.09 9.89 -41.33
N GLN F 69 -16.81 9.57 -41.14
CA GLN F 69 -16.07 8.63 -42.01
C GLN F 69 -16.73 7.23 -42.00
N PHE F 70 -17.08 6.75 -40.80
CA PHE F 70 -17.73 5.45 -40.63
C PHE F 70 -19.10 5.40 -41.31
N VAL F 71 -19.91 6.45 -41.07
CA VAL F 71 -21.25 6.56 -41.65
C VAL F 71 -21.17 6.58 -43.20
N GLU F 72 -20.21 7.34 -43.73
CA GLU F 72 -19.98 7.44 -45.18
C GLU F 72 -19.54 6.10 -45.81
N ALA F 73 -18.63 5.41 -45.13
CA ALA F 73 -18.15 4.12 -45.63
C ALA F 73 -19.30 3.10 -45.65
N ALA F 74 -20.16 3.10 -44.62
CA ALA F 74 -21.31 2.18 -44.59
C ALA F 74 -22.26 2.48 -45.76
N ARG F 75 -22.48 3.77 -46.02
CA ARG F 75 -23.33 4.19 -47.14
C ARG F 75 -22.69 3.74 -48.47
N GLY F 76 -21.37 3.92 -48.59
CA GLY F 76 -20.63 3.52 -49.79
C GLY F 76 -20.72 2.03 -50.09
N ALA F 77 -20.73 1.20 -49.05
CA ALA F 77 -20.83 -0.25 -49.21
C ALA F 77 -22.28 -0.74 -49.28
N GLY F 78 -23.25 0.18 -49.21
CA GLY F 78 -24.67 -0.15 -49.31
C GLY F 78 -25.27 -0.82 -48.08
N ALA F 79 -24.81 -0.40 -46.89
CA ALA F 79 -25.30 -0.95 -45.64
C ALA F 79 -25.76 0.18 -44.77
N ARG F 80 -26.53 -0.16 -43.75
CA ARG F 80 -26.98 0.81 -42.79
C ARG F 80 -25.80 0.96 -41.79
N ALA F 81 -25.69 2.11 -41.15
CA ALA F 81 -24.61 2.33 -40.17
C ALA F 81 -25.25 2.36 -38.81
N ALA F 82 -24.59 1.75 -37.83
CA ALA F 82 -25.12 1.75 -36.48
C ALA F 82 -24.00 1.78 -35.46
N PHE F 83 -24.29 2.42 -34.34
CA PHE F 83 -23.38 2.49 -33.21
C PHE F 83 -24.06 1.76 -32.07
N TYR F 84 -23.38 0.73 -31.55
CA TYR F 84 -23.92 -0.11 -30.48
C TYR F 84 -23.27 0.21 -29.11
N GLN F 85 -24.09 0.66 -28.17
CA GLN F 85 -23.67 1.03 -26.79
C GLN F 85 -22.78 2.26 -26.73
N ILE F 86 -23.23 3.36 -27.34
CA ILE F 86 -22.48 4.61 -27.28
C ILE F 86 -22.89 5.38 -26.04
N SER F 87 -21.98 6.25 -25.59
CA SER F 87 -22.21 7.06 -24.40
C SER F 87 -22.96 8.37 -24.74
N PRO F 88 -23.50 9.07 -23.73
CA PRO F 88 -24.17 10.35 -23.97
C PRO F 88 -23.28 11.37 -24.69
N PHE F 89 -21.97 11.30 -24.49
CA PHE F 89 -21.02 12.22 -25.12
C PHE F 89 -20.97 12.09 -26.66
N LEU F 90 -21.31 10.91 -27.18
CA LEU F 90 -21.34 10.67 -28.62
C LEU F 90 -22.66 10.96 -29.34
N LEU F 91 -23.71 11.31 -28.59
CA LEU F 91 -25.02 11.56 -29.20
C LEU F 91 -25.04 12.76 -30.16
N SER F 92 -24.27 13.81 -29.86
CA SER F 92 -24.22 14.98 -30.75
C SER F 92 -23.54 14.63 -32.08
N HIS F 93 -22.45 13.88 -31.98
CA HIS F 93 -21.69 13.44 -33.17
C HIS F 93 -22.61 12.62 -34.08
N CYS F 94 -23.40 11.75 -33.46
CA CYS F 94 -24.35 10.92 -34.18
C CYS F 94 -25.53 11.71 -34.77
N ALA F 95 -26.08 12.66 -34.01
CA ALA F 95 -27.18 13.49 -34.51
C ALA F 95 -26.74 14.32 -35.72
N ASP F 96 -25.47 14.75 -35.71
CA ASP F 96 -24.90 15.51 -36.82
C ASP F 96 -24.94 14.68 -38.09
N ALA F 97 -24.55 13.41 -37.96
CA ALA F 97 -24.58 12.46 -39.08
C ALA F 97 -26.01 11.95 -39.37
N GLY F 98 -27.02 12.56 -38.76
CA GLY F 98 -28.43 12.22 -38.99
C GLY F 98 -28.94 10.98 -38.28
N LEU F 99 -28.31 10.59 -37.17
CA LEU F 99 -28.74 9.38 -36.44
C LEU F 99 -29.58 9.66 -35.19
N ARG F 100 -30.57 8.82 -34.96
CA ARG F 100 -31.46 8.87 -33.79
C ARG F 100 -30.86 7.92 -32.75
N ALA F 101 -31.19 8.12 -31.46
CA ALA F 101 -30.66 7.27 -30.40
C ALA F 101 -31.74 6.60 -29.54
N PHE F 102 -31.57 5.31 -29.27
CA PHE F 102 -32.48 4.51 -28.42
C PHE F 102 -31.70 3.91 -27.26
N LYS F 103 -32.16 4.15 -26.03
CA LYS F 103 -31.53 3.62 -24.82
C LYS F 103 -31.60 2.08 -24.78
N LEU F 104 -30.44 1.45 -24.57
CA LEU F 104 -30.32 -0.01 -24.49
C LEU F 104 -30.31 -0.49 -23.06
N GLY F 105 -29.77 0.33 -22.18
CA GLY F 105 -29.66 -0.03 -20.77
C GLY F 105 -28.78 0.95 -20.04
N GLU F 106 -28.17 0.49 -18.95
CA GLU F 106 -27.32 1.35 -18.13
C GLU F 106 -26.12 0.65 -17.53
N LEU F 107 -24.99 1.33 -17.53
CA LEU F 107 -23.79 0.82 -16.90
C LEU F 107 -23.93 1.12 -15.41
N ALA F 108 -23.39 0.25 -14.56
CA ALA F 108 -23.38 0.48 -13.13
C ALA F 108 -21.93 0.82 -12.80
N LEU F 109 -21.66 2.11 -12.57
CA LEU F 109 -20.31 2.61 -12.25
C LEU F 109 -20.14 2.90 -10.77
N VAL F 110 -19.23 2.18 -10.11
CA VAL F 110 -18.95 2.37 -8.69
C VAL F 110 -17.80 3.34 -8.51
N ASP F 111 -18.00 4.37 -7.68
CA ASP F 111 -16.95 5.35 -7.38
C ASP F 111 -16.07 4.72 -6.30
N LEU F 112 -14.86 4.28 -6.68
CA LEU F 112 -13.94 3.64 -5.73
C LEU F 112 -13.44 4.56 -4.61
N THR F 113 -13.39 5.87 -4.86
CA THR F 113 -12.94 6.82 -3.82
C THR F 113 -13.98 6.92 -2.70
N ALA F 114 -15.23 6.54 -2.99
CA ALA F 114 -16.31 6.57 -2.01
C ALA F 114 -16.71 5.16 -1.54
N PHE F 115 -16.05 4.12 -2.06
CA PHE F 115 -16.33 2.75 -1.64
C PHE F 115 -15.58 2.50 -0.34
N GLU F 116 -16.27 2.69 0.78
CA GLU F 116 -15.71 2.55 2.13
C GLU F 116 -16.20 1.25 2.77
N LEU F 117 -15.37 0.20 2.70
CA LEU F 117 -15.69 -1.12 3.25
C LEU F 117 -16.00 -1.04 4.75
N LYS F 118 -15.10 -0.42 5.51
CA LYS F 118 -15.32 -0.25 6.95
C LYS F 118 -16.16 1.02 7.15
N GLY F 119 -17.45 0.88 6.89
CA GLY F 119 -18.41 1.97 7.04
C GLY F 119 -19.82 1.41 7.00
N GLY F 120 -20.67 1.87 7.91
CA GLY F 120 -22.07 1.41 8.04
C GLY F 120 -22.87 1.18 6.76
N LYS F 121 -22.54 1.92 5.71
CA LYS F 121 -23.23 1.83 4.42
C LYS F 121 -23.02 0.48 3.70
N LEU F 122 -21.82 -0.08 3.82
CA LEU F 122 -21.48 -1.37 3.19
C LEU F 122 -21.23 -2.46 4.23
N ALA F 123 -22.01 -2.44 5.31
CA ALA F 123 -21.87 -3.43 6.39
C ALA F 123 -22.09 -4.84 5.89
N THR F 124 -23.13 -5.02 5.08
CA THR F 124 -23.48 -6.33 4.50
C THR F 124 -22.35 -6.90 3.65
N LEU F 125 -21.77 -6.08 2.78
CA LEU F 125 -20.67 -6.52 1.91
C LEU F 125 -19.41 -6.86 2.71
N ARG F 126 -19.11 -6.03 3.71
CA ARG F 126 -17.97 -6.26 4.58
C ARG F 126 -18.14 -7.59 5.31
N GLN F 127 -19.34 -7.81 5.85
CA GLN F 127 -19.62 -9.05 6.56
C GLN F 127 -19.60 -10.27 5.61
N SER F 128 -20.03 -10.07 4.35
CA SER F 128 -19.96 -11.16 3.36
C SER F 128 -18.51 -11.50 3.03
N LEU F 129 -17.64 -10.48 3.03
CA LEU F 129 -16.22 -10.67 2.74
C LEU F 129 -15.56 -11.52 3.85
N SER F 130 -15.79 -11.14 5.11
CA SER F 130 -15.22 -11.87 6.24
C SER F 130 -15.77 -13.31 6.34
N ARG F 131 -17.01 -13.49 5.91
CA ARG F 131 -17.67 -14.80 5.93
C ARG F 131 -16.93 -15.76 5.00
N GLY F 132 -16.75 -15.32 3.76
CA GLY F 132 -16.05 -16.10 2.74
C GLY F 132 -14.66 -16.48 3.18
N ALA F 133 -13.96 -15.54 3.85
CA ALA F 133 -12.59 -15.78 4.31
C ALA F 133 -12.54 -16.92 5.34
N ARG F 134 -13.55 -16.98 6.22
CA ARG F 134 -13.62 -18.07 7.22
C ARG F 134 -13.99 -19.39 6.53
N ASP F 135 -14.76 -19.31 5.44
CA ASP F 135 -15.15 -20.51 4.66
C ASP F 135 -14.04 -21.04 3.74
N GLY F 136 -12.87 -20.41 3.77
CA GLY F 136 -11.75 -20.87 2.95
C GLY F 136 -11.65 -20.31 1.55
N LEU F 137 -12.42 -19.27 1.24
CA LEU F 137 -12.32 -18.61 -0.09
C LEU F 137 -11.16 -17.63 -0.04
N THR F 138 -10.37 -17.62 -1.12
CA THR F 138 -9.22 -16.70 -1.22
C THR F 138 -9.27 -15.99 -2.56
N PHE F 139 -8.77 -14.75 -2.59
CA PHE F 139 -8.77 -13.92 -3.78
C PHE F 139 -7.39 -13.43 -4.13
N GLU F 140 -7.12 -13.35 -5.44
CA GLU F 140 -5.86 -12.85 -5.92
C GLU F 140 -6.01 -12.27 -7.35
N VAL F 141 -5.36 -11.15 -7.60
CA VAL F 141 -5.27 -10.57 -8.94
C VAL F 141 -3.91 -11.06 -9.40
N VAL F 142 -3.90 -11.87 -10.46
CA VAL F 142 -2.68 -12.40 -11.03
C VAL F 142 -2.26 -11.53 -12.23
N GLU F 143 -1.07 -10.94 -12.16
CA GLU F 143 -0.53 -10.12 -13.26
C GLU F 143 -0.17 -10.97 -14.49
N GLN F 144 -0.03 -10.29 -15.63
CA GLN F 144 0.28 -10.94 -16.90
C GLN F 144 1.43 -11.96 -16.81
N SER F 145 2.56 -11.52 -16.26
CA SER F 145 3.75 -12.38 -16.13
C SER F 145 3.49 -13.68 -15.36
N GLN F 146 2.50 -13.68 -14.47
CA GLN F 146 2.15 -14.87 -13.69
C GLN F 146 0.95 -15.69 -14.24
N VAL F 147 0.22 -15.14 -15.21
CA VAL F 147 -0.92 -15.86 -15.79
C VAL F 147 -0.54 -17.22 -16.41
N PRO F 148 0.63 -17.33 -17.08
CA PRO F 148 0.98 -18.66 -17.62
C PRO F 148 0.98 -19.81 -16.58
N ASP F 149 1.28 -19.48 -15.32
CA ASP F 149 1.30 -20.47 -14.22
C ASP F 149 -0.11 -21.02 -13.87
N ILE F 150 -1.17 -20.27 -14.18
CA ILE F 150 -2.54 -20.69 -13.91
C ILE F 150 -3.35 -21.03 -15.16
N ASP F 152 -3.44 -23.39 -17.44
CA ASP F 152 -4.03 -24.75 -17.54
C ASP F 152 -5.25 -24.89 -16.67
N GLU F 153 -5.19 -24.31 -15.48
CA GLU F 153 -6.32 -24.39 -14.55
C GLU F 153 -7.49 -23.52 -15.02
N LEU F 154 -7.17 -22.33 -15.54
CA LEU F 154 -8.21 -21.41 -16.07
C LEU F 154 -8.94 -22.03 -17.25
N GLN F 155 -8.17 -22.67 -18.13
CA GLN F 155 -8.71 -23.36 -19.30
C GLN F 155 -9.72 -24.39 -18.85
N GLN F 156 -9.37 -25.19 -17.83
CA GLN F 156 -10.30 -26.22 -17.30
C GLN F 156 -11.53 -25.62 -16.63
N VAL F 157 -11.35 -24.53 -15.88
CA VAL F 157 -12.51 -23.87 -15.27
C VAL F 157 -13.41 -23.31 -16.39
N SER F 158 -12.80 -22.70 -17.41
CA SER F 158 -13.55 -22.16 -18.55
C SER F 158 -14.31 -23.28 -19.28
N ASP F 159 -13.62 -24.36 -19.64
CA ASP F 159 -14.29 -25.47 -20.35
C ASP F 159 -15.47 -26.04 -19.56
N GLY F 160 -15.29 -26.18 -18.25
CA GLY F 160 -16.36 -26.68 -17.36
C GLY F 160 -17.57 -25.76 -17.32
N TRP F 161 -17.31 -24.45 -17.37
CA TRP F 161 -18.38 -23.44 -17.34
C TRP F 161 -19.23 -23.53 -18.61
N LEU F 162 -18.55 -23.64 -19.75
CA LEU F 162 -19.22 -23.77 -21.06
C LEU F 162 -20.04 -25.07 -21.13
N ALA F 163 -19.49 -26.18 -20.64
CA ALA F 163 -20.20 -27.48 -20.63
C ALA F 163 -21.36 -27.48 -19.63
N HIS F 164 -21.17 -26.83 -18.47
CA HIS F 164 -22.20 -26.75 -17.43
C HIS F 164 -23.42 -25.96 -17.88
N HIS F 165 -23.20 -24.78 -18.47
CA HIS F 165 -24.30 -23.97 -18.99
C HIS F 165 -24.67 -24.40 -20.42
N ASN F 166 -23.96 -25.39 -20.95
CA ASN F 166 -24.21 -25.93 -22.29
C ASN F 166 -24.26 -24.76 -23.28
N THR F 167 -23.21 -23.94 -23.25
CA THR F 167 -23.20 -22.75 -24.10
C THR F 167 -21.90 -22.63 -24.90
N ARG F 168 -21.85 -21.64 -25.78
CA ARG F 168 -20.68 -21.38 -26.63
C ARG F 168 -20.15 -19.96 -26.42
N GLU F 169 -18.93 -19.73 -26.90
CA GLU F 169 -18.28 -18.42 -26.79
C GLU F 169 -18.98 -17.38 -27.65
N LYS F 170 -18.89 -16.13 -27.20
CA LYS F 170 -19.49 -15.01 -27.88
C LYS F 170 -18.36 -14.24 -28.56
N ARG F 171 -18.72 -13.13 -29.19
CA ARG F 171 -17.78 -12.24 -29.91
C ARG F 171 -18.24 -10.79 -29.80
N PHE F 172 -17.48 -9.90 -30.46
CA PHE F 172 -17.81 -8.47 -30.61
C PHE F 172 -17.82 -7.65 -29.30
N SER F 173 -18.89 -7.73 -28.52
CA SER F 173 -18.98 -6.98 -27.25
C SER F 173 -18.51 -7.80 -26.05
N LEU F 174 -18.17 -9.06 -26.28
CA LEU F 174 -17.74 -9.98 -25.25
C LEU F 174 -16.50 -10.73 -25.74
N GLY F 175 -15.51 -10.88 -24.86
CA GLY F 175 -14.32 -11.64 -25.21
C GLY F 175 -14.59 -13.13 -25.03
N ALA F 176 -13.64 -13.94 -25.47
CA ALA F 176 -13.74 -15.39 -25.36
C ALA F 176 -12.46 -15.91 -24.74
N PHE F 177 -12.48 -17.15 -24.28
CA PHE F 177 -11.27 -17.72 -23.68
C PHE F 177 -10.35 -18.19 -24.80
N GLU F 178 -9.51 -17.28 -25.28
CA GLU F 178 -8.51 -17.59 -26.31
C GLU F 178 -7.25 -17.33 -25.49
N PRO F 179 -6.34 -18.33 -25.37
CA PRO F 179 -5.13 -18.15 -24.55
C PRO F 179 -4.38 -16.81 -24.70
N ASP F 180 -4.05 -16.41 -25.93
CA ASP F 180 -3.34 -15.14 -26.17
C ASP F 180 -4.06 -13.91 -25.62
N TYR F 181 -5.39 -13.89 -25.72
CA TYR F 181 -6.16 -12.76 -25.20
C TYR F 181 -6.10 -12.78 -23.68
N ILE F 182 -6.26 -13.97 -23.08
CA ILE F 182 -6.20 -14.13 -21.62
C ILE F 182 -4.85 -13.73 -21.04
N LEU F 183 -3.78 -13.99 -21.79
CA LEU F 183 -2.43 -13.66 -21.34
C LEU F 183 -2.12 -12.17 -21.30
N SER F 184 -2.86 -11.37 -22.08
CA SER F 184 -2.56 -9.93 -22.21
C SER F 184 -3.08 -9.01 -21.12
N GLN F 185 -3.94 -9.49 -20.24
CA GLN F 185 -4.49 -8.66 -19.17
C GLN F 185 -4.46 -9.38 -17.81
N PRO F 186 -4.61 -8.62 -16.69
CA PRO F 186 -4.64 -9.28 -15.40
C PRO F 186 -5.89 -10.16 -15.27
N VAL F 187 -5.82 -11.14 -14.39
CA VAL F 187 -6.91 -12.08 -14.16
C VAL F 187 -7.19 -12.15 -12.69
N ALA F 188 -8.44 -11.84 -12.30
CA ALA F 188 -8.86 -11.91 -10.90
C ALA F 188 -9.29 -13.35 -10.67
N VAL F 189 -8.81 -13.99 -9.61
CA VAL F 189 -9.18 -15.38 -9.34
C VAL F 189 -9.71 -15.60 -7.93
N LEU F 190 -10.59 -16.57 -7.82
CA LEU F 190 -11.18 -16.96 -6.56
C LEU F 190 -10.82 -18.42 -6.39
N ARG F 191 -10.35 -18.80 -5.21
CA ARG F 191 -10.00 -20.21 -4.96
C ARG F 191 -10.77 -20.75 -3.75
N LYS F 192 -11.13 -22.03 -3.82
CA LYS F 192 -11.80 -22.74 -2.72
C LYS F 192 -11.03 -24.05 -2.61
N ASP F 193 -10.64 -24.44 -1.41
CA ASP F 193 -9.80 -25.64 -1.19
C ASP F 193 -8.53 -25.53 -2.05
N GLY F 194 -8.13 -24.28 -2.35
CA GLY F 194 -6.93 -24.00 -3.17
C GLY F 194 -7.06 -24.15 -4.68
N LYS F 195 -8.26 -24.48 -5.16
CA LYS F 195 -8.52 -24.70 -6.59
C LYS F 195 -9.25 -23.50 -7.16
N ILE F 196 -8.84 -23.03 -8.34
CA ILE F 196 -9.51 -21.90 -8.95
C ILE F 196 -10.99 -22.28 -9.12
N THR F 197 -11.87 -21.54 -8.46
CA THR F 197 -13.30 -21.81 -8.53
C THR F 197 -14.03 -20.77 -9.36
N ALA F 198 -13.36 -19.64 -9.61
CA ALA F 198 -13.91 -18.56 -10.42
C ALA F 198 -12.82 -17.61 -10.89
N PHE F 199 -13.06 -16.99 -12.03
CA PHE F 199 -12.13 -16.02 -12.56
C PHE F 199 -12.81 -14.99 -13.44
N ALA F 200 -12.08 -13.90 -13.65
CA ALA F 200 -12.52 -12.81 -14.49
C ALA F 200 -11.33 -12.04 -14.98
N ASN F 201 -11.28 -11.79 -16.27
CA ASN F 201 -10.19 -10.98 -16.82
C ASN F 201 -10.50 -9.51 -16.54
N LEU F 202 -9.50 -8.78 -16.02
CA LEU F 202 -9.63 -7.36 -15.66
C LEU F 202 -9.13 -6.44 -16.76
N VAL F 204 -8.00 -2.87 -17.89
CA VAL F 204 -7.55 -1.59 -17.31
C VAL F 204 -6.81 -0.74 -18.35
N THR F 205 -6.47 0.50 -17.96
CA THR F 205 -5.69 1.42 -18.80
C THR F 205 -4.66 2.08 -17.89
N GLU F 206 -3.66 2.75 -18.48
CA GLU F 206 -2.59 3.42 -17.72
C GLU F 206 -3.05 4.68 -16.97
N THR F 207 -4.23 5.20 -17.29
CA THR F 207 -4.75 6.41 -16.63
C THR F 207 -5.38 6.07 -15.28
N LYS F 208 -5.73 4.80 -15.09
CA LYS F 208 -6.39 4.34 -13.85
C LYS F 208 -7.72 5.04 -13.51
N LYS F 209 -8.42 5.54 -14.52
CA LYS F 209 -9.74 6.14 -14.31
C LYS F 209 -10.80 5.08 -14.15
N GLU F 210 -10.63 3.95 -14.83
CA GLU F 210 -11.64 2.90 -14.79
C GLU F 210 -11.11 1.51 -15.06
N ALA F 211 -11.76 0.52 -14.46
CA ALA F 211 -11.47 -0.88 -14.70
C ALA F 211 -12.82 -1.56 -14.82
N THR F 212 -12.86 -2.68 -15.53
CA THR F 212 -14.07 -3.47 -15.69
C THR F 212 -13.66 -4.90 -16.00
N ILE F 213 -14.62 -5.82 -16.01
CA ILE F 213 -14.33 -7.19 -16.34
C ILE F 213 -15.01 -7.57 -17.65
N ASP F 214 -14.48 -8.61 -18.29
CA ASP F 214 -15.00 -9.07 -19.54
C ASP F 214 -15.59 -10.44 -19.27
N LEU F 215 -14.79 -11.50 -19.32
CA LEU F 215 -15.31 -12.84 -18.97
C LEU F 215 -15.48 -12.89 -17.45
N ARG F 217 -16.49 -16.21 -15.03
CA ARG F 217 -16.94 -17.60 -15.00
C ARG F 217 -16.70 -18.29 -13.68
N PHE F 218 -17.81 -18.81 -13.13
CA PHE F 218 -17.82 -19.52 -11.86
C PHE F 218 -18.09 -20.99 -12.11
N SER F 219 -17.25 -21.87 -11.57
CA SER F 219 -17.48 -23.30 -11.73
C SER F 219 -18.76 -23.67 -10.97
N ALA F 220 -19.36 -24.80 -11.34
CA ALA F 220 -20.57 -25.30 -10.68
C ALA F 220 -20.44 -25.43 -9.16
N ASP F 221 -19.23 -25.78 -8.69
CA ASP F 221 -18.92 -25.93 -7.25
C ASP F 221 -18.69 -24.62 -6.50
N ALA F 222 -18.71 -23.49 -7.18
CA ALA F 222 -18.50 -22.22 -6.49
C ALA F 222 -19.53 -22.10 -5.36
N PRO F 223 -19.09 -21.71 -4.15
CA PRO F 223 -20.04 -21.59 -3.05
C PRO F 223 -20.89 -20.33 -3.10
N ARG F 224 -22.00 -20.36 -2.38
CA ARG F 224 -22.90 -19.22 -2.27
C ARG F 224 -22.13 -18.10 -1.58
N GLY F 225 -22.27 -16.87 -2.08
CA GLY F 225 -21.53 -15.73 -1.55
C GLY F 225 -20.22 -15.51 -2.33
N SER F 226 -19.98 -16.31 -3.38
CA SER F 226 -18.78 -16.20 -4.21
C SER F 226 -18.76 -14.93 -5.04
N ASP F 228 -20.35 -12.07 -4.40
CA ASP F 228 -20.10 -10.97 -3.44
C ASP F 228 -18.62 -10.85 -3.13
N PHE F 229 -18.04 -11.99 -2.77
CA PHE F 229 -16.64 -12.08 -2.38
C PHE F 229 -15.72 -11.61 -3.50
N LEU F 230 -15.99 -12.06 -4.72
CA LEU F 230 -15.18 -11.67 -5.88
C LEU F 230 -15.25 -10.16 -6.19
N PHE F 231 -16.46 -9.62 -6.25
CA PHE F 231 -16.64 -8.21 -6.56
C PHE F 231 -16.13 -7.27 -5.48
N VAL F 232 -16.38 -7.59 -4.22
CA VAL F 232 -15.90 -6.75 -3.11
C VAL F 232 -14.37 -6.80 -3.06
N SER F 233 -13.80 -7.97 -3.29
CA SER F 233 -12.34 -8.11 -3.30
C SER F 233 -11.69 -7.33 -4.45
N ILE F 234 -12.32 -7.35 -5.63
CA ILE F 234 -11.80 -6.61 -6.80
C ILE F 234 -11.82 -5.10 -6.51
N GLN F 236 -11.91 -3.58 -3.67
CA GLN F 236 -10.96 -3.26 -2.62
C GLN F 236 -9.57 -3.19 -3.21
N HIS F 237 -9.19 -4.19 -4.01
CA HIS F 237 -7.89 -4.21 -4.70
C HIS F 237 -7.68 -2.98 -5.59
N LEU F 238 -8.68 -2.68 -6.42
CA LEU F 238 -8.62 -1.53 -7.34
C LEU F 238 -8.53 -0.20 -6.61
N ARG F 239 -9.32 -0.06 -5.54
CA ARG F 239 -9.32 1.14 -4.74
C ARG F 239 -7.91 1.43 -4.22
N GLU F 240 -7.30 0.42 -3.60
CA GLU F 240 -5.96 0.55 -3.04
C GLU F 240 -4.88 0.73 -4.11
N ALA F 241 -5.14 0.23 -5.32
CA ALA F 241 -4.17 0.42 -6.42
C ALA F 241 -4.28 1.82 -7.08
N GLY F 242 -5.21 2.66 -6.62
CA GLY F 242 -5.38 4.00 -7.15
C GLY F 242 -6.41 4.22 -8.25
N TYR F 243 -7.19 3.19 -8.59
CA TYR F 243 -8.22 3.36 -9.63
C TYR F 243 -9.38 4.18 -9.08
N GLU F 244 -9.96 5.04 -9.92
CA GLU F 244 -11.08 5.87 -9.47
C GLU F 244 -12.42 5.18 -9.54
N SER F 245 -12.60 4.28 -10.51
CA SER F 245 -13.90 3.64 -10.70
C SER F 245 -13.86 2.21 -11.23
N PHE F 246 -14.90 1.47 -10.91
CA PHE F 246 -15.06 0.11 -11.39
C PHE F 246 -16.41 0.01 -12.08
N ASN F 247 -16.37 -0.39 -13.35
CA ASN F 247 -17.57 -0.51 -14.14
C ASN F 247 -18.05 -1.97 -14.12
N LEU F 248 -19.17 -2.20 -13.45
CA LEU F 248 -19.79 -3.52 -13.33
C LEU F 248 -20.47 -3.96 -14.64
N GLY F 249 -20.50 -3.07 -15.63
CA GLY F 249 -21.10 -3.39 -16.93
C GLY F 249 -22.58 -3.05 -17.06
N ALA F 251 -26.68 -3.31 -17.53
CA ALA F 251 -27.81 -3.95 -16.89
C ALA F 251 -29.04 -3.54 -17.70
N PRO F 252 -30.08 -4.41 -17.76
CA PRO F 252 -31.26 -3.94 -18.48
C PRO F 252 -31.90 -2.77 -17.72
N SER F 254 -34.62 -0.89 -15.48
CA SER F 254 -35.51 -1.39 -14.42
C SER F 254 -36.97 -1.11 -14.75
N ASP F 266 -42.60 0.68 -28.15
CA ASP F 266 -43.53 -0.44 -28.10
C ASP F 266 -42.94 -1.61 -28.88
N ARG F 267 -42.95 -1.50 -30.20
CA ARG F 267 -42.35 -2.53 -31.06
C ARG F 267 -40.85 -2.55 -30.75
N ILE F 268 -40.20 -1.39 -30.89
CA ILE F 268 -38.78 -1.26 -30.60
C ILE F 268 -38.56 -1.59 -29.12
N GLY F 269 -39.45 -1.11 -28.26
CA GLY F 269 -39.40 -1.37 -26.82
C GLY F 269 -39.29 -2.85 -26.49
N SER F 270 -40.19 -3.65 -27.06
CA SER F 270 -40.19 -5.11 -26.86
C SER F 270 -38.88 -5.75 -27.32
N THR F 271 -38.32 -5.22 -28.42
CA THR F 271 -37.06 -5.71 -28.94
C THR F 271 -35.93 -5.35 -27.98
N LEU F 272 -35.90 -4.08 -27.55
CA LEU F 272 -34.87 -3.61 -26.62
C LEU F 272 -34.90 -4.39 -25.32
N PHE F 273 -36.09 -4.60 -24.78
CA PHE F 273 -36.26 -5.37 -23.54
C PHE F 273 -35.65 -6.79 -23.64
N GLU F 274 -36.02 -7.53 -24.68
CA GLU F 274 -35.53 -8.89 -24.87
C GLU F 274 -34.03 -8.91 -25.17
N HIS F 275 -33.53 -7.85 -25.80
CA HIS F 275 -32.11 -7.73 -26.07
C HIS F 275 -31.31 -7.68 -24.75
N GLY F 276 -31.76 -6.83 -23.82
CA GLY F 276 -31.12 -6.70 -22.51
C GLY F 276 -31.08 -8.01 -21.73
N GLU F 277 -32.18 -8.75 -21.70
CA GLU F 277 -32.23 -10.04 -21.01
C GLU F 277 -31.25 -11.02 -21.64
N ARG F 278 -31.17 -10.95 -22.97
CA ARG F 278 -30.33 -11.84 -23.74
C ARG F 278 -28.84 -11.65 -23.47
N PHE F 279 -28.40 -10.39 -23.33
CA PHE F 279 -26.98 -10.09 -23.17
C PHE F 279 -26.44 -9.37 -21.94
N TYR F 280 -27.30 -8.72 -21.13
CA TYR F 280 -26.80 -7.92 -20.00
C TYR F 280 -26.87 -8.56 -18.60
N ASN F 281 -27.19 -9.85 -18.55
CA ASN F 281 -27.28 -10.59 -17.29
C ASN F 281 -26.18 -11.65 -17.13
N PHE F 282 -25.09 -11.58 -17.88
CA PHE F 282 -24.02 -12.60 -17.73
C PHE F 282 -23.14 -12.38 -16.50
N LYS F 283 -23.13 -11.17 -15.93
CA LYS F 283 -22.26 -10.90 -14.77
C LYS F 283 -22.98 -10.17 -13.63
N GLY F 284 -24.04 -10.81 -13.17
CA GLY F 284 -24.87 -10.32 -12.10
C GLY F 284 -26.12 -9.67 -12.64
N LEU F 285 -27.21 -9.82 -11.89
CA LEU F 285 -28.47 -9.20 -12.24
C LEU F 285 -28.42 -7.77 -11.75
N ARG F 286 -29.37 -6.96 -12.18
CA ARG F 286 -29.42 -5.55 -11.79
C ARG F 286 -29.44 -5.36 -10.28
N ALA F 287 -30.20 -6.20 -9.58
CA ALA F 287 -30.31 -6.11 -8.12
C ALA F 287 -28.95 -6.28 -7.45
N PHE F 288 -28.15 -7.21 -7.96
CA PHE F 288 -26.81 -7.47 -7.43
C PHE F 288 -25.92 -6.24 -7.57
N LYS F 289 -25.90 -5.68 -8.78
CA LYS F 289 -25.09 -4.48 -9.04
C LYS F 289 -25.54 -3.30 -8.16
N ALA F 290 -26.85 -3.17 -7.95
CA ALA F 290 -27.42 -2.08 -7.10
C ALA F 290 -26.88 -2.06 -5.66
N LYS F 291 -26.52 -3.23 -5.11
CA LYS F 291 -25.97 -3.35 -3.74
C LYS F 291 -24.68 -2.55 -3.50
N PHE F 292 -23.93 -2.25 -4.56
CA PHE F 292 -22.69 -1.50 -4.43
C PHE F 292 -22.92 0.00 -4.60
N HIS F 293 -24.19 0.42 -4.58
CA HIS F 293 -24.61 1.83 -4.74
C HIS F 293 -23.90 2.52 -5.90
N PRO F 294 -24.07 2.00 -7.12
CA PRO F 294 -23.41 2.59 -8.26
C PRO F 294 -24.17 3.77 -8.84
N LYS F 295 -23.49 4.49 -9.73
CA LYS F 295 -24.08 5.57 -10.50
C LYS F 295 -24.50 4.82 -11.77
N TRP F 296 -25.77 4.94 -12.18
CA TRP F 296 -26.27 4.30 -13.39
C TRP F 296 -26.09 5.26 -14.57
N GLU F 297 -25.37 4.83 -15.61
CA GLU F 297 -25.16 5.68 -16.82
C GLU F 297 -25.73 5.03 -18.07
N PRO F 298 -26.62 5.74 -18.78
CA PRO F 298 -27.22 5.15 -19.97
C PRO F 298 -26.25 4.94 -21.16
N ARG F 299 -26.56 3.93 -21.98
CA ARG F 299 -25.83 3.62 -23.21
C ARG F 299 -26.86 3.45 -24.32
N TYR F 300 -26.51 3.82 -25.55
CA TYR F 300 -27.47 3.82 -26.65
C TYR F 300 -27.10 3.07 -27.94
N LEU F 301 -28.12 2.89 -28.76
CA LEU F 301 -28.04 2.32 -30.09
C LEU F 301 -28.39 3.49 -30.99
N ALA F 302 -27.47 3.89 -31.85
CA ALA F 302 -27.69 4.99 -32.78
C ALA F 302 -27.82 4.43 -34.19
N VAL F 303 -28.95 4.75 -34.82
CA VAL F 303 -29.27 4.30 -36.18
C VAL F 303 -29.97 5.40 -36.98
N GLN F 304 -29.94 5.30 -38.31
CA GLN F 304 -30.58 6.32 -39.18
C GLN F 304 -32.03 6.63 -38.80
N ASN F 305 -32.82 5.60 -38.51
CA ASN F 305 -34.23 5.77 -38.11
C ASN F 305 -34.75 4.56 -37.34
N GLY F 306 -35.97 4.69 -36.82
CA GLY F 306 -36.62 3.63 -36.04
C GLY F 306 -36.75 2.28 -36.71
N ALA F 307 -37.12 2.26 -37.99
CA ALA F 307 -37.27 1.00 -38.73
C ALA F 307 -35.97 0.20 -38.73
N ASP F 308 -34.85 0.92 -38.85
CA ASP F 308 -33.52 0.30 -38.85
C ASP F 308 -33.05 -0.21 -37.49
N ALA F 309 -33.64 0.30 -36.41
CA ALA F 309 -33.25 -0.11 -35.05
C ALA F 309 -33.32 -1.64 -34.84
N ALA F 310 -34.46 -2.23 -35.14
CA ALA F 310 -34.66 -3.68 -34.99
C ALA F 310 -33.80 -4.49 -35.98
N LEU F 311 -33.68 -3.98 -37.21
CA LEU F 311 -32.89 -4.65 -38.24
C LEU F 311 -31.41 -4.63 -37.91
N ALA F 312 -30.93 -3.47 -37.46
CA ALA F 312 -29.52 -3.35 -37.07
C ALA F 312 -29.23 -4.19 -35.81
N LEU F 313 -30.13 -4.15 -34.84
CA LEU F 313 -29.97 -4.88 -33.59
C LEU F 313 -29.91 -6.41 -33.80
N ASP F 315 -28.65 -7.84 -36.52
CA ASP F 315 -27.31 -8.05 -37.04
C ASP F 315 -26.27 -8.06 -35.90
N ALA F 316 -26.44 -7.16 -34.93
CA ALA F 316 -25.54 -7.06 -33.77
C ALA F 316 -25.62 -8.34 -32.96
N THR F 317 -26.84 -8.85 -32.84
CA THR F 317 -27.11 -10.08 -32.13
C THR F 317 -26.36 -11.28 -32.76
N VAL F 318 -26.19 -11.25 -34.09
CA VAL F 318 -25.45 -12.30 -34.82
C VAL F 318 -23.95 -12.11 -34.63
N LEU F 319 -23.50 -10.84 -34.65
CA LEU F 319 -22.09 -10.47 -34.41
C LEU F 319 -21.58 -10.91 -33.04
N ILE F 320 -22.48 -10.85 -32.05
CA ILE F 320 -22.17 -11.24 -30.68
C ILE F 320 -22.31 -12.76 -30.47
N SER F 321 -23.44 -13.32 -30.92
CA SER F 321 -23.76 -14.76 -30.74
C SER F 321 -22.93 -15.70 -31.58
N GLY F 322 -22.74 -15.37 -32.84
CA GLY F 322 -21.92 -16.20 -33.76
C GLY F 322 -20.76 -15.33 -34.20
N GLY F 323 -20.92 -14.68 -35.34
CA GLY F 323 -19.90 -13.76 -35.85
C GLY F 323 -18.65 -14.39 -36.41
N VAL F 324 -17.53 -13.69 -36.26
CA VAL F 324 -16.27 -14.15 -36.85
C VAL F 324 -15.43 -15.08 -35.97
N ARG F 325 -14.58 -15.84 -36.66
CA ARG F 325 -13.65 -16.73 -36.01
C ARG F 325 -12.67 -15.85 -35.23
N GLY F 326 -12.25 -14.75 -35.86
CA GLY F 326 -11.31 -13.81 -35.26
C GLY F 326 -9.90 -14.35 -35.27
N VAL F 327 -9.04 -13.75 -34.45
CA VAL F 327 -7.66 -14.19 -34.33
C VAL F 327 -7.64 -15.39 -33.38
N ILE F 328 -7.01 -16.50 -33.80
CA ILE F 328 -6.90 -17.72 -32.97
C ILE F 328 -5.46 -18.19 -32.95
#